data_2AZ3
#
_entry.id   2AZ3
#
_cell.length_a   124.370
_cell.length_b   71.520
_cell.length_c   157.990
_cell.angle_alpha   90.00
_cell.angle_beta   95.53
_cell.angle_gamma   90.00
#
_symmetry.space_group_name_H-M   'C 1 2 1'
#
loop_
_entity.id
_entity.type
_entity.pdbx_description
1 polymer 'Nucleoside diphosphate kinase'
2 non-polymer 'MAGNESIUM ION'
3 non-polymer "CYTIDINE-5'-DIPHOSPHATE"
4 water water
#
_entity_poly.entity_id   1
_entity_poly.type   'polypeptide(L)'
_entity_poly.pdbx_seq_one_letter_code
;GSHMTDHDERTFVMVKPDGVQRGLIGDIVTRLETKGLKMVGGKFMRIDEELAHEHYAEHEDKPFFDGLVSFITSGPVFAM
VWEGADATRQVRQLMGATDAQDAAPGTIRGDYGNDLGHNLIHGSDHEDEGANEREIALFFDDDELVDWDRDASAWVYEDL
ADHD
;
_entity_poly.pdbx_strand_id   A,B,C,D,E,F,G,H,I
#
# COMPACT_ATOMS: atom_id res chain seq x y z
N HIS A 7 -11.35 42.93 33.50
CA HIS A 7 -12.79 42.53 33.77
C HIS A 7 -13.34 41.74 32.57
N ASP A 8 -13.20 40.41 32.59
CA ASP A 8 -13.33 39.56 31.38
C ASP A 8 -14.79 39.41 30.88
N GLU A 9 -14.93 38.57 29.87
CA GLU A 9 -16.18 38.39 29.11
C GLU A 9 -17.30 37.78 29.97
N ARG A 10 -18.45 38.47 29.98
CA ARG A 10 -19.62 38.04 30.74
C ARG A 10 -20.78 37.75 29.86
N THR A 11 -21.56 36.76 30.27
CA THR A 11 -22.74 36.34 29.52
C THR A 11 -23.87 36.21 30.50
N PHE A 12 -25.08 36.44 30.02
CA PHE A 12 -26.23 36.33 30.86
C PHE A 12 -26.79 34.94 30.66
N VAL A 13 -27.20 34.28 31.75
CA VAL A 13 -27.77 32.95 31.62
C VAL A 13 -28.87 32.72 32.62
N MET A 14 -29.89 32.01 32.16
CA MET A 14 -31.16 31.94 32.86
C MET A 14 -31.68 30.52 32.84
N VAL A 15 -31.88 29.92 34.02
CA VAL A 15 -32.65 28.69 34.07
C VAL A 15 -34.17 29.07 33.89
N LYS A 16 -34.84 28.58 32.85
CA LYS A 16 -36.22 29.00 32.61
C LYS A 16 -37.15 28.29 33.57
N PRO A 17 -38.41 28.70 33.62
CA PRO A 17 -39.29 28.20 34.65
C PRO A 17 -39.37 26.70 34.69
N ASP A 18 -39.37 26.05 33.55
CA ASP A 18 -39.26 24.58 33.52
C ASP A 18 -38.00 24.02 34.23
N GLY A 19 -36.83 24.64 33.99
CA GLY A 19 -35.60 24.23 34.69
C GLY A 19 -35.83 24.30 36.19
N VAL A 20 -36.49 25.36 36.66
CA VAL A 20 -36.71 25.55 38.08
C VAL A 20 -37.70 24.53 38.64
N GLN A 21 -38.85 24.35 37.98
CA GLN A 21 -39.85 23.33 38.33
C GLN A 21 -39.27 21.90 38.43
N ARG A 22 -38.42 21.51 37.47
CA ARG A 22 -37.89 20.15 37.38
C ARG A 22 -36.66 19.88 38.24
N GLY A 23 -36.24 20.85 39.06
CA GLY A 23 -35.18 20.58 40.00
C GLY A 23 -33.78 20.67 39.42
N LEU A 24 -33.59 21.52 38.43
CA LEU A 24 -32.38 21.49 37.63
C LEU A 24 -31.47 22.66 37.82
N ILE A 25 -31.75 23.53 38.77
CA ILE A 25 -30.91 24.72 38.96
C ILE A 25 -29.44 24.31 39.28
N GLY A 26 -29.27 23.52 40.30
CA GLY A 26 -27.95 23.09 40.70
C GLY A 26 -27.17 22.33 39.63
N ASP A 27 -27.85 21.55 38.80
CA ASP A 27 -27.23 20.71 37.77
C ASP A 27 -26.62 21.61 36.68
N ILE A 28 -27.30 22.73 36.43
CA ILE A 28 -26.90 23.65 35.40
C ILE A 28 -25.80 24.48 35.95
N VAL A 29 -25.95 24.90 37.19
CA VAL A 29 -24.95 25.74 37.83
C VAL A 29 -23.67 24.89 37.90
N THR A 30 -23.81 23.62 38.25
CA THR A 30 -22.65 22.70 38.37
C THR A 30 -21.91 22.54 37.04
N ARG A 31 -22.59 22.49 35.90
CA ARG A 31 -21.86 22.48 34.62
C ARG A 31 -21.17 23.77 34.29
N LEU A 32 -21.67 24.90 34.79
CA LEU A 32 -21.01 26.14 34.52
C LEU A 32 -19.76 26.27 35.33
N GLU A 33 -19.78 25.97 36.62
CA GLU A 33 -18.61 26.10 37.44
C GLU A 33 -17.50 25.00 37.15
N THR A 34 -17.95 23.76 36.89
CA THR A 34 -17.13 22.65 36.54
C THR A 34 -16.39 22.98 35.27
N LYS A 35 -17.01 23.77 34.43
CA LYS A 35 -16.38 24.18 33.19
C LYS A 35 -15.28 25.26 33.43
N GLY A 36 -15.33 25.87 34.61
CA GLY A 36 -14.34 26.84 35.01
C GLY A 36 -14.84 28.26 34.94
N LEU A 37 -16.12 28.49 34.66
CA LEU A 37 -16.60 29.85 34.54
C LEU A 37 -17.00 30.35 35.91
N LYS A 38 -17.01 31.66 36.07
CA LYS A 38 -17.12 32.27 37.36
C LYS A 38 -18.51 32.87 37.44
N MET A 39 -19.18 32.64 38.53
CA MET A 39 -20.42 33.34 38.73
C MET A 39 -20.16 34.74 39.29
N VAL A 40 -20.77 35.75 38.68
CA VAL A 40 -20.67 37.13 39.16
C VAL A 40 -22.02 37.74 39.46
N GLY A 41 -23.09 37.11 39.01
CA GLY A 41 -24.42 37.56 39.39
C GLY A 41 -25.32 36.36 39.50
N GLY A 42 -26.35 36.47 40.30
CA GLY A 42 -27.19 35.30 40.51
C GLY A 42 -28.37 35.73 41.33
N LYS A 43 -29.57 35.50 40.81
CA LYS A 43 -30.79 36.02 41.39
C LYS A 43 -31.97 35.15 41.03
N PHE A 44 -32.70 34.72 42.04
CA PHE A 44 -33.91 33.95 41.86
C PHE A 44 -35.05 34.95 41.87
N MET A 45 -35.82 35.00 40.80
CA MET A 45 -36.79 36.07 40.62
C MET A 45 -37.97 35.64 39.74
N ARG A 46 -39.05 36.43 39.74
CA ARG A 46 -40.09 36.25 38.75
C ARG A 46 -39.91 37.36 37.77
N ILE A 47 -39.91 37.00 36.49
CA ILE A 47 -39.96 37.96 35.41
C ILE A 47 -41.41 38.48 35.23
N ASP A 48 -41.62 39.78 35.41
CA ASP A 48 -42.92 40.38 35.07
C ASP A 48 -43.09 40.62 33.51
N GLU A 49 -44.30 41.00 33.08
CA GLU A 49 -44.63 40.98 31.65
C GLU A 49 -43.88 42.02 30.84
N GLU A 50 -43.64 43.20 31.42
CA GLU A 50 -42.84 44.25 30.78
C GLU A 50 -41.43 43.77 30.60
N LEU A 51 -40.87 43.17 31.65
CA LEU A 51 -39.49 42.70 31.58
C LEU A 51 -39.33 41.70 30.47
N ALA A 52 -40.36 40.85 30.26
CA ALA A 52 -40.33 39.84 29.20
C ALA A 52 -40.62 40.43 27.84
N HIS A 53 -41.40 41.51 27.77
CA HIS A 53 -41.58 42.23 26.51
C HIS A 53 -40.19 42.74 26.05
N GLU A 54 -39.48 43.41 26.96
CA GLU A 54 -38.11 43.86 26.71
C GLU A 54 -37.12 42.71 26.40
N HIS A 55 -37.07 41.65 27.20
CA HIS A 55 -36.18 40.52 26.90
C HIS A 55 -36.42 39.90 25.52
N TYR A 56 -37.68 39.88 25.09
CA TYR A 56 -38.10 39.20 23.87
C TYR A 56 -38.63 40.13 22.79
N ALA A 57 -38.26 41.41 22.88
CA ALA A 57 -38.72 42.47 21.97
C ALA A 57 -38.52 42.04 20.51
N GLU A 58 -37.35 41.51 20.17
CA GLU A 58 -37.03 41.03 18.83
C GLU A 58 -37.97 39.98 18.23
N HIS A 59 -38.75 39.26 19.07
CA HIS A 59 -39.67 38.24 18.57
C HIS A 59 -41.14 38.71 18.60
N GLU A 60 -41.37 39.99 18.87
CA GLU A 60 -42.75 40.52 19.08
C GLU A 60 -43.70 40.32 17.90
N ASP A 61 -43.14 40.36 16.70
CA ASP A 61 -43.87 40.11 15.45
C ASP A 61 -44.23 38.60 15.24
N LYS A 62 -43.40 37.69 15.78
CA LYS A 62 -43.41 36.24 15.48
C LYS A 62 -44.56 35.46 16.17
N PRO A 63 -45.06 34.36 15.58
CA PRO A 63 -46.23 33.66 16.12
C PRO A 63 -46.10 33.18 17.58
N PHE A 64 -44.87 32.84 17.97
CA PHE A 64 -44.64 32.14 19.22
C PHE A 64 -44.45 33.10 20.34
N PHE A 65 -44.37 34.40 20.02
CA PHE A 65 -44.20 35.44 21.04
C PHE A 65 -45.13 35.37 22.25
N ASP A 66 -46.45 35.38 22.03
CA ASP A 66 -47.43 35.43 23.14
C ASP A 66 -47.23 34.27 24.15
N GLY A 67 -46.99 33.08 23.59
CA GLY A 67 -46.79 31.87 24.37
C GLY A 67 -45.42 31.82 25.08
N LEU A 68 -44.46 32.46 24.43
CA LEU A 68 -43.16 32.73 25.01
C LEU A 68 -43.25 33.67 26.17
N VAL A 69 -44.06 34.74 26.07
CA VAL A 69 -44.15 35.64 27.25
C VAL A 69 -44.92 35.05 28.43
N SER A 70 -45.87 34.20 28.12
CA SER A 70 -46.69 33.52 29.08
C SER A 70 -45.85 32.44 29.80
N PHE A 71 -45.11 31.63 29.03
CA PHE A 71 -44.10 30.71 29.61
C PHE A 71 -43.08 31.36 30.55
N ILE A 72 -42.41 32.39 30.08
CA ILE A 72 -41.29 32.92 30.82
C ILE A 72 -41.76 33.67 32.07
N THR A 73 -43.05 34.06 32.13
CA THR A 73 -43.67 34.58 33.35
C THR A 73 -44.46 33.52 34.14
N SER A 74 -44.49 32.28 33.71
CA SER A 74 -45.38 31.29 34.35
C SER A 74 -44.79 30.59 35.60
N GLY A 75 -43.60 30.98 35.99
CA GLY A 75 -42.99 30.48 37.22
C GLY A 75 -41.66 31.18 37.31
N PRO A 76 -41.08 31.17 38.50
CA PRO A 76 -39.82 31.85 38.75
C PRO A 76 -38.63 31.34 37.94
N VAL A 77 -37.61 32.20 37.82
CA VAL A 77 -36.43 31.84 37.06
C VAL A 77 -35.18 31.99 37.89
N PHE A 78 -34.06 31.42 37.44
CA PHE A 78 -32.79 31.68 38.14
C PHE A 78 -31.88 32.39 37.13
N ALA A 79 -31.63 33.67 37.40
CA ALA A 79 -31.00 34.58 36.48
C ALA A 79 -29.56 34.72 36.95
N MET A 80 -28.60 34.67 36.03
CA MET A 80 -27.18 34.49 36.38
C MET A 80 -26.32 35.32 35.50
N VAL A 81 -25.12 35.60 35.94
CA VAL A 81 -24.14 36.20 35.06
C VAL A 81 -22.87 35.43 35.23
N TRP A 82 -22.22 35.15 34.12
CA TRP A 82 -21.15 34.21 34.15
C TRP A 82 -20.03 34.87 33.44
N GLU A 83 -18.82 34.75 33.99
CA GLU A 83 -17.58 35.42 33.56
C GLU A 83 -16.47 34.35 33.29
N GLY A 84 -15.62 34.60 32.29
CA GLY A 84 -14.60 33.68 31.85
C GLY A 84 -14.30 33.91 30.39
N ALA A 85 -13.12 33.46 29.98
CA ALA A 85 -12.66 33.51 28.60
C ALA A 85 -13.68 32.87 27.65
N ASP A 86 -14.00 33.60 26.57
CA ASP A 86 -14.96 33.19 25.55
C ASP A 86 -16.32 32.69 26.11
N ALA A 87 -16.82 33.41 27.11
CA ALA A 87 -17.82 32.85 27.99
C ALA A 87 -19.12 32.77 27.34
N THR A 88 -19.47 33.75 26.51
CA THR A 88 -20.77 33.70 25.83
C THR A 88 -20.86 32.45 25.00
N ARG A 89 -19.81 32.22 24.23
CA ARG A 89 -19.85 31.15 23.27
C ARG A 89 -19.68 29.84 24.00
N GLN A 90 -18.86 29.78 25.02
CA GLN A 90 -18.74 28.53 25.78
C GLN A 90 -20.08 28.17 26.35
N VAL A 91 -20.85 29.13 26.80
CA VAL A 91 -22.13 28.80 27.35
C VAL A 91 -23.10 28.31 26.30
N ARG A 92 -23.08 28.92 25.12
CA ARG A 92 -23.95 28.48 24.06
C ARG A 92 -23.61 27.05 23.68
N GLN A 93 -22.36 26.63 23.80
CA GLN A 93 -22.00 25.26 23.45
C GLN A 93 -22.37 24.31 24.54
N LEU A 94 -22.25 24.72 25.81
CA LEU A 94 -22.71 23.80 26.85
C LEU A 94 -24.20 23.58 26.79
N MET A 95 -24.96 24.52 26.24
CA MET A 95 -26.44 24.44 26.34
C MET A 95 -26.91 23.65 25.20
N GLY A 96 -26.18 23.72 24.07
CA GLY A 96 -26.56 23.03 22.84
C GLY A 96 -27.75 23.63 22.09
N ALA A 97 -28.29 22.90 21.15
CA ALA A 97 -29.19 23.55 20.23
C ALA A 97 -30.45 24.08 20.94
N THR A 98 -30.86 25.26 20.52
CA THR A 98 -32.03 25.89 21.05
C THR A 98 -33.18 24.92 21.14
N ASP A 99 -33.45 24.19 20.08
CA ASP A 99 -34.36 23.09 20.14
C ASP A 99 -33.77 21.86 20.70
N ALA A 100 -34.24 21.51 21.89
CA ALA A 100 -33.63 20.47 22.67
C ALA A 100 -33.78 19.07 22.01
N GLN A 101 -34.80 18.87 21.18
CA GLN A 101 -34.90 17.59 20.44
C GLN A 101 -33.76 17.43 19.42
N ASP A 102 -32.97 18.48 19.21
CA ASP A 102 -31.80 18.49 18.32
C ASP A 102 -30.46 18.80 19.02
N ALA A 103 -30.53 19.13 20.29
CA ALA A 103 -29.36 19.41 21.06
C ALA A 103 -28.63 18.05 21.25
N ALA A 104 -27.31 18.09 21.30
CA ALA A 104 -26.53 16.88 21.17
C ALA A 104 -26.46 16.28 22.55
N PRO A 105 -26.44 14.99 22.69
CA PRO A 105 -26.32 14.44 24.06
C PRO A 105 -24.96 14.93 24.69
N GLY A 106 -24.90 15.19 25.98
CA GLY A 106 -23.75 15.90 26.59
C GLY A 106 -24.03 17.38 26.86
N THR A 107 -24.86 17.99 26.03
CA THR A 107 -25.25 19.37 26.31
C THR A 107 -26.43 19.38 27.30
N ILE A 108 -26.65 20.52 27.92
CA ILE A 108 -27.73 20.66 28.88
C ILE A 108 -29.10 20.37 28.28
N ARG A 109 -29.33 20.78 27.03
CA ARG A 109 -30.65 20.51 26.44
C ARG A 109 -30.78 19.09 25.89
N GLY A 110 -29.69 18.55 25.34
CA GLY A 110 -29.74 17.19 24.85
C GLY A 110 -29.95 16.25 26.02
N ASP A 111 -29.40 16.56 27.21
CA ASP A 111 -29.50 15.66 28.37
C ASP A 111 -30.85 15.74 29.11
N TYR A 112 -31.49 16.93 29.15
CA TYR A 112 -32.54 17.29 30.11
C TYR A 112 -33.89 17.67 29.44
N GLY A 113 -33.88 18.00 28.14
CA GLY A 113 -35.07 18.51 27.48
C GLY A 113 -35.48 17.80 26.21
N ASN A 114 -36.76 17.98 25.89
CA ASN A 114 -37.42 17.39 24.75
C ASN A 114 -38.49 18.35 24.21
N ASP A 115 -38.16 19.63 24.20
CA ASP A 115 -39.04 20.66 23.71
C ASP A 115 -38.21 21.92 23.30
N LEU A 116 -38.83 22.79 22.54
CA LEU A 116 -38.25 24.00 22.04
C LEU A 116 -38.75 25.14 22.90
N GLY A 117 -40.00 25.13 23.30
CA GLY A 117 -40.44 26.20 24.18
C GLY A 117 -39.96 25.99 25.59
N HIS A 118 -40.17 24.79 26.10
CA HIS A 118 -39.69 24.38 27.43
C HIS A 118 -38.28 23.82 27.25
N ASN A 119 -37.28 24.71 27.13
CA ASN A 119 -35.89 24.26 26.81
C ASN A 119 -34.84 24.67 27.84
N LEU A 120 -35.27 24.80 29.08
CA LEU A 120 -34.43 24.70 30.28
C LEU A 120 -33.70 25.94 30.67
N ILE A 121 -33.15 26.62 29.69
CA ILE A 121 -32.24 27.69 29.98
C ILE A 121 -32.06 28.66 28.81
N HIS A 122 -31.61 29.83 29.14
CA HIS A 122 -31.26 30.81 28.09
C HIS A 122 -29.86 31.31 28.35
N GLY A 123 -29.14 31.54 27.29
CA GLY A 123 -27.85 32.16 27.47
C GLY A 123 -27.67 33.10 26.33
N SER A 124 -26.88 34.15 26.50
CA SER A 124 -26.84 35.18 25.45
C SER A 124 -26.22 34.58 24.23
N ASP A 125 -26.65 35.03 23.06
CA ASP A 125 -26.16 34.58 21.76
C ASP A 125 -24.90 35.35 21.44
N HIS A 126 -23.74 34.68 21.42
CA HIS A 126 -22.48 35.34 21.13
C HIS A 126 -22.49 35.93 19.74
N GLU A 127 -23.33 35.38 18.87
CA GLU A 127 -23.37 35.82 17.45
C GLU A 127 -24.22 37.05 17.21
N ASP A 128 -25.03 37.45 18.20
CA ASP A 128 -25.62 38.78 18.20
C ASP A 128 -24.78 39.77 19.04
N GLU A 129 -24.09 40.65 18.33
CA GLU A 129 -23.08 41.53 18.92
C GLU A 129 -23.70 42.44 20.00
N GLY A 130 -23.22 42.31 21.24
CA GLY A 130 -23.66 43.10 22.38
C GLY A 130 -24.97 42.62 23.05
N ALA A 131 -25.35 41.39 22.75
CA ALA A 131 -26.50 40.76 23.38
C ALA A 131 -26.21 40.49 24.86
N ASN A 132 -25.05 39.91 25.17
CA ASN A 132 -24.58 39.79 26.56
C ASN A 132 -24.69 41.07 27.44
N GLU A 133 -23.96 42.11 27.06
CA GLU A 133 -23.94 43.39 27.81
C GLU A 133 -25.38 43.90 27.98
N ARG A 134 -26.13 43.87 26.90
CA ARG A 134 -27.53 44.29 27.00
C ARG A 134 -28.44 43.44 27.92
N GLU A 135 -28.35 42.11 27.86
CA GLU A 135 -29.26 41.25 28.67
C GLU A 135 -28.84 41.34 30.15
N ILE A 136 -27.56 41.19 30.41
CA ILE A 136 -27.03 41.50 31.74
C ILE A 136 -27.53 42.82 32.37
N ALA A 137 -27.34 43.90 31.65
CA ALA A 137 -27.85 45.23 32.04
C ALA A 137 -29.39 45.26 32.21
N LEU A 138 -30.11 44.47 31.41
CA LEU A 138 -31.56 44.40 31.57
C LEU A 138 -32.05 43.75 32.88
N PHE A 139 -31.50 42.58 33.22
CA PHE A 139 -31.91 41.78 34.40
C PHE A 139 -31.15 42.13 35.71
N PHE A 140 -29.91 42.64 35.63
CA PHE A 140 -29.06 43.02 36.80
C PHE A 140 -28.61 44.50 36.86
N ASP A 141 -28.73 45.10 38.04
CA ASP A 141 -28.18 46.42 38.29
C ASP A 141 -26.70 46.20 38.54
N ASP A 142 -25.84 47.19 38.35
CA ASP A 142 -24.41 46.95 38.53
C ASP A 142 -24.05 46.73 40.01
N ASP A 143 -24.98 46.99 40.92
CA ASP A 143 -24.77 46.70 42.36
C ASP A 143 -24.92 45.19 42.74
N GLU A 144 -25.50 44.40 41.84
CA GLU A 144 -25.68 42.98 42.06
C GLU A 144 -24.68 42.09 41.26
N LEU A 145 -23.85 42.68 40.43
CA LEU A 145 -22.71 41.97 39.89
C LEU A 145 -21.61 42.01 40.92
N VAL A 146 -20.86 40.92 41.06
CA VAL A 146 -19.84 40.82 42.08
C VAL A 146 -18.49 40.69 41.38
N ASP A 147 -17.60 41.58 41.79
CA ASP A 147 -16.26 41.65 41.26
C ASP A 147 -15.36 40.84 42.22
N TRP A 148 -14.98 39.64 41.81
CA TRP A 148 -14.09 38.78 42.64
C TRP A 148 -13.12 38.00 41.77
N ASP A 149 -12.09 37.50 42.42
CA ASP A 149 -11.13 36.58 41.86
C ASP A 149 -11.34 35.09 42.31
N ARG A 150 -11.66 34.21 41.38
CA ARG A 150 -11.77 32.78 41.67
C ARG A 150 -10.36 32.16 41.45
N ASP A 151 -9.70 31.89 42.56
CA ASP A 151 -8.30 31.43 42.57
C ASP A 151 -7.99 30.26 41.69
N ALA A 152 -8.91 29.33 41.54
CA ALA A 152 -8.68 28.18 40.69
C ALA A 152 -8.63 28.59 39.16
N SER A 153 -9.14 29.77 38.80
CA SER A 153 -8.72 30.47 37.57
C SER A 153 -7.20 30.34 37.22
N ALA A 154 -6.35 30.25 38.23
CA ALA A 154 -4.92 30.23 38.01
C ALA A 154 -4.53 28.88 37.40
N TRP A 155 -5.34 27.88 37.65
CA TRP A 155 -5.22 26.58 37.03
C TRP A 155 -6.13 26.30 35.85
N VAL A 156 -7.20 27.06 35.65
CA VAL A 156 -8.09 26.87 34.48
C VAL A 156 -7.49 27.40 33.16
N TYR A 157 -6.74 28.50 33.27
CA TYR A 157 -6.13 29.23 32.13
C TYR A 157 -4.61 29.45 32.30
N GLU A 158 -3.89 29.66 31.22
CA GLU A 158 -2.38 29.77 31.19
C GLU A 158 -1.79 31.13 31.65
N ASP B 8 -49.01 8.99 22.96
CA ASP B 8 -47.95 9.54 22.06
C ASP B 8 -47.00 8.38 21.68
N GLU B 9 -46.08 8.75 20.84
CA GLU B 9 -45.05 7.90 20.39
C GLU B 9 -44.34 7.07 21.48
N ARG B 10 -44.23 5.76 21.26
CA ARG B 10 -43.41 4.88 22.13
C ARG B 10 -42.42 4.13 21.34
N THR B 11 -41.43 3.63 22.04
CA THR B 11 -40.36 2.94 21.42
C THR B 11 -39.96 1.84 22.37
N PHE B 12 -39.57 0.71 21.80
CA PHE B 12 -39.00 -0.40 22.53
C PHE B 12 -37.57 -0.10 22.79
N VAL B 13 -37.16 -0.19 24.03
CA VAL B 13 -35.78 -0.01 24.41
C VAL B 13 -35.39 -1.12 25.32
N MET B 14 -34.21 -1.70 25.13
CA MET B 14 -33.78 -2.78 25.98
C MET B 14 -32.31 -2.70 26.35
N VAL B 15 -32.05 -2.89 27.64
CA VAL B 15 -30.70 -3.05 28.10
C VAL B 15 -30.23 -4.49 27.79
N LYS B 16 -29.24 -4.62 26.94
CA LYS B 16 -28.69 -5.92 26.54
C LYS B 16 -27.98 -6.63 27.68
N PRO B 17 -27.66 -7.92 27.53
CA PRO B 17 -27.01 -8.68 28.62
C PRO B 17 -25.65 -8.16 29.15
N ASP B 18 -24.89 -7.53 28.28
CA ASP B 18 -23.73 -6.76 28.73
C ASP B 18 -24.07 -5.63 29.67
N GLY B 19 -25.11 -4.87 29.33
CA GLY B 19 -25.58 -3.84 30.21
C GLY B 19 -26.03 -4.37 31.56
N VAL B 20 -26.73 -5.47 31.55
CA VAL B 20 -27.26 -5.99 32.75
C VAL B 20 -26.08 -6.47 33.55
N GLN B 21 -25.31 -7.39 33.00
CA GLN B 21 -24.10 -7.85 33.68
C GLN B 21 -23.21 -6.70 34.18
N ARG B 22 -23.07 -5.63 33.40
CA ARG B 22 -22.20 -4.54 33.86
C ARG B 22 -22.87 -3.56 34.84
N GLY B 23 -24.12 -3.81 35.18
CA GLY B 23 -24.85 -3.10 36.21
C GLY B 23 -25.14 -1.71 35.73
N LEU B 24 -25.46 -1.58 34.44
CA LEU B 24 -25.80 -0.28 33.88
C LEU B 24 -27.31 -0.02 33.66
N ILE B 25 -28.21 -0.78 34.27
CA ILE B 25 -29.64 -0.56 34.03
C ILE B 25 -30.11 0.78 34.59
N GLY B 26 -29.64 1.06 35.79
CA GLY B 26 -30.00 2.28 36.47
C GLY B 26 -29.64 3.50 35.67
N ASP B 27 -28.38 3.55 35.25
CA ASP B 27 -27.79 4.66 34.53
C ASP B 27 -28.54 4.89 33.23
N ILE B 28 -28.94 3.83 32.55
CA ILE B 28 -29.65 3.94 31.28
C ILE B 28 -31.07 4.47 31.56
N VAL B 29 -31.78 3.84 32.48
CA VAL B 29 -33.08 4.32 32.92
C VAL B 29 -33.04 5.82 33.33
N THR B 30 -32.07 6.20 34.14
CA THR B 30 -31.91 7.58 34.54
C THR B 30 -31.71 8.55 33.36
N ARG B 31 -30.86 8.15 32.43
CA ARG B 31 -30.73 8.94 31.23
C ARG B 31 -32.05 9.15 30.53
N LEU B 32 -32.93 8.18 30.49
CA LEU B 32 -34.16 8.36 29.72
C LEU B 32 -35.25 9.05 30.54
N GLU B 33 -35.37 8.78 31.83
CA GLU B 33 -36.18 9.63 32.72
C GLU B 33 -35.83 11.14 32.84
N THR B 34 -34.52 11.43 32.95
CA THR B 34 -33.93 12.76 32.97
C THR B 34 -34.10 13.57 31.66
N LYS B 35 -34.25 12.88 30.54
CA LYS B 35 -34.58 13.52 29.27
C LYS B 35 -36.11 13.86 29.21
N GLY B 36 -36.88 13.38 30.21
CA GLY B 36 -38.30 13.70 30.37
C GLY B 36 -39.26 12.62 29.88
N LEU B 37 -38.72 11.48 29.48
CA LEU B 37 -39.51 10.49 28.76
C LEU B 37 -40.22 9.66 29.79
N LYS B 38 -41.22 8.91 29.33
CA LYS B 38 -42.13 8.21 30.22
C LYS B 38 -42.07 6.71 29.99
N MET B 39 -41.78 6.02 31.08
CA MET B 39 -41.73 4.60 31.05
C MET B 39 -43.15 4.17 31.17
N VAL B 40 -43.52 3.27 30.27
CA VAL B 40 -44.83 2.64 30.23
C VAL B 40 -44.80 1.14 30.27
N GLY B 41 -43.67 0.53 29.98
CA GLY B 41 -43.48 -0.91 30.10
C GLY B 41 -42.08 -1.21 30.60
N GLY B 42 -41.95 -2.20 31.45
CA GLY B 42 -40.65 -2.52 32.03
C GLY B 42 -40.57 -3.90 32.58
N LYS B 43 -39.64 -4.70 32.09
CA LYS B 43 -39.65 -6.10 32.37
C LYS B 43 -38.21 -6.65 32.28
N PHE B 44 -37.78 -7.25 33.40
CA PHE B 44 -36.57 -8.07 33.46
C PHE B 44 -36.93 -9.49 33.01
N MET B 45 -36.28 -9.96 31.98
CA MET B 45 -36.66 -11.23 31.43
C MET B 45 -35.49 -11.77 30.69
N ARG B 46 -35.57 -13.05 30.31
CA ARG B 46 -34.60 -13.64 29.43
C ARG B 46 -35.31 -13.85 28.10
N ILE B 47 -34.57 -13.54 27.05
CA ILE B 47 -34.97 -13.82 25.68
C ILE B 47 -34.62 -15.24 25.30
N ASP B 48 -35.64 -16.02 24.95
CA ASP B 48 -35.38 -17.34 24.34
C ASP B 48 -34.98 -17.25 22.86
N GLU B 49 -34.54 -18.38 22.31
CA GLU B 49 -34.07 -18.41 20.93
C GLU B 49 -35.14 -18.21 19.85
N GLU B 50 -36.41 -18.42 20.19
CA GLU B 50 -37.50 -18.20 19.24
C GLU B 50 -37.83 -16.69 19.22
N LEU B 51 -37.85 -16.05 20.38
CA LEU B 51 -38.01 -14.60 20.51
C LEU B 51 -36.84 -13.83 19.84
N ALA B 52 -35.61 -14.32 20.00
CA ALA B 52 -34.42 -13.74 19.39
C ALA B 52 -34.48 -13.82 17.88
N HIS B 53 -34.76 -15.02 17.38
CA HIS B 53 -34.90 -15.26 15.96
C HIS B 53 -35.92 -14.35 15.32
N GLU B 54 -37.04 -14.13 16.02
CA GLU B 54 -38.14 -13.23 15.57
C GLU B 54 -37.74 -11.77 15.71
N HIS B 55 -36.94 -11.45 16.72
CA HIS B 55 -36.49 -10.06 16.90
C HIS B 55 -35.49 -9.62 15.81
N TYR B 56 -34.52 -10.48 15.51
CA TYR B 56 -33.42 -10.12 14.64
C TYR B 56 -33.64 -10.64 13.23
N ALA B 57 -34.87 -11.08 12.95
CA ALA B 57 -35.29 -11.66 11.68
C ALA B 57 -34.67 -10.96 10.48
N GLU B 58 -34.79 -9.64 10.44
CA GLU B 58 -34.14 -8.83 9.39
C GLU B 58 -32.66 -9.19 9.15
N HIS B 59 -31.93 -9.69 10.15
CA HIS B 59 -30.51 -10.09 10.03
C HIS B 59 -30.25 -11.60 9.85
N GLU B 60 -31.26 -12.33 9.41
CA GLU B 60 -31.18 -13.81 9.42
C GLU B 60 -30.13 -14.36 8.43
N ASP B 61 -29.89 -13.63 7.33
CA ASP B 61 -28.87 -14.06 6.37
C ASP B 61 -27.42 -13.61 6.74
N LYS B 62 -27.31 -12.54 7.52
CA LYS B 62 -26.00 -11.93 7.81
C LYS B 62 -25.02 -12.86 8.54
N PRO B 63 -23.72 -12.73 8.22
CA PRO B 63 -22.66 -13.49 8.88
C PRO B 63 -22.59 -13.35 10.40
N PHE B 64 -23.15 -12.29 10.98
CA PHE B 64 -23.10 -12.06 12.40
C PHE B 64 -24.33 -12.61 13.15
N PHE B 65 -25.37 -13.04 12.44
CA PHE B 65 -26.64 -13.49 13.05
C PHE B 65 -26.48 -14.47 14.23
N ASP B 66 -25.82 -15.62 14.00
CA ASP B 66 -25.73 -16.65 15.02
C ASP B 66 -25.04 -16.19 16.28
N GLY B 67 -24.13 -15.21 16.13
CA GLY B 67 -23.41 -14.60 17.24
C GLY B 67 -24.29 -13.57 17.95
N LEU B 68 -25.19 -13.01 17.17
CA LEU B 68 -26.12 -12.03 17.66
C LEU B 68 -27.14 -12.72 18.54
N VAL B 69 -27.66 -13.86 18.09
CA VAL B 69 -28.71 -14.52 18.87
C VAL B 69 -28.02 -15.15 20.06
N SER B 70 -26.83 -15.65 19.83
CA SER B 70 -26.10 -16.25 20.90
C SER B 70 -25.92 -15.24 22.02
N PHE B 71 -25.64 -13.99 21.69
CA PHE B 71 -25.30 -12.99 22.70
C PHE B 71 -26.59 -12.52 23.39
N ILE B 72 -27.61 -12.22 22.59
CA ILE B 72 -28.84 -11.67 23.14
C ILE B 72 -29.57 -12.64 24.06
N THR B 73 -29.13 -13.88 23.99
CA THR B 73 -29.74 -14.97 24.68
C THR B 73 -28.80 -15.44 25.83
N SER B 74 -27.66 -14.76 26.00
CA SER B 74 -26.57 -15.21 26.92
C SER B 74 -26.74 -14.83 28.37
N GLY B 75 -27.64 -13.90 28.64
CA GLY B 75 -28.06 -13.61 30.00
C GLY B 75 -29.31 -12.77 29.91
N PRO B 76 -29.87 -12.34 31.04
CA PRO B 76 -31.10 -11.53 31.06
C PRO B 76 -30.92 -10.16 30.50
N VAL B 77 -32.03 -9.59 30.06
CA VAL B 77 -32.09 -8.21 29.58
C VAL B 77 -33.11 -7.42 30.36
N PHE B 78 -33.21 -6.14 30.13
CA PHE B 78 -34.26 -5.39 30.79
C PHE B 78 -34.99 -4.64 29.68
N ALA B 79 -36.19 -5.14 29.38
CA ALA B 79 -36.95 -4.73 28.22
C ALA B 79 -37.91 -3.64 28.62
N MET B 80 -38.06 -2.64 27.77
CA MET B 80 -38.78 -1.45 28.21
C MET B 80 -39.55 -0.87 27.06
N VAL B 81 -40.56 -0.08 27.40
CA VAL B 81 -41.21 0.81 26.45
C VAL B 81 -41.18 2.20 27.02
N TRP B 82 -40.90 3.13 26.15
CA TRP B 82 -40.82 4.53 26.53
C TRP B 82 -41.64 5.32 25.53
N GLU B 83 -42.27 6.34 26.10
CA GLU B 83 -43.17 7.23 25.44
C GLU B 83 -42.70 8.67 25.67
N GLY B 84 -42.69 9.48 24.61
CA GLY B 84 -42.61 10.91 24.75
C GLY B 84 -42.57 11.48 23.36
N ALA B 85 -42.53 12.78 23.29
CA ALA B 85 -42.51 13.43 22.00
C ALA B 85 -41.28 12.96 21.25
N ASP B 86 -41.52 12.56 20.00
CA ASP B 86 -40.46 12.12 19.11
C ASP B 86 -39.56 10.98 19.72
N ALA B 87 -40.14 10.18 20.63
CA ALA B 87 -39.36 9.27 21.49
C ALA B 87 -38.41 8.37 20.75
N THR B 88 -38.88 7.82 19.64
CA THR B 88 -38.02 6.87 18.92
C THR B 88 -36.65 7.42 18.60
N ARG B 89 -36.66 8.51 17.92
CA ARG B 89 -35.47 9.19 17.41
C ARG B 89 -34.74 9.82 18.61
N GLN B 90 -35.45 10.35 19.58
CA GLN B 90 -34.77 10.91 20.73
C GLN B 90 -33.96 9.83 21.39
N VAL B 91 -34.46 8.61 21.41
CA VAL B 91 -33.76 7.57 22.10
C VAL B 91 -32.56 7.14 21.32
N ARG B 92 -32.62 7.15 19.99
CA ARG B 92 -31.42 6.68 19.26
C ARG B 92 -30.45 7.77 19.39
N GLN B 93 -30.90 9.02 19.53
CA GLN B 93 -29.89 10.03 19.76
C GLN B 93 -29.17 9.82 21.10
N LEU B 94 -29.87 9.46 22.15
CA LEU B 94 -29.21 9.19 23.44
C LEU B 94 -28.22 8.07 23.39
N MET B 95 -28.58 7.03 22.66
CA MET B 95 -27.78 5.84 22.57
C MET B 95 -26.50 6.08 21.83
N GLY B 96 -26.50 7.01 20.90
CA GLY B 96 -25.34 7.13 20.03
C GLY B 96 -25.27 6.04 18.99
N ALA B 97 -24.15 6.00 18.30
CA ALA B 97 -23.98 5.14 17.14
C ALA B 97 -23.90 3.64 17.51
N THR B 98 -24.38 2.84 16.57
CA THR B 98 -24.55 1.43 16.74
C THR B 98 -23.24 0.80 17.16
N ASP B 99 -22.17 1.14 16.46
CA ASP B 99 -20.84 0.68 16.88
C ASP B 99 -20.36 1.58 18.00
N ALA B 100 -20.29 1.06 19.22
CA ALA B 100 -19.97 1.93 20.37
C ALA B 100 -18.58 2.64 20.23
N GLN B 101 -17.67 2.07 19.44
CA GLN B 101 -16.37 2.69 19.16
C GLN B 101 -16.53 3.97 18.36
N ASP B 102 -17.62 4.06 17.59
CA ASP B 102 -17.97 5.33 16.90
C ASP B 102 -18.91 6.32 17.55
N ALA B 103 -19.54 5.94 18.65
CA ALA B 103 -20.50 6.83 19.31
C ALA B 103 -19.80 8.02 20.01
N ALA B 104 -20.47 9.15 20.04
CA ALA B 104 -19.88 10.37 20.55
C ALA B 104 -19.94 10.29 22.09
N PRO B 105 -19.00 10.91 22.79
CA PRO B 105 -19.10 11.01 24.25
C PRO B 105 -20.38 11.73 24.73
N GLY B 106 -21.04 11.26 25.76
CA GLY B 106 -22.30 11.92 26.22
C GLY B 106 -23.51 11.10 25.81
N THR B 107 -23.30 10.17 24.89
CA THR B 107 -24.30 9.14 24.58
C THR B 107 -24.04 7.90 25.34
N ILE B 108 -25.01 7.01 25.38
CA ILE B 108 -24.89 5.83 26.19
C ILE B 108 -23.69 5.00 25.69
N ARG B 109 -23.60 4.74 24.39
CA ARG B 109 -22.55 3.87 23.96
C ARG B 109 -21.22 4.60 23.92
N GLY B 110 -21.24 5.89 23.64
CA GLY B 110 -19.99 6.64 23.69
C GLY B 110 -19.29 6.61 25.06
N ASP B 111 -20.09 6.69 26.12
CA ASP B 111 -19.60 6.59 27.51
C ASP B 111 -19.23 5.19 28.05
N TYR B 112 -19.98 4.15 27.69
CA TYR B 112 -19.97 2.82 28.33
C TYR B 112 -19.50 1.65 27.49
N GLY B 113 -19.63 1.69 26.16
CA GLY B 113 -19.13 0.59 25.38
C GLY B 113 -17.90 0.95 24.57
N ASN B 114 -17.20 -0.08 24.08
CA ASN B 114 -16.53 0.05 22.78
C ASN B 114 -16.48 -1.34 22.22
N ASP B 115 -17.64 -1.73 21.74
CA ASP B 115 -17.76 -2.87 20.93
C ASP B 115 -19.03 -2.71 20.12
N LEU B 116 -19.12 -3.49 19.06
CA LEU B 116 -20.31 -3.49 18.24
C LEU B 116 -21.30 -4.51 18.75
N GLY B 117 -20.86 -5.71 19.07
CA GLY B 117 -21.78 -6.75 19.48
C GLY B 117 -22.35 -6.46 20.85
N HIS B 118 -21.42 -6.21 21.80
CA HIS B 118 -21.65 -5.85 23.19
C HIS B 118 -21.67 -4.32 23.23
N ASN B 119 -22.79 -3.79 22.73
CA ASN B 119 -23.02 -2.39 22.62
C ASN B 119 -24.21 -1.95 23.49
N LEU B 120 -24.39 -2.64 24.63
CA LEU B 120 -25.18 -2.22 25.80
C LEU B 120 -26.70 -2.22 25.70
N ILE B 121 -27.25 -1.88 24.56
CA ILE B 121 -28.59 -1.37 24.46
C ILE B 121 -29.18 -1.42 23.07
N HIS B 122 -30.49 -1.44 22.99
CA HIS B 122 -31.18 -1.45 21.73
C HIS B 122 -32.38 -0.50 21.84
N GLY B 123 -32.63 0.15 20.73
CA GLY B 123 -33.71 1.09 20.64
C GLY B 123 -34.29 1.00 19.29
N SER B 124 -35.61 1.06 19.19
CA SER B 124 -36.26 0.86 17.90
C SER B 124 -35.67 1.87 16.94
N ASP B 125 -35.48 1.47 15.70
CA ASP B 125 -34.93 2.36 14.68
C ASP B 125 -36.06 3.23 14.09
N HIS B 126 -36.05 4.52 14.38
CA HIS B 126 -37.06 5.46 13.83
C HIS B 126 -37.07 5.56 12.29
N GLU B 127 -35.91 5.38 11.66
CA GLU B 127 -35.86 5.34 10.18
C GLU B 127 -36.61 4.12 9.58
N ASP B 128 -36.77 3.05 10.38
CA ASP B 128 -37.62 1.93 9.97
C ASP B 128 -39.08 2.11 10.40
N GLU B 129 -39.93 2.69 9.54
CA GLU B 129 -41.31 3.01 9.97
C GLU B 129 -42.01 1.76 10.53
N GLY B 130 -42.59 1.91 11.72
CA GLY B 130 -43.32 0.82 12.31
C GLY B 130 -42.45 -0.14 13.11
N ALA B 131 -41.12 -0.04 13.05
CA ALA B 131 -40.24 -0.84 13.92
C ALA B 131 -40.57 -0.72 15.42
N ASN B 132 -40.90 0.47 15.88
CA ASN B 132 -41.21 0.70 17.28
C ASN B 132 -42.45 -0.09 17.75
N GLU B 133 -43.56 0.03 17.02
CA GLU B 133 -44.79 -0.66 17.36
C GLU B 133 -44.63 -2.17 17.19
N ARG B 134 -43.90 -2.60 16.17
CA ARG B 134 -43.70 -4.05 15.97
C ARG B 134 -42.83 -4.68 17.04
N GLU B 135 -41.88 -3.95 17.59
CA GLU B 135 -40.98 -4.52 18.61
C GLU B 135 -41.67 -4.48 19.99
N ILE B 136 -42.33 -3.36 20.31
CA ILE B 136 -43.12 -3.25 21.52
C ILE B 136 -44.14 -4.38 21.58
N ALA B 137 -44.82 -4.67 20.49
CA ALA B 137 -45.79 -5.79 20.48
C ALA B 137 -45.09 -7.20 20.52
N LEU B 138 -43.83 -7.26 20.09
CA LEU B 138 -43.08 -8.49 20.24
C LEU B 138 -42.83 -8.82 21.71
N PHE B 139 -42.33 -7.86 22.47
CA PHE B 139 -41.85 -8.06 23.86
C PHE B 139 -42.93 -7.93 24.96
N PHE B 140 -43.94 -7.15 24.70
CA PHE B 140 -44.88 -6.74 25.72
C PHE B 140 -46.26 -7.03 25.22
N ASP B 141 -47.13 -7.53 26.09
CA ASP B 141 -48.57 -7.65 25.78
C ASP B 141 -49.22 -6.29 26.19
N ASP B 142 -50.39 -5.97 25.66
CA ASP B 142 -51.07 -4.71 26.03
C ASP B 142 -51.37 -4.56 27.56
N ASP B 143 -51.58 -5.71 28.23
CA ASP B 143 -51.69 -5.88 29.70
C ASP B 143 -50.44 -5.46 30.48
N GLU B 144 -49.28 -5.44 29.83
CA GLU B 144 -48.04 -5.15 30.55
C GLU B 144 -47.66 -3.68 30.38
N LEU B 145 -48.29 -3.00 29.44
CA LEU B 145 -48.06 -1.58 29.19
C LEU B 145 -49.05 -0.72 29.93
N VAL B 146 -48.57 0.33 30.59
CA VAL B 146 -49.33 1.10 31.56
C VAL B 146 -49.62 2.49 31.01
N ASP B 147 -50.90 2.88 31.00
CA ASP B 147 -51.31 4.23 30.68
C ASP B 147 -51.35 5.00 31.99
N TRP B 148 -50.53 6.04 32.08
CA TRP B 148 -50.51 6.98 33.19
C TRP B 148 -50.13 8.37 32.69
N ASP B 149 -50.36 9.33 33.57
CA ASP B 149 -49.96 10.72 33.37
C ASP B 149 -48.75 11.11 34.26
N ARG B 150 -47.59 11.29 33.64
CA ARG B 150 -46.42 11.74 34.40
C ARG B 150 -46.61 13.24 34.53
N ASP B 151 -46.90 13.71 35.75
CA ASP B 151 -47.25 15.10 35.95
C ASP B 151 -46.17 16.09 35.46
N ALA B 152 -44.90 15.69 35.54
CA ALA B 152 -43.82 16.58 35.24
C ALA B 152 -43.83 16.87 33.74
N SER B 153 -44.55 16.10 32.96
CA SER B 153 -44.75 16.39 31.55
C SER B 153 -45.29 17.80 31.27
N ALA B 154 -45.92 18.40 32.26
CA ALA B 154 -46.43 19.75 32.05
C ALA B 154 -45.31 20.79 32.05
N TRP B 155 -44.16 20.47 32.64
CA TRP B 155 -42.96 21.31 32.54
C TRP B 155 -41.92 20.95 31.50
N VAL B 156 -41.92 19.71 31.06
CA VAL B 156 -41.11 19.25 29.92
C VAL B 156 -41.64 19.78 28.60
N TYR B 157 -42.96 19.86 28.46
CA TYR B 157 -43.57 20.21 27.16
C TYR B 157 -44.55 21.41 27.20
N GLU B 158 -44.64 22.21 26.15
CA GLU B 158 -45.61 23.33 26.10
C GLU B 158 -47.06 22.85 26.03
N HIS C 7 -7.82 -6.08 23.15
CA HIS C 7 -6.45 -6.02 22.53
C HIS C 7 -5.36 -5.80 23.62
N ASP C 8 -4.09 -6.07 23.27
CA ASP C 8 -2.92 -5.52 24.00
C ASP C 8 -2.68 -4.02 23.63
N GLU C 9 -3.56 -3.42 22.84
CA GLU C 9 -3.42 -2.00 22.46
C GLU C 9 -3.41 -1.11 23.71
N ARG C 10 -2.30 -0.42 23.90
CA ARG C 10 -2.14 0.44 25.06
C ARG C 10 -1.89 1.84 24.65
N THR C 11 -2.27 2.75 25.51
CA THR C 11 -2.02 4.14 25.23
C THR C 11 -1.56 4.82 26.47
N PHE C 12 -0.90 5.93 26.30
CA PHE C 12 -0.42 6.68 27.42
C PHE C 12 -1.38 7.81 27.66
N VAL C 13 -1.74 8.01 28.92
CA VAL C 13 -2.67 9.04 29.30
C VAL C 13 -2.15 9.70 30.57
N MET C 14 -2.27 11.03 30.63
CA MET C 14 -1.72 11.89 31.68
C MET C 14 -2.73 12.95 32.12
N VAL C 15 -3.15 12.91 33.39
CA VAL C 15 -3.78 14.07 33.95
C VAL C 15 -2.66 15.07 34.19
N LYS C 16 -2.82 16.25 33.64
CA LYS C 16 -1.84 17.30 33.69
C LYS C 16 -1.93 18.08 34.96
N PRO C 17 -1.01 18.99 35.19
CA PRO C 17 -0.94 19.62 36.50
C PRO C 17 -2.21 20.40 36.88
N ASP C 18 -2.89 20.95 35.88
CA ASP C 18 -4.21 21.56 36.10
C ASP C 18 -5.30 20.61 36.50
N GLY C 19 -5.34 19.41 35.91
CA GLY C 19 -6.36 18.43 36.26
C GLY C 19 -6.13 17.93 37.69
N VAL C 20 -4.86 17.73 38.01
CA VAL C 20 -4.43 17.36 39.32
C VAL C 20 -4.79 18.42 40.32
N GLN C 21 -4.52 19.70 40.03
CA GLN C 21 -4.81 20.74 40.97
C GLN C 21 -6.30 20.98 41.12
N ARG C 22 -7.07 20.78 40.07
CA ARG C 22 -8.51 21.03 40.18
C ARG C 22 -9.30 19.83 40.75
N GLY C 23 -8.58 18.76 41.12
CA GLY C 23 -9.23 17.68 41.78
C GLY C 23 -9.94 16.77 40.85
N LEU C 24 -9.46 16.63 39.64
CA LEU C 24 -10.16 15.83 38.65
C LEU C 24 -9.49 14.50 38.27
N ILE C 25 -8.51 14.04 39.01
CA ILE C 25 -7.93 12.75 38.72
C ILE C 25 -9.00 11.64 38.64
N GLY C 26 -9.90 11.66 39.62
CA GLY C 26 -10.92 10.63 39.77
C GLY C 26 -11.96 10.66 38.67
N ASP C 27 -12.43 11.82 38.27
CA ASP C 27 -13.39 11.86 37.19
C ASP C 27 -12.77 11.32 35.89
N ILE C 28 -11.51 11.62 35.64
CA ILE C 28 -10.92 11.22 34.38
C ILE C 28 -10.81 9.71 34.40
N VAL C 29 -10.33 9.15 35.51
CA VAL C 29 -10.23 7.69 35.70
C VAL C 29 -11.59 6.97 35.63
N THR C 30 -12.64 7.55 36.19
CA THR C 30 -13.97 6.93 36.11
C THR C 30 -14.38 6.88 34.64
N ARG C 31 -14.15 8.00 33.97
CA ARG C 31 -14.45 8.04 32.54
C ARG C 31 -13.77 6.90 31.84
N LEU C 32 -12.51 6.61 32.10
CA LEU C 32 -11.85 5.61 31.33
C LEU C 32 -12.25 4.18 31.71
N GLU C 33 -12.45 3.96 32.99
CA GLU C 33 -12.92 2.70 33.51
C GLU C 33 -14.32 2.28 33.04
N THR C 34 -15.16 3.29 32.97
CA THR C 34 -16.57 3.18 32.69
C THR C 34 -16.71 2.85 31.21
N LYS C 35 -15.74 3.31 30.44
CA LYS C 35 -15.64 2.98 29.04
C LYS C 35 -15.20 1.53 28.80
N GLY C 36 -14.76 0.89 29.89
CA GLY C 36 -14.39 -0.51 29.89
C GLY C 36 -12.92 -0.77 29.63
N LEU C 37 -12.10 0.25 29.78
CA LEU C 37 -10.66 0.19 29.42
C LEU C 37 -9.94 -0.24 30.63
N LYS C 38 -8.80 -0.88 30.45
CA LYS C 38 -8.11 -1.53 31.54
C LYS C 38 -6.91 -0.73 31.94
N MET C 39 -6.85 -0.31 33.19
CA MET C 39 -5.63 0.34 33.67
C MET C 39 -4.53 -0.68 33.73
N VAL C 40 -3.42 -0.45 33.05
CA VAL C 40 -2.26 -1.26 33.34
C VAL C 40 -1.08 -0.52 33.89
N GLY C 41 -1.10 0.80 33.89
CA GLY C 41 -0.03 1.52 34.54
C GLY C 41 -0.55 2.78 35.18
N GLY C 42 0.12 3.23 36.20
CA GLY C 42 -0.37 4.39 36.84
C GLY C 42 0.53 4.87 37.89
N LYS C 43 0.87 6.15 37.85
CA LYS C 43 1.89 6.72 38.71
C LYS C 43 1.58 8.22 38.96
N PHE C 44 1.46 8.62 40.19
CA PHE C 44 1.49 10.05 40.55
C PHE C 44 2.94 10.49 40.69
N MET C 45 3.30 11.57 40.03
CA MET C 45 4.71 11.88 39.81
C MET C 45 4.91 13.29 39.34
N ARG C 46 6.13 13.77 39.55
CA ARG C 46 6.54 15.06 39.03
C ARG C 46 7.42 14.86 37.78
N ILE C 47 7.18 15.72 36.79
CA ILE C 47 7.92 15.71 35.54
C ILE C 47 8.95 16.83 35.65
N ASP C 48 10.20 16.52 35.33
CA ASP C 48 11.26 17.53 35.37
C ASP C 48 11.67 17.91 33.96
N GLU C 49 12.72 18.73 33.86
CA GLU C 49 13.16 19.36 32.60
C GLU C 49 13.42 18.39 31.47
N GLU C 50 14.28 17.40 31.74
CA GLU C 50 14.70 16.41 30.73
C GLU C 50 13.51 15.67 30.19
N LEU C 51 12.71 15.14 31.11
CA LEU C 51 11.55 14.36 30.69
C LEU C 51 10.52 15.14 29.84
N ALA C 52 10.22 16.38 30.21
CA ALA C 52 9.32 17.19 29.41
C ALA C 52 9.93 17.53 28.04
N HIS C 53 11.25 17.77 27.98
CA HIS C 53 11.92 18.24 26.77
C HIS C 53 11.86 17.07 25.80
N GLU C 54 11.96 15.85 26.30
CA GLU C 54 11.83 14.67 25.43
C GLU C 54 10.37 14.38 25.05
N HIS C 55 9.48 14.45 26.03
CA HIS C 55 8.04 14.21 25.79
C HIS C 55 7.51 15.10 24.68
N TYR C 56 7.91 16.36 24.72
CA TYR C 56 7.35 17.37 23.86
C TYR C 56 8.24 17.73 22.68
N ALA C 57 9.44 17.15 22.57
CA ALA C 57 10.50 17.61 21.64
C ALA C 57 10.02 17.84 20.20
N GLU C 58 9.03 17.09 19.73
CA GLU C 58 8.39 17.40 18.45
C GLU C 58 8.05 18.88 18.36
N HIS C 59 7.98 19.56 19.52
CA HIS C 59 7.61 20.95 19.68
C HIS C 59 8.73 21.90 20.02
N GLU C 60 9.95 21.40 20.06
CA GLU C 60 11.14 22.15 20.48
C GLU C 60 11.36 23.46 19.68
N ASP C 61 10.81 23.49 18.47
CA ASP C 61 11.02 24.60 17.56
C ASP C 61 9.81 25.55 17.57
N LYS C 62 8.92 25.38 18.54
CA LYS C 62 7.64 26.09 18.48
C LYS C 62 7.60 27.19 19.52
N PRO C 63 6.79 28.22 19.28
CA PRO C 63 6.78 29.38 20.19
C PRO C 63 6.09 29.13 21.53
N PHE C 64 5.26 28.09 21.62
CA PHE C 64 4.54 27.87 22.86
C PHE C 64 5.33 26.89 23.70
N PHE C 65 6.41 26.31 23.14
CA PHE C 65 7.25 25.31 23.81
C PHE C 65 7.76 25.62 25.20
N ASP C 66 8.30 26.82 25.40
CA ASP C 66 8.84 27.15 26.69
C ASP C 66 7.72 27.33 27.75
N GLY C 67 6.57 27.86 27.31
CA GLY C 67 5.39 28.02 28.14
C GLY C 67 4.84 26.68 28.60
N LEU C 68 5.00 25.69 27.73
CA LEU C 68 4.51 24.36 27.90
C LEU C 68 5.33 23.48 28.83
N VAL C 69 6.67 23.62 28.75
CA VAL C 69 7.50 22.83 29.65
C VAL C 69 7.35 23.42 31.01
N SER C 70 7.14 24.72 31.09
CA SER C 70 6.96 25.39 32.34
C SER C 70 5.67 24.94 33.02
N PHE C 71 4.63 24.73 32.23
CA PHE C 71 3.32 24.30 32.75
C PHE C 71 3.36 22.82 33.15
N ILE C 72 3.88 21.96 32.30
CA ILE C 72 3.84 20.54 32.53
C ILE C 72 4.79 20.10 33.64
N THR C 73 5.63 21.03 34.04
CA THR C 73 6.60 20.90 35.10
C THR C 73 6.20 21.73 36.36
N SER C 74 5.12 22.51 36.28
CA SER C 74 4.68 23.37 37.40
C SER C 74 3.89 22.68 38.50
N GLY C 75 3.58 21.40 38.32
CA GLY C 75 2.88 20.66 39.35
C GLY C 75 2.86 19.23 38.96
N PRO C 76 2.53 18.36 39.89
CA PRO C 76 2.46 16.94 39.59
C PRO C 76 1.40 16.56 38.59
N VAL C 77 1.61 15.40 37.99
CA VAL C 77 0.68 14.79 37.05
C VAL C 77 0.35 13.35 37.40
N PHE C 78 -0.79 12.86 36.95
CA PHE C 78 -1.06 11.44 37.12
C PHE C 78 -0.86 10.72 35.80
N ALA C 79 0.24 9.96 35.74
CA ALA C 79 0.61 9.28 34.53
C ALA C 79 0.00 7.94 34.48
N MET C 80 -0.37 7.48 33.30
CA MET C 80 -1.12 6.25 33.21
C MET C 80 -0.86 5.53 31.93
N VAL C 81 -1.26 4.28 31.93
CA VAL C 81 -1.34 3.50 30.70
C VAL C 81 -2.67 2.79 30.72
N TRP C 82 -3.41 2.87 29.64
CA TRP C 82 -4.63 2.11 29.54
C TRP C 82 -4.62 1.20 28.29
N GLU C 83 -5.40 0.12 28.36
CA GLU C 83 -5.36 -0.96 27.40
C GLU C 83 -6.81 -1.34 27.05
N GLY C 84 -7.01 -1.81 25.81
CA GLY C 84 -8.30 -2.21 25.31
C GLY C 84 -8.45 -1.99 23.84
N ALA C 85 -9.60 -2.36 23.30
CA ALA C 85 -9.79 -2.23 21.85
C ALA C 85 -9.64 -0.80 21.50
N ASP C 86 -8.70 -0.55 20.61
CA ASP C 86 -8.59 0.75 19.93
C ASP C 86 -8.41 1.88 20.93
N ALA C 87 -7.78 1.56 22.05
CA ALA C 87 -7.72 2.45 23.22
C ALA C 87 -7.22 3.82 22.90
N THR C 88 -6.15 3.88 22.11
CA THR C 88 -5.46 5.14 21.87
C THR C 88 -6.45 6.07 21.21
N ARG C 89 -7.13 5.55 20.18
CA ARG C 89 -8.18 6.29 19.48
C ARG C 89 -9.40 6.56 20.40
N GLN C 90 -9.88 5.55 21.13
CA GLN C 90 -11.04 5.77 22.00
C GLN C 90 -10.77 6.83 23.01
N VAL C 91 -9.56 6.86 23.54
CA VAL C 91 -9.20 7.81 24.58
C VAL C 91 -9.14 9.22 24.05
N ARG C 92 -8.65 9.31 22.81
CA ARG C 92 -8.55 10.56 22.10
C ARG C 92 -9.92 11.13 21.83
N GLN C 93 -10.86 10.29 21.50
CA GLN C 93 -12.22 10.79 21.32
C GLN C 93 -12.86 11.19 22.64
N LEU C 94 -12.64 10.40 23.68
CA LEU C 94 -13.11 10.75 25.02
C LEU C 94 -12.64 12.16 25.51
N MET C 95 -11.42 12.53 25.15
CA MET C 95 -10.79 13.78 25.57
C MET C 95 -11.40 14.99 24.87
N GLY C 96 -11.76 14.81 23.60
CA GLY C 96 -12.17 15.96 22.78
C GLY C 96 -11.02 16.76 22.21
N ALA C 97 -11.33 17.79 21.43
CA ALA C 97 -10.29 18.62 20.78
C ALA C 97 -9.28 19.12 21.77
N THR C 98 -8.04 19.24 21.31
CA THR C 98 -6.93 19.67 22.09
C THR C 98 -7.22 21.03 22.71
N ASP C 99 -7.94 21.86 21.99
CA ASP C 99 -8.36 23.13 22.57
C ASP C 99 -9.71 22.93 23.19
N ALA C 100 -9.74 22.86 24.51
CA ALA C 100 -10.98 22.67 25.27
C ALA C 100 -12.14 23.55 24.88
N GLN C 101 -11.87 24.79 24.51
CA GLN C 101 -12.89 25.72 24.06
C GLN C 101 -13.45 25.29 22.77
N ASP C 102 -12.83 24.31 22.14
CA ASP C 102 -13.39 23.71 20.89
C ASP C 102 -14.00 22.33 21.16
N ALA C 103 -13.65 21.70 22.28
CA ALA C 103 -14.17 20.37 22.58
C ALA C 103 -15.69 20.34 22.77
N ALA C 104 -16.31 19.22 22.34
CA ALA C 104 -17.74 19.00 22.44
C ALA C 104 -18.09 18.68 23.89
N PRO C 105 -19.19 19.22 24.37
CA PRO C 105 -19.69 18.86 25.70
C PRO C 105 -19.92 17.33 25.72
N GLY C 106 -19.67 16.63 26.81
CA GLY C 106 -19.58 15.16 26.82
C GLY C 106 -18.13 14.63 26.87
N THR C 107 -17.16 15.39 26.36
CA THR C 107 -15.76 15.00 26.45
C THR C 107 -15.12 15.59 27.68
N ILE C 108 -13.94 15.10 28.02
CA ILE C 108 -13.26 15.58 29.21
C ILE C 108 -13.01 17.06 29.06
N ARG C 109 -12.51 17.43 27.91
CA ARG C 109 -12.12 18.81 27.73
C ARG C 109 -13.31 19.72 27.62
N GLY C 110 -14.35 19.27 26.96
CA GLY C 110 -15.53 20.10 26.83
C GLY C 110 -16.35 20.27 28.10
N ASP C 111 -16.23 19.37 29.08
CA ASP C 111 -16.95 19.53 30.33
C ASP C 111 -16.13 20.31 31.31
N TYR C 112 -14.80 20.20 31.24
CA TYR C 112 -13.95 20.71 32.31
C TYR C 112 -12.97 21.85 31.97
N GLY C 113 -12.54 22.00 30.72
CA GLY C 113 -11.56 23.02 30.35
C GLY C 113 -12.17 24.09 29.44
N ASN C 114 -11.56 25.30 29.36
CA ASN C 114 -11.66 26.15 28.15
C ASN C 114 -10.37 26.95 28.00
N ASP C 115 -9.31 26.19 27.83
CA ASP C 115 -8.02 26.74 27.55
C ASP C 115 -7.30 25.72 26.67
N LEU C 116 -6.32 26.20 25.94
CA LEU C 116 -5.48 25.37 25.13
C LEU C 116 -4.23 24.88 25.94
N GLY C 117 -3.56 25.79 26.61
CA GLY C 117 -2.44 25.42 27.47
C GLY C 117 -2.87 24.45 28.58
N HIS C 118 -3.86 24.88 29.35
CA HIS C 118 -4.41 24.09 30.46
C HIS C 118 -5.66 23.37 30.05
N ASN C 119 -5.44 22.27 29.34
CA ASN C 119 -6.46 21.39 28.71
C ASN C 119 -6.50 20.06 29.40
N LEU C 120 -6.24 20.08 30.70
CA LEU C 120 -6.53 18.97 31.60
C LEU C 120 -5.74 17.71 31.50
N ILE C 121 -5.29 17.32 30.31
CA ILE C 121 -5.10 15.90 30.01
C ILE C 121 -4.37 15.72 28.71
N HIS C 122 -3.70 14.58 28.63
CA HIS C 122 -2.95 14.31 27.43
C HIS C 122 -3.12 12.88 27.12
N GLY C 123 -3.09 12.56 25.85
CA GLY C 123 -3.33 11.22 25.40
C GLY C 123 -2.64 11.01 24.09
N SER C 124 -2.08 9.81 23.96
CA SER C 124 -1.15 9.55 22.86
C SER C 124 -1.93 9.71 21.57
N ASP C 125 -1.28 10.29 20.58
CA ASP C 125 -1.98 10.57 19.32
C ASP C 125 -2.06 9.33 18.43
N HIS C 126 -3.25 8.78 18.29
CA HIS C 126 -3.40 7.59 17.47
C HIS C 126 -2.98 7.84 16.02
N GLU C 127 -3.15 9.05 15.51
CA GLU C 127 -2.70 9.38 14.13
C GLU C 127 -1.15 9.56 13.98
N ASP C 128 -0.40 9.57 15.08
CA ASP C 128 1.08 9.54 15.04
C ASP C 128 1.50 8.09 15.39
N GLU C 129 1.89 7.30 14.37
CA GLU C 129 2.28 5.91 14.55
C GLU C 129 3.49 5.77 15.47
N GLY C 130 3.33 5.05 16.59
CA GLY C 130 4.41 4.87 17.54
C GLY C 130 4.34 5.82 18.75
N ALA C 131 3.55 6.89 18.65
CA ALA C 131 3.41 7.81 19.77
C ALA C 131 3.02 7.07 21.08
N ASN C 132 2.04 6.16 21.03
CA ASN C 132 1.62 5.43 22.21
C ASN C 132 2.75 4.61 22.82
N GLU C 133 3.34 3.70 22.03
CA GLU C 133 4.41 2.89 22.53
C GLU C 133 5.60 3.77 22.86
N ARG C 134 5.78 4.89 22.19
CA ARG C 134 6.95 5.71 22.58
C ARG C 134 6.72 6.47 23.91
N GLU C 135 5.49 6.95 24.12
CA GLU C 135 5.20 7.80 25.27
C GLU C 135 5.18 6.96 26.51
N ILE C 136 4.60 5.77 26.41
CA ILE C 136 4.60 4.77 27.47
C ILE C 136 6.00 4.39 27.95
N ALA C 137 6.89 4.04 27.02
CA ALA C 137 8.29 3.69 27.34
C ALA C 137 9.03 4.91 27.91
N LEU C 138 8.49 6.09 27.62
CA LEU C 138 9.02 7.30 28.20
C LEU C 138 8.65 7.36 29.65
N PHE C 139 7.39 7.08 29.99
CA PHE C 139 6.98 7.34 31.37
C PHE C 139 7.17 6.13 32.28
N PHE C 140 7.18 4.96 31.70
CA PHE C 140 7.07 3.74 32.46
C PHE C 140 8.19 2.80 32.01
N ASP C 141 8.83 2.14 32.96
CA ASP C 141 9.65 0.95 32.70
C ASP C 141 8.64 -0.20 32.66
N ASP C 142 8.98 -1.28 31.96
CA ASP C 142 8.05 -2.39 31.74
C ASP C 142 7.69 -3.19 33.02
N ASP C 143 8.56 -3.02 34.02
CA ASP C 143 8.39 -3.51 35.37
C ASP C 143 7.28 -2.73 36.15
N GLU C 144 6.96 -1.49 35.74
CA GLU C 144 5.87 -0.73 36.34
C GLU C 144 4.50 -0.90 35.65
N LEU C 145 4.42 -1.69 34.58
CA LEU C 145 3.16 -1.96 33.93
C LEU C 145 2.65 -3.29 34.42
N VAL C 146 1.33 -3.44 34.60
CA VAL C 146 0.75 -4.70 35.05
C VAL C 146 0.04 -5.53 33.99
N ASP C 147 0.24 -6.84 34.04
CA ASP C 147 -0.40 -7.78 33.14
C ASP C 147 -1.50 -8.50 33.91
N TRP C 148 -2.75 -8.22 33.61
CA TRP C 148 -3.83 -8.85 34.38
C TRP C 148 -5.00 -8.97 33.49
N ASP C 149 -6.03 -9.61 34.02
CA ASP C 149 -7.29 -9.84 33.34
C ASP C 149 -8.45 -9.18 34.12
N ARG C 150 -8.94 -8.09 33.56
CA ARG C 150 -10.18 -7.50 34.02
C ARG C 150 -11.27 -8.43 33.61
N ASP C 151 -11.81 -9.19 34.54
CA ASP C 151 -12.84 -10.17 34.16
C ASP C 151 -14.09 -9.57 33.47
N ALA C 152 -14.47 -8.34 33.78
CA ALA C 152 -15.56 -7.68 33.09
C ALA C 152 -15.32 -7.52 31.57
N SER C 153 -14.09 -7.63 31.13
CA SER C 153 -13.77 -7.57 29.72
C SER C 153 -14.60 -8.52 28.90
N ALA C 154 -15.01 -9.63 29.48
CA ALA C 154 -15.75 -10.62 28.72
C ALA C 154 -17.12 -10.11 28.45
N TRP C 155 -17.60 -9.16 29.22
CA TRP C 155 -18.87 -8.50 28.87
C TRP C 155 -18.76 -7.20 28.05
N VAL C 156 -17.59 -6.56 28.09
CA VAL C 156 -17.33 -5.40 27.28
C VAL C 156 -17.14 -5.80 25.80
N TYR C 157 -16.66 -7.00 25.58
CA TYR C 157 -16.27 -7.44 24.25
C TYR C 157 -16.83 -8.83 24.01
N GLU C 158 -17.17 -9.16 22.76
CA GLU C 158 -17.43 -10.59 22.38
C GLU C 158 -16.21 -11.44 21.87
N ASP C 159 -15.04 -10.79 21.67
CA ASP C 159 -13.83 -11.32 20.97
C ASP C 159 -13.24 -10.19 20.09
N HIS D 7 -0.08 12.85 6.34
CA HIS D 7 -0.23 12.58 4.88
C HIS D 7 0.81 13.34 4.02
N ASP D 8 1.32 14.47 4.52
CA ASP D 8 2.45 15.15 3.85
C ASP D 8 3.78 14.92 4.58
N GLU D 9 3.89 13.79 5.27
CA GLU D 9 5.14 13.48 5.98
C GLU D 9 6.28 13.36 4.99
N ARG D 10 7.48 13.73 5.42
CA ARG D 10 8.62 13.81 4.56
C ARG D 10 9.78 13.10 5.17
N THR D 11 10.58 12.48 4.32
CA THR D 11 11.74 11.77 4.74
C THR D 11 12.87 11.78 3.72
N PHE D 12 14.06 11.69 4.29
CA PHE D 12 15.27 11.75 3.51
C PHE D 12 15.67 10.38 3.18
N VAL D 13 16.03 10.14 1.95
CA VAL D 13 16.39 8.84 1.51
C VAL D 13 17.54 9.08 0.57
N MET D 14 18.61 8.32 0.70
CA MET D 14 19.78 8.49 -0.15
C MET D 14 20.35 7.16 -0.63
N VAL D 15 20.64 7.06 -1.93
CA VAL D 15 21.34 5.88 -2.48
C VAL D 15 22.82 6.14 -2.21
N LYS D 16 23.45 5.26 -1.46
CA LYS D 16 24.86 5.37 -1.12
C LYS D 16 25.85 5.00 -2.25
N PRO D 17 27.13 5.37 -2.13
CA PRO D 17 28.01 5.24 -3.28
C PRO D 17 27.95 3.81 -3.76
N ASP D 18 27.83 2.85 -2.86
CA ASP D 18 27.74 1.48 -3.27
C ASP D 18 26.57 1.28 -4.24
N GLY D 19 25.35 1.70 -3.89
CA GLY D 19 24.18 1.60 -4.77
C GLY D 19 24.34 2.32 -6.12
N VAL D 20 24.94 3.50 -6.09
CA VAL D 20 25.17 4.26 -7.28
C VAL D 20 26.11 3.49 -8.24
N GLN D 21 27.22 2.97 -7.72
CA GLN D 21 28.18 2.29 -8.55
C GLN D 21 27.63 0.99 -9.12
N ARG D 22 26.87 0.27 -8.33
CA ARG D 22 26.22 -0.96 -8.79
C ARG D 22 24.96 -0.75 -9.67
N GLY D 23 24.61 0.47 -10.03
CA GLY D 23 23.56 0.67 -11.03
C GLY D 23 22.15 0.42 -10.55
N LEU D 24 21.91 0.87 -9.28
CA LEU D 24 20.69 0.61 -8.54
C LEU D 24 19.83 1.80 -8.24
N ILE D 25 20.15 2.98 -8.76
CA ILE D 25 19.38 4.16 -8.44
C ILE D 25 17.94 3.94 -8.91
N GLY D 26 17.74 3.64 -10.20
CA GLY D 26 16.40 3.50 -10.75
C GLY D 26 15.59 2.42 -10.05
N ASP D 27 16.21 1.27 -9.73
CA ASP D 27 15.51 0.14 -9.10
C ASP D 27 15.06 0.60 -7.71
N ILE D 28 15.84 1.39 -6.98
CA ILE D 28 15.40 1.88 -5.64
C ILE D 28 14.28 2.90 -5.75
N VAL D 29 14.40 3.82 -6.66
CA VAL D 29 13.36 4.84 -6.85
C VAL D 29 12.05 4.22 -7.26
N THR D 30 12.14 3.20 -8.10
CA THR D 30 10.93 2.48 -8.57
C THR D 30 10.11 1.84 -7.44
N ARG D 31 10.77 1.00 -6.63
CA ARG D 31 10.17 0.46 -5.40
C ARG D 31 9.48 1.51 -4.57
N LEU D 32 10.00 2.72 -4.54
CA LEU D 32 9.45 3.79 -3.72
C LEU D 32 8.25 4.47 -4.36
N GLU D 33 8.34 4.64 -5.67
CA GLU D 33 7.28 5.17 -6.49
C GLU D 33 6.19 4.15 -6.56
N THR D 34 6.58 2.88 -6.63
CA THR D 34 5.66 1.78 -6.59
C THR D 34 4.75 1.81 -5.31
N LYS D 35 5.36 2.12 -4.16
CA LYS D 35 4.62 2.07 -2.89
C LYS D 35 3.67 3.26 -2.68
N GLY D 36 3.63 4.21 -3.60
CA GLY D 36 2.71 5.33 -3.48
C GLY D 36 3.45 6.60 -3.09
N LEU D 37 4.71 6.47 -2.72
CA LEU D 37 5.45 7.61 -2.23
C LEU D 37 5.73 8.57 -3.38
N LYS D 38 5.67 9.85 -3.03
CA LYS D 38 5.90 10.99 -3.91
C LYS D 38 7.30 11.54 -3.80
N MET D 39 8.04 11.65 -4.90
CA MET D 39 9.33 12.33 -4.82
C MET D 39 9.11 13.84 -4.64
N VAL D 40 9.80 14.44 -3.69
CA VAL D 40 9.89 15.89 -3.64
C VAL D 40 11.32 16.50 -3.73
N GLY D 41 12.38 15.74 -3.54
CA GLY D 41 13.75 16.20 -3.80
C GLY D 41 14.52 15.07 -4.45
N GLY D 42 15.34 15.40 -5.45
CA GLY D 42 16.29 14.47 -6.01
C GLY D 42 17.59 15.17 -6.28
N LYS D 43 18.71 14.53 -5.97
CA LYS D 43 19.95 15.20 -6.19
C LYS D 43 21.09 14.23 -6.19
N PHE D 44 21.71 14.12 -7.35
CA PHE D 44 22.85 13.34 -7.57
C PHE D 44 23.94 14.30 -7.15
N MET D 45 24.84 13.90 -6.27
CA MET D 45 25.70 14.90 -5.63
C MET D 45 26.80 14.22 -4.88
N ARG D 46 27.90 14.88 -4.73
CA ARG D 46 28.93 14.34 -3.89
C ARG D 46 28.91 14.94 -2.51
N ILE D 47 29.17 14.12 -1.53
CA ILE D 47 29.18 14.55 -0.17
C ILE D 47 30.64 14.83 0.27
N ASP D 48 30.84 15.99 0.87
CA ASP D 48 32.18 16.38 1.32
C ASP D 48 32.36 15.90 2.74
N GLU D 49 33.59 15.86 3.20
CA GLU D 49 33.90 15.39 4.57
C GLU D 49 33.07 16.15 5.62
N GLU D 50 33.06 17.46 5.50
CA GLU D 50 32.17 18.33 6.26
C GLU D 50 30.73 17.77 6.36
N LEU D 51 29.96 17.77 5.27
CA LEU D 51 28.55 17.34 5.33
C LEU D 51 28.38 15.95 5.95
N ALA D 52 29.30 15.03 5.66
CA ALA D 52 29.30 13.69 6.23
C ALA D 52 29.52 13.65 7.76
N HIS D 53 30.47 14.46 8.28
CA HIS D 53 30.81 14.57 9.71
C HIS D 53 29.57 15.12 10.47
N GLU D 54 28.84 16.00 9.81
CA GLU D 54 27.53 16.47 10.27
C GLU D 54 26.38 15.47 10.09
N HIS D 55 26.30 14.76 8.97
CA HIS D 55 25.17 13.85 8.75
C HIS D 55 25.24 12.72 9.82
N TYR D 56 26.44 12.30 10.15
CA TYR D 56 26.62 11.22 11.10
C TYR D 56 27.24 11.73 12.42
N ALA D 57 26.86 12.91 12.87
CA ALA D 57 27.53 13.49 14.05
C ALA D 57 27.16 12.70 15.34
N GLU D 58 26.14 11.86 15.26
CA GLU D 58 25.70 11.00 16.34
C GLU D 58 26.62 9.80 16.45
N HIS D 59 27.39 9.55 15.40
CA HIS D 59 28.27 8.37 15.37
C HIS D 59 29.74 8.72 15.68
N GLU D 60 29.98 9.98 16.05
CA GLU D 60 31.28 10.51 16.44
C GLU D 60 31.88 9.69 17.58
N ASP D 61 33.18 9.39 17.48
CA ASP D 61 33.92 8.50 18.38
C ASP D 61 33.59 7.02 18.32
N LYS D 62 32.53 6.63 17.62
CA LYS D 62 32.27 5.21 17.40
C LYS D 62 33.35 4.56 16.50
N PRO D 63 33.71 3.29 16.74
CA PRO D 63 34.76 2.58 15.97
C PRO D 63 34.63 2.61 14.43
N PHE D 64 33.41 2.76 13.90
CA PHE D 64 33.17 2.63 12.46
C PHE D 64 33.09 3.99 11.80
N PHE D 65 33.17 5.06 12.59
CA PHE D 65 32.94 6.43 12.12
C PHE D 65 33.82 6.82 10.93
N ASP D 66 35.11 6.59 11.09
CA ASP D 66 36.08 6.93 10.07
C ASP D 66 35.81 6.12 8.79
N GLY D 67 35.59 4.84 8.94
CA GLY D 67 35.16 4.02 7.83
C GLY D 67 33.90 4.58 7.19
N LEU D 68 32.89 4.84 7.99
CA LEU D 68 31.64 5.35 7.47
C LEU D 68 31.89 6.56 6.56
N VAL D 69 32.66 7.51 7.08
CA VAL D 69 32.79 8.82 6.52
C VAL D 69 33.54 8.61 5.23
N SER D 70 34.62 7.85 5.33
CA SER D 70 35.34 7.50 4.12
C SER D 70 34.36 6.92 3.09
N PHE D 71 33.56 5.94 3.49
CA PHE D 71 32.67 5.28 2.55
C PHE D 71 31.74 6.28 1.86
N ILE D 72 31.06 7.15 2.59
CA ILE D 72 29.97 7.92 2.02
C ILE D 72 30.43 9.13 1.23
N THR D 73 31.73 9.35 1.27
CA THR D 73 32.40 10.43 0.55
C THR D 73 33.17 9.83 -0.67
N SER D 74 33.08 8.51 -0.85
CA SER D 74 34.01 7.76 -1.70
C SER D 74 33.65 7.61 -3.21
N GLY D 75 32.51 8.17 -3.59
CA GLY D 75 31.90 8.04 -4.92
C GLY D 75 30.63 8.84 -4.71
N PRO D 76 29.96 9.32 -5.75
CA PRO D 76 28.74 10.11 -5.55
C PRO D 76 27.51 9.36 -5.06
N VAL D 77 26.54 10.17 -4.67
CA VAL D 77 25.36 9.71 -3.99
C VAL D 77 24.14 10.22 -4.75
N PHE D 78 22.99 9.53 -4.64
CA PHE D 78 21.72 10.10 -5.09
C PHE D 78 20.80 10.41 -3.92
N ALA D 79 20.71 11.69 -3.58
CA ALA D 79 20.10 12.18 -2.35
C ALA D 79 18.67 12.49 -2.72
N MET D 80 17.72 12.18 -1.87
CA MET D 80 16.33 12.42 -2.24
C MET D 80 15.51 12.74 -1.04
N VAL D 81 14.31 13.30 -1.26
CA VAL D 81 13.33 13.52 -0.23
C VAL D 81 12.02 12.97 -0.74
N TRP D 82 11.35 12.20 0.07
CA TRP D 82 10.14 11.53 -0.36
C TRP D 82 9.02 11.85 0.61
N GLU D 83 7.80 11.91 0.09
CA GLU D 83 6.68 12.40 0.88
C GLU D 83 5.51 11.43 0.72
N GLY D 84 4.70 11.31 1.75
CA GLY D 84 3.47 10.52 1.73
C GLY D 84 3.18 10.03 3.13
N ALA D 85 2.17 9.21 3.31
CA ALA D 85 1.74 8.95 4.67
C ALA D 85 2.74 8.04 5.40
N ASP D 86 3.17 8.54 6.56
CA ASP D 86 4.12 7.87 7.46
C ASP D 86 5.38 7.43 6.72
N ALA D 87 5.85 8.29 5.87
CA ALA D 87 6.81 7.89 4.91
C ALA D 87 8.09 7.50 5.58
N THR D 88 8.41 8.14 6.70
CA THR D 88 9.68 7.90 7.30
C THR D 88 9.76 6.43 7.61
N ARG D 89 8.80 5.94 8.34
CA ARG D 89 8.79 4.53 8.76
C ARG D 89 8.61 3.62 7.56
N GLN D 90 7.71 3.99 6.64
CA GLN D 90 7.41 3.17 5.47
C GLN D 90 8.71 2.94 4.64
N VAL D 91 9.57 3.94 4.62
CA VAL D 91 10.82 3.78 3.93
C VAL D 91 11.73 2.82 4.70
N ARG D 92 11.80 2.95 6.02
CA ARG D 92 12.64 2.05 6.80
C ARG D 92 12.24 0.60 6.64
N GLN D 93 10.95 0.33 6.61
CA GLN D 93 10.47 -1.02 6.36
C GLN D 93 10.81 -1.52 4.94
N LEU D 94 10.77 -0.63 3.97
CA LEU D 94 11.22 -0.92 2.60
C LEU D 94 12.72 -1.29 2.56
N MET D 95 13.50 -0.53 3.29
CA MET D 95 14.93 -0.74 3.33
C MET D 95 15.31 -2.13 3.90
N GLY D 96 14.67 -2.56 4.97
CA GLY D 96 15.23 -3.61 5.83
C GLY D 96 16.19 -3.19 6.95
N ALA D 97 16.65 -4.20 7.71
CA ALA D 97 17.58 -4.03 8.84
C ALA D 97 18.90 -3.40 8.39
N THR D 98 19.70 -2.89 9.31
CA THR D 98 20.86 -2.14 8.85
C THR D 98 21.94 -3.04 8.32
N ASP D 99 22.17 -4.17 8.97
CA ASP D 99 23.02 -5.17 8.39
C ASP D 99 22.23 -5.89 7.29
N ALA D 100 22.53 -5.60 6.03
CA ALA D 100 21.95 -6.28 4.88
C ALA D 100 21.94 -7.81 4.99
N GLN D 101 22.99 -8.40 5.53
CA GLN D 101 23.04 -9.86 5.79
C GLN D 101 21.85 -10.32 6.63
N ASP D 102 21.27 -9.40 7.41
CA ASP D 102 20.15 -9.66 8.35
C ASP D 102 18.75 -9.15 7.86
N ALA D 103 18.72 -8.30 6.84
CA ALA D 103 17.46 -7.77 6.30
C ALA D 103 16.75 -8.89 5.55
N ALA D 104 15.42 -8.85 5.62
CA ALA D 104 14.57 -9.87 5.04
C ALA D 104 14.56 -9.77 3.49
N PRO D 105 14.39 -10.90 2.79
CA PRO D 105 14.14 -10.83 1.35
C PRO D 105 12.86 -9.99 1.12
N GLY D 106 12.78 -9.32 -0.03
CA GLY D 106 11.77 -8.32 -0.32
C GLY D 106 12.11 -6.91 0.12
N THR D 107 13.09 -6.72 0.99
CA THR D 107 13.62 -5.37 1.31
C THR D 107 14.81 -5.09 0.42
N ILE D 108 15.14 -3.81 0.33
CA ILE D 108 16.12 -3.35 -0.59
C ILE D 108 17.43 -3.97 -0.14
N ARG D 109 17.72 -3.82 1.13
CA ARG D 109 18.93 -4.35 1.67
C ARG D 109 18.99 -5.87 1.59
N GLY D 110 17.89 -6.56 1.86
CA GLY D 110 17.88 -8.01 1.85
C GLY D 110 17.97 -8.57 0.43
N ASP D 111 17.46 -7.79 -0.53
CA ASP D 111 17.46 -8.25 -1.90
C ASP D 111 18.84 -7.98 -2.51
N TYR D 112 19.40 -6.82 -2.21
CA TYR D 112 20.56 -6.33 -2.91
C TYR D 112 21.86 -6.28 -2.12
N GLY D 113 21.81 -6.40 -0.80
CA GLY D 113 22.99 -6.19 0.02
C GLY D 113 23.52 -7.44 0.63
N ASN D 114 24.84 -7.47 0.84
CA ASN D 114 25.47 -8.49 1.62
C ASN D 114 26.51 -7.92 2.57
N ASP D 115 26.29 -6.72 3.03
CA ASP D 115 27.22 -6.07 3.92
C ASP D 115 26.61 -5.02 4.89
N LEU D 116 27.39 -4.68 5.92
CA LEU D 116 26.98 -3.76 6.99
C LEU D 116 27.24 -2.31 6.64
N GLY D 117 28.47 -2.03 6.23
CA GLY D 117 28.90 -0.71 5.81
C GLY D 117 28.23 -0.42 4.49
N HIS D 118 28.40 -1.31 3.53
CA HIS D 118 27.85 -1.09 2.19
C HIS D 118 26.46 -1.66 2.12
N ASN D 119 25.49 -0.85 2.56
CA ASN D 119 24.08 -1.27 2.71
C ASN D 119 23.10 -0.41 1.87
N LEU D 120 23.59 0.14 0.75
CA LEU D 120 22.82 0.66 -0.41
C LEU D 120 22.06 1.92 -0.29
N ILE D 121 21.65 2.21 0.94
CA ILE D 121 20.59 3.14 1.13
C ILE D 121 20.52 3.55 2.57
N HIS D 122 20.04 4.76 2.75
CA HIS D 122 19.92 5.36 4.05
C HIS D 122 18.57 6.04 4.06
N GLY D 123 17.83 5.85 5.11
CA GLY D 123 16.52 6.48 5.26
C GLY D 123 16.45 7.02 6.67
N SER D 124 15.75 8.13 6.84
CA SER D 124 15.76 8.81 8.11
C SER D 124 15.08 7.90 9.09
N ASP D 125 15.63 7.85 10.29
CA ASP D 125 15.09 7.02 11.38
C ASP D 125 13.74 7.51 11.87
N HIS D 126 12.70 6.68 11.70
CA HIS D 126 11.34 7.05 12.13
C HIS D 126 11.14 7.20 13.67
N GLU D 127 12.02 6.56 14.44
CA GLU D 127 11.96 6.54 15.92
C GLU D 127 12.96 7.53 16.55
N ASP D 128 13.60 8.35 15.71
CA ASP D 128 14.37 9.49 16.16
C ASP D 128 13.63 10.75 15.77
N GLU D 129 13.12 11.53 16.74
CA GLU D 129 12.27 12.70 16.45
C GLU D 129 13.07 13.80 15.78
N GLY D 130 12.59 14.29 14.64
CA GLY D 130 13.19 15.45 14.00
C GLY D 130 14.26 15.07 12.99
N ALA D 131 14.74 13.83 13.04
CA ALA D 131 15.82 13.37 12.15
C ALA D 131 15.47 13.48 10.66
N ASN D 132 14.22 13.25 10.29
CA ASN D 132 13.80 13.48 8.91
C ASN D 132 14.18 14.89 8.50
N GLU D 133 13.46 15.86 9.07
CA GLU D 133 13.61 17.26 8.78
C GLU D 133 15.04 17.76 9.10
N ARG D 134 15.72 17.12 10.04
CA ARG D 134 17.14 17.42 10.24
C ARG D 134 18.01 17.09 9.00
N GLU D 135 17.85 15.90 8.43
CA GLU D 135 18.73 15.42 7.34
C GLU D 135 18.38 16.10 6.02
N ILE D 136 17.10 16.37 5.86
CA ILE D 136 16.55 17.05 4.74
C ILE D 136 17.17 18.44 4.69
N ALA D 137 17.27 19.11 5.84
CA ALA D 137 17.68 20.51 5.82
C ALA D 137 19.15 20.53 5.65
N LEU D 138 19.79 19.46 6.08
CA LEU D 138 21.18 19.29 5.83
C LEU D 138 21.50 19.13 4.36
N PHE D 139 20.68 18.37 3.64
CA PHE D 139 21.06 17.98 2.29
C PHE D 139 20.44 18.87 1.22
N PHE D 140 19.29 19.49 1.55
CA PHE D 140 18.45 20.24 0.61
C PHE D 140 18.06 21.64 1.10
N ASP D 141 18.29 22.64 0.25
CA ASP D 141 17.62 23.95 0.43
C ASP D 141 16.10 23.88 0.17
N ASP D 142 15.30 24.68 0.90
CA ASP D 142 13.86 24.88 0.63
C ASP D 142 13.57 24.94 -0.93
N ASP D 143 14.40 25.69 -1.65
CA ASP D 143 14.36 25.93 -3.12
C ASP D 143 14.57 24.68 -4.04
N GLU D 144 14.98 23.55 -3.45
CA GLU D 144 15.23 22.32 -4.19
C GLU D 144 14.21 21.25 -3.85
N LEU D 145 13.25 21.62 -3.00
CA LEU D 145 12.18 20.75 -2.63
C LEU D 145 11.11 21.18 -3.52
N VAL D 146 10.25 20.28 -3.93
CA VAL D 146 9.24 20.70 -4.87
C VAL D 146 7.92 20.49 -4.23
N ASP D 147 7.03 21.44 -4.45
CA ASP D 147 5.63 21.28 -4.04
C ASP D 147 4.84 20.97 -5.28
N TRP D 148 4.03 19.93 -5.12
CA TRP D 148 3.21 19.42 -6.19
C TRP D 148 2.22 18.40 -5.69
N ASP D 149 1.31 18.07 -6.58
CA ASP D 149 0.29 17.07 -6.29
C ASP D 149 0.37 15.92 -7.30
N ARG D 150 0.80 14.76 -6.79
CA ARG D 150 0.80 13.48 -7.52
C ARG D 150 -0.66 13.08 -7.63
N ASP D 151 -1.24 13.09 -8.84
CA ASP D 151 -2.69 12.77 -9.02
C ASP D 151 -3.11 11.33 -8.78
N ALA D 152 -2.14 10.44 -8.78
CA ALA D 152 -2.39 9.07 -8.37
C ALA D 152 -2.66 8.95 -6.86
N SER D 153 -2.19 9.94 -6.09
CA SER D 153 -2.34 10.02 -4.63
C SER D 153 -3.76 9.95 -4.20
N ALA D 154 -4.68 10.35 -5.09
CA ALA D 154 -6.09 10.18 -4.85
C ALA D 154 -6.53 8.73 -4.93
N TRP D 155 -5.73 7.85 -5.54
CA TRP D 155 -6.03 6.39 -5.46
C TRP D 155 -5.15 5.58 -4.48
N VAL D 156 -4.08 6.18 -4.05
CA VAL D 156 -3.25 5.53 -3.11
C VAL D 156 -3.89 5.70 -1.74
N TYR D 157 -4.59 6.82 -1.48
CA TYR D 157 -5.17 7.17 -0.16
C TYR D 157 -6.66 7.50 -0.16
N GLU D 158 -7.37 7.14 0.90
CA GLU D 158 -8.67 7.73 1.16
C GLU D 158 -8.44 9.22 1.38
N HIS E 7 34.36 -13.08 2.73
CA HIS E 7 34.66 -12.94 1.29
C HIS E 7 34.59 -14.33 0.65
N ASP E 8 35.17 -15.32 1.32
CA ASP E 8 35.51 -16.60 0.69
C ASP E 8 34.46 -17.69 0.66
N GLU E 9 33.51 -17.59 1.57
CA GLU E 9 32.64 -18.70 1.84
C GLU E 9 32.03 -19.23 0.56
N ARG E 10 31.93 -20.55 0.46
CA ARG E 10 31.25 -21.18 -0.66
C ARG E 10 30.05 -21.97 -0.16
N THR E 11 28.99 -22.01 -0.99
CA THR E 11 27.76 -22.77 -0.76
C THR E 11 27.09 -23.30 -2.05
N PHE E 12 26.54 -24.51 -1.96
CA PHE E 12 26.03 -25.27 -3.09
C PHE E 12 24.60 -24.89 -3.21
N VAL E 13 24.18 -24.53 -4.43
CA VAL E 13 22.79 -24.16 -4.72
C VAL E 13 22.39 -24.88 -6.00
N MET E 14 21.21 -25.42 -6.07
CA MET E 14 20.84 -26.11 -7.28
C MET E 14 19.39 -25.80 -7.58
N VAL E 15 19.09 -25.57 -8.84
CA VAL E 15 17.68 -25.44 -9.11
C VAL E 15 17.15 -26.87 -9.40
N LYS E 16 16.02 -27.13 -8.79
CA LYS E 16 15.45 -28.44 -8.87
C LYS E 16 14.82 -28.66 -10.22
N PRO E 17 14.50 -29.91 -10.51
CA PRO E 17 13.82 -30.23 -11.76
C PRO E 17 12.51 -29.46 -11.97
N ASP E 18 11.74 -29.11 -10.92
CA ASP E 18 10.56 -28.24 -11.14
C ASP E 18 10.94 -26.83 -11.57
N GLY E 19 12.01 -26.30 -10.97
CA GLY E 19 12.52 -24.97 -11.29
C GLY E 19 13.00 -24.88 -12.75
N VAL E 20 13.76 -25.88 -13.22
CA VAL E 20 14.14 -25.99 -14.62
C VAL E 20 12.93 -26.09 -15.59
N GLN E 21 12.03 -27.01 -15.31
CA GLN E 21 10.91 -27.25 -16.19
C GLN E 21 9.91 -26.06 -16.28
N ARG E 22 9.69 -25.33 -15.18
CA ARG E 22 8.91 -24.08 -15.20
C ARG E 22 9.65 -22.81 -15.68
N GLY E 23 10.92 -22.94 -16.06
CA GLY E 23 11.59 -21.87 -16.77
C GLY E 23 12.13 -20.79 -15.84
N LEU E 24 12.40 -21.18 -14.58
CA LEU E 24 12.85 -20.27 -13.52
C LEU E 24 14.36 -20.26 -13.20
N ILE E 25 15.19 -20.85 -14.08
CA ILE E 25 16.66 -20.87 -13.87
C ILE E 25 17.24 -19.46 -13.79
N GLY E 26 16.80 -18.59 -14.69
CA GLY E 26 17.41 -17.30 -14.82
C GLY E 26 16.89 -16.35 -13.76
N ASP E 27 15.64 -16.49 -13.40
CA ASP E 27 15.10 -15.68 -12.34
C ASP E 27 15.83 -16.06 -11.01
N ILE E 28 16.26 -17.29 -10.85
CA ILE E 28 16.95 -17.67 -9.60
C ILE E 28 18.34 -17.16 -9.62
N VAL E 29 19.03 -17.38 -10.72
CA VAL E 29 20.44 -16.96 -10.82
C VAL E 29 20.49 -15.45 -10.56
N THR E 30 19.44 -14.74 -10.99
CA THR E 30 19.45 -13.27 -11.03
C THR E 30 19.36 -12.74 -9.59
N ARG E 31 18.41 -13.26 -8.80
CA ARG E 31 18.33 -12.96 -7.34
C ARG E 31 19.63 -13.24 -6.57
N LEU E 32 20.39 -14.24 -7.00
CA LEU E 32 21.71 -14.47 -6.37
C LEU E 32 22.79 -13.51 -6.80
N GLU E 33 22.73 -13.08 -8.06
CA GLU E 33 23.68 -12.14 -8.60
C GLU E 33 23.39 -10.79 -8.01
N THR E 34 22.11 -10.38 -8.03
CA THR E 34 21.76 -9.01 -7.63
C THR E 34 22.04 -8.81 -6.12
N LYS E 35 22.08 -9.92 -5.37
CA LYS E 35 22.35 -9.85 -3.94
C LYS E 35 23.87 -9.72 -3.72
N GLY E 36 24.66 -9.95 -4.78
CA GLY E 36 26.06 -9.60 -4.73
C GLY E 36 27.01 -10.78 -4.56
N LEU E 37 26.46 -11.98 -4.66
CA LEU E 37 27.18 -13.20 -4.53
C LEU E 37 27.80 -13.55 -5.86
N LYS E 38 28.93 -14.27 -5.80
CA LYS E 38 29.80 -14.50 -6.95
C LYS E 38 29.67 -15.90 -7.43
N MET E 39 29.11 -16.09 -8.61
CA MET E 39 29.07 -17.43 -9.16
C MET E 39 30.48 -18.03 -9.41
N VAL E 40 30.76 -19.18 -8.83
CA VAL E 40 32.02 -19.88 -9.09
C VAL E 40 31.87 -21.26 -9.71
N GLY E 41 30.66 -21.77 -9.82
CA GLY E 41 30.46 -23.05 -10.50
C GLY E 41 29.04 -23.10 -11.06
N GLY E 42 28.90 -23.67 -12.24
CA GLY E 42 27.60 -23.83 -12.84
C GLY E 42 27.57 -25.02 -13.76
N LYS E 43 26.57 -25.85 -13.60
CA LYS E 43 26.44 -27.12 -14.33
C LYS E 43 24.93 -27.42 -14.50
N PHE E 44 24.51 -27.44 -15.75
CA PHE E 44 23.23 -27.97 -16.11
C PHE E 44 23.45 -29.44 -16.30
N MET E 45 22.93 -30.28 -15.41
CA MET E 45 23.31 -31.69 -15.40
C MET E 45 22.17 -32.57 -14.93
N ARG E 46 22.38 -33.88 -15.02
CA ARG E 46 21.35 -34.81 -14.59
C ARG E 46 21.81 -35.56 -13.39
N ILE E 47 21.01 -35.57 -12.35
CA ILE E 47 21.39 -36.24 -11.12
C ILE E 47 20.93 -37.64 -11.32
N ASP E 48 21.91 -38.53 -11.47
CA ASP E 48 21.69 -39.97 -11.54
C ASP E 48 21.36 -40.59 -10.16
N GLU E 49 20.77 -41.79 -10.18
CA GLU E 49 20.38 -42.54 -8.95
C GLU E 49 21.44 -42.62 -7.80
N GLU E 50 22.70 -42.95 -8.11
CA GLU E 50 23.69 -43.10 -7.05
C GLU E 50 23.95 -41.75 -6.39
N LEU E 51 24.26 -40.73 -7.17
CA LEU E 51 24.42 -39.38 -6.65
C LEU E 51 23.32 -38.84 -5.73
N ALA E 52 22.05 -39.05 -6.12
CA ALA E 52 20.92 -38.65 -5.32
C ALA E 52 20.78 -39.46 -4.03
N HIS E 53 21.22 -40.73 -4.03
CA HIS E 53 21.24 -41.52 -2.79
C HIS E 53 22.33 -41.06 -1.84
N GLU E 54 23.43 -40.50 -2.35
CA GLU E 54 24.46 -39.97 -1.50
C GLU E 54 24.22 -38.57 -1.01
N HIS E 55 23.56 -37.75 -1.84
CA HIS E 55 23.21 -36.37 -1.46
C HIS E 55 22.14 -36.27 -0.40
N TYR E 56 21.28 -37.30 -0.39
CA TYR E 56 20.14 -37.33 0.48
C TYR E 56 20.29 -38.51 1.42
N ALA E 57 21.53 -38.86 1.75
CA ALA E 57 21.77 -40.02 2.60
C ALA E 57 21.24 -39.85 4.01
N GLU E 58 21.09 -38.62 4.47
CA GLU E 58 20.63 -38.33 5.83
C GLU E 58 19.16 -38.64 5.99
N HIS E 59 18.47 -38.64 4.85
CA HIS E 59 17.07 -39.01 4.78
C HIS E 59 16.79 -40.48 4.47
N GLU E 60 17.78 -41.35 4.41
CA GLU E 60 17.46 -42.76 4.27
C GLU E 60 16.44 -43.22 5.35
N ASP E 61 15.54 -44.13 4.94
CA ASP E 61 14.50 -44.73 5.77
C ASP E 61 13.35 -43.82 6.15
N LYS E 62 13.41 -42.52 5.84
CA LYS E 62 12.32 -41.60 6.10
C LYS E 62 11.34 -41.78 4.96
N PRO E 63 10.04 -41.61 5.22
CA PRO E 63 8.98 -41.98 4.24
C PRO E 63 9.00 -41.19 2.94
N PHE E 64 9.53 -39.97 2.98
CA PHE E 64 9.63 -39.16 1.77
C PHE E 64 10.84 -39.42 0.88
N PHE E 65 11.69 -40.38 1.25
CA PHE E 65 12.96 -40.64 0.57
C PHE E 65 12.77 -41.14 -0.86
N ASP E 66 11.94 -42.15 -1.05
CA ASP E 66 11.70 -42.68 -2.39
C ASP E 66 11.03 -41.67 -3.29
N GLY E 67 10.04 -40.95 -2.75
CA GLY E 67 9.35 -39.88 -3.46
C GLY E 67 10.16 -38.63 -3.80
N LEU E 68 11.39 -38.55 -3.27
CA LEU E 68 12.30 -37.45 -3.42
C LEU E 68 13.48 -37.83 -4.28
N VAL E 69 14.02 -39.02 -4.08
CA VAL E 69 15.08 -39.54 -4.96
C VAL E 69 14.50 -39.56 -6.37
N SER E 70 13.25 -39.97 -6.46
CA SER E 70 12.52 -39.98 -7.72
C SER E 70 12.30 -38.56 -8.31
N PHE E 71 11.95 -37.58 -7.48
CA PHE E 71 11.70 -36.20 -7.97
C PHE E 71 12.99 -35.59 -8.50
N ILE E 72 14.05 -35.58 -7.68
CA ILE E 72 15.29 -34.91 -8.06
C ILE E 72 15.99 -35.59 -9.22
N THR E 73 15.46 -36.75 -9.60
CA THR E 73 16.03 -37.57 -10.66
C THR E 73 15.13 -37.43 -11.89
N SER E 74 14.03 -36.69 -11.77
CA SER E 74 12.96 -36.73 -12.76
C SER E 74 13.22 -35.77 -13.91
N GLY E 75 14.11 -34.84 -13.70
CA GLY E 75 14.53 -33.99 -14.78
C GLY E 75 15.78 -33.32 -14.36
N PRO E 76 16.42 -32.63 -15.28
CA PRO E 76 17.73 -32.08 -14.98
C PRO E 76 17.62 -30.89 -14.08
N VAL E 77 18.76 -30.60 -13.47
CA VAL E 77 18.93 -29.54 -12.50
C VAL E 77 20.00 -28.60 -12.98
N PHE E 78 20.05 -27.41 -12.39
CA PHE E 78 21.16 -26.52 -12.59
C PHE E 78 21.86 -26.36 -11.28
N ALA E 79 23.06 -26.92 -11.23
CA ALA E 79 23.88 -27.02 -10.05
C ALA E 79 24.86 -25.92 -10.10
N MET E 80 25.06 -25.24 -8.98
CA MET E 80 25.87 -24.01 -8.94
C MET E 80 26.69 -24.00 -7.69
N VAL E 81 27.74 -23.18 -7.65
CA VAL E 81 28.38 -22.81 -6.38
C VAL E 81 28.49 -21.32 -6.36
N TRP E 82 28.22 -20.73 -5.20
CA TRP E 82 28.22 -19.29 -5.01
C TRP E 82 29.09 -18.89 -3.87
N GLU E 83 29.67 -17.72 -3.95
CA GLU E 83 30.71 -17.34 -3.03
C GLU E 83 30.44 -15.90 -2.54
N GLY E 84 30.70 -15.60 -1.27
CA GLY E 84 30.50 -14.26 -0.74
C GLY E 84 30.48 -14.30 0.77
N ALA E 85 30.40 -13.16 1.42
CA ALA E 85 30.40 -13.16 2.87
C ALA E 85 29.18 -13.96 3.27
N ASP E 86 29.38 -14.88 4.21
CA ASP E 86 28.30 -15.66 4.81
C ASP E 86 27.31 -16.17 3.77
N ALA E 87 27.82 -16.66 2.67
CA ALA E 87 26.99 -16.98 1.54
C ALA E 87 26.05 -18.12 1.84
N THR E 88 26.46 -19.05 2.69
CA THR E 88 25.67 -20.23 2.88
C THR E 88 24.35 -19.81 3.51
N ARG E 89 24.43 -19.06 4.61
CA ARG E 89 23.22 -18.55 5.27
C ARG E 89 22.44 -17.58 4.37
N GLN E 90 23.13 -16.78 3.57
CA GLN E 90 22.44 -15.79 2.76
C GLN E 90 21.58 -16.50 1.75
N VAL E 91 22.05 -17.57 1.13
CA VAL E 91 21.16 -18.19 0.14
C VAL E 91 20.01 -18.90 0.84
N ARG E 92 20.23 -19.46 2.03
CA ARG E 92 19.15 -20.01 2.86
C ARG E 92 18.05 -19.00 3.18
N GLN E 93 18.42 -17.77 3.52
CA GLN E 93 17.44 -16.71 3.76
C GLN E 93 16.73 -16.36 2.44
N LEU E 94 17.47 -16.20 1.33
CA LEU E 94 16.78 -15.87 0.05
C LEU E 94 15.76 -16.96 -0.37
N MET E 95 16.03 -18.21 0.03
CA MET E 95 15.20 -19.32 -0.40
C MET E 95 13.89 -19.38 0.36
N GLY E 96 13.95 -19.12 1.66
CA GLY E 96 12.84 -19.30 2.58
C GLY E 96 12.69 -20.71 3.06
N ALA E 97 11.65 -20.99 3.82
CA ALA E 97 11.47 -22.34 4.37
C ALA E 97 11.38 -23.41 3.31
N THR E 98 11.65 -24.66 3.71
CA THR E 98 11.63 -25.85 2.83
C THR E 98 10.26 -26.04 2.33
N ASP E 99 9.27 -25.96 3.20
CA ASP E 99 7.90 -25.98 2.74
C ASP E 99 7.55 -24.58 2.11
N ALA E 100 7.61 -24.47 0.80
CA ALA E 100 7.26 -23.22 0.13
C ALA E 100 5.81 -22.73 0.42
N GLN E 101 4.91 -23.59 0.91
CA GLN E 101 3.62 -23.12 1.36
C GLN E 101 3.77 -22.34 2.66
N ASP E 102 4.86 -22.55 3.38
CA ASP E 102 5.17 -21.73 4.56
C ASP E 102 6.14 -20.56 4.26
N ALA E 103 6.75 -20.52 3.07
CA ALA E 103 7.78 -19.51 2.84
C ALA E 103 7.20 -18.09 2.72
N ALA E 104 7.98 -17.13 3.12
CA ALA E 104 7.52 -15.78 3.28
C ALA E 104 7.65 -15.14 1.92
N PRO E 105 6.65 -14.40 1.51
CA PRO E 105 6.75 -13.81 0.18
C PRO E 105 8.00 -12.96 0.13
N GLY E 106 8.59 -12.94 -1.03
CA GLY E 106 9.86 -12.25 -1.15
C GLY E 106 11.04 -13.20 -1.18
N THR E 107 10.82 -14.43 -0.76
CA THR E 107 11.84 -15.47 -0.96
C THR E 107 11.46 -16.24 -2.19
N ILE E 108 12.39 -17.00 -2.68
CA ILE E 108 12.23 -17.71 -3.91
C ILE E 108 11.15 -18.72 -3.81
N ARG E 109 11.17 -19.44 -2.70
CA ARG E 109 10.16 -20.44 -2.45
C ARG E 109 8.86 -19.75 -2.17
N GLY E 110 8.92 -18.62 -1.48
CA GLY E 110 7.69 -17.90 -1.11
C GLY E 110 7.01 -17.29 -2.31
N ASP E 111 7.77 -17.02 -3.36
CA ASP E 111 7.27 -16.39 -4.55
C ASP E 111 6.88 -17.39 -5.59
N TYR E 112 7.65 -18.46 -5.72
CA TYR E 112 7.51 -19.37 -6.83
C TYR E 112 6.86 -20.71 -6.45
N GLY E 113 6.80 -21.04 -5.16
CA GLY E 113 6.52 -22.39 -4.70
C GLY E 113 5.17 -22.57 -3.98
N ASN E 114 4.48 -23.70 -4.21
CA ASN E 114 3.27 -24.00 -3.47
C ASN E 114 3.26 -25.50 -3.11
N ASP E 115 4.45 -26.03 -2.79
CA ASP E 115 4.63 -27.45 -2.50
C ASP E 115 5.84 -27.67 -1.57
N LEU E 116 5.88 -28.85 -0.97
CA LEU E 116 6.98 -29.19 -0.10
C LEU E 116 7.98 -29.99 -0.87
N GLY E 117 7.52 -30.95 -1.66
CA GLY E 117 8.45 -31.71 -2.49
C GLY E 117 9.02 -30.90 -3.64
N HIS E 118 8.16 -30.22 -4.37
CA HIS E 118 8.56 -29.44 -5.52
C HIS E 118 8.77 -27.99 -5.03
N ASN E 119 9.94 -27.75 -4.41
CA ASN E 119 10.25 -26.46 -3.72
C ASN E 119 11.45 -25.75 -4.33
N LEU E 120 11.72 -26.07 -5.61
CA LEU E 120 12.29 -25.13 -6.62
C LEU E 120 13.82 -25.18 -6.61
N ILE E 121 14.34 -25.29 -5.39
CA ILE E 121 15.70 -24.92 -5.06
C ILE E 121 16.21 -25.62 -3.80
N HIS E 122 17.51 -25.85 -3.79
CA HIS E 122 18.23 -26.38 -2.66
C HIS E 122 19.50 -25.55 -2.42
N GLY E 123 19.83 -25.26 -1.19
CA GLY E 123 21.12 -24.72 -0.90
C GLY E 123 21.61 -25.35 0.35
N SER E 124 22.92 -25.35 0.53
CA SER E 124 23.50 -26.09 1.64
C SER E 124 23.08 -25.46 2.94
N ASP E 125 22.87 -26.28 3.97
CA ASP E 125 22.45 -25.81 5.28
C ASP E 125 23.63 -25.13 6.02
N HIS E 126 23.43 -23.92 6.53
CA HIS E 126 24.50 -23.27 7.29
C HIS E 126 24.60 -23.82 8.70
N GLU E 127 23.51 -24.43 9.18
CA GLU E 127 23.46 -25.00 10.53
C GLU E 127 24.10 -26.38 10.64
N ASP E 128 24.40 -27.02 9.52
CA ASP E 128 24.98 -28.35 9.55
C ASP E 128 26.43 -28.17 9.18
N GLU E 129 27.31 -28.34 10.17
CA GLU E 129 28.75 -28.03 9.94
C GLU E 129 29.38 -28.94 8.88
N GLY E 130 30.07 -28.29 7.97
CA GLY E 130 30.71 -28.95 6.85
C GLY E 130 29.89 -29.24 5.61
N ALA E 131 28.60 -28.91 5.56
CA ALA E 131 27.72 -29.42 4.48
C ALA E 131 27.80 -28.67 3.13
N ASN E 132 28.23 -27.41 3.16
CA ASN E 132 28.53 -26.67 1.93
C ASN E 132 29.74 -27.26 1.26
N GLU E 133 30.80 -27.47 2.01
CA GLU E 133 32.06 -27.93 1.42
C GLU E 133 31.81 -29.36 0.89
N ARG E 134 31.02 -30.13 1.64
CA ARG E 134 30.70 -31.50 1.31
C ARG E 134 29.94 -31.63 -0.02
N GLU E 135 28.69 -31.11 -0.06
CA GLU E 135 27.77 -31.14 -1.22
C GLU E 135 28.40 -30.58 -2.52
N ILE E 136 29.28 -29.60 -2.37
CA ILE E 136 30.08 -29.03 -3.44
C ILE E 136 31.00 -30.07 -4.07
N ALA E 137 31.72 -30.78 -3.20
CA ALA E 137 32.66 -31.83 -3.61
C ALA E 137 31.92 -32.93 -4.32
N LEU E 138 30.68 -33.17 -3.90
CA LEU E 138 29.92 -34.32 -4.38
C LEU E 138 29.42 -34.04 -5.81
N PHE E 139 29.14 -32.77 -6.09
CA PHE E 139 28.55 -32.40 -7.37
C PHE E 139 29.55 -31.81 -8.34
N PHE E 140 30.64 -31.26 -7.83
CA PHE E 140 31.62 -30.58 -8.68
C PHE E 140 32.96 -31.16 -8.34
N ASP E 141 33.80 -31.35 -9.33
CA ASP E 141 35.19 -31.58 -9.00
C ASP E 141 35.93 -30.24 -9.28
N ASP E 142 37.22 -30.15 -8.94
CA ASP E 142 37.83 -28.83 -8.60
C ASP E 142 38.19 -27.98 -9.79
N ASP E 143 38.41 -28.62 -10.93
CA ASP E 143 38.79 -27.92 -12.13
C ASP E 143 37.52 -27.49 -12.83
N GLU E 144 36.41 -27.64 -12.11
CA GLU E 144 35.09 -27.18 -12.56
C GLU E 144 34.61 -25.93 -11.80
N LEU E 145 35.30 -25.62 -10.71
CA LEU E 145 35.04 -24.42 -9.94
C LEU E 145 36.03 -23.39 -10.38
N VAL E 146 35.60 -22.13 -10.44
CA VAL E 146 36.40 -21.06 -11.04
C VAL E 146 36.86 -19.97 -10.06
N ASP E 147 38.16 -19.74 -9.98
CA ASP E 147 38.68 -18.72 -9.10
C ASP E 147 38.89 -17.50 -9.93
N TRP E 148 38.03 -16.51 -9.68
CA TRP E 148 38.08 -15.25 -10.41
C TRP E 148 37.76 -14.08 -9.53
N ASP E 149 38.06 -12.89 -10.02
CA ASP E 149 37.71 -11.76 -9.20
C ASP E 149 36.68 -10.88 -9.87
N ARG E 150 35.57 -10.74 -9.16
CA ARG E 150 34.53 -9.84 -9.58
C ARG E 150 34.84 -8.50 -9.02
N ASP E 151 34.95 -7.53 -9.90
CA ASP E 151 35.37 -6.21 -9.50
C ASP E 151 34.22 -5.46 -8.89
N ALA E 152 32.99 -5.94 -9.10
CA ALA E 152 31.87 -5.35 -8.43
C ALA E 152 31.98 -5.61 -6.92
N SER E 153 32.75 -6.60 -6.50
CA SER E 153 32.86 -6.96 -5.09
C SER E 153 33.48 -5.86 -4.23
N ALA E 154 34.31 -5.00 -4.84
CA ALA E 154 34.85 -3.80 -4.16
C ALA E 154 33.78 -2.82 -3.68
N TRP E 155 32.60 -2.87 -4.28
CA TRP E 155 31.47 -2.05 -3.88
C TRP E 155 30.37 -2.83 -3.15
N VAL E 156 30.42 -4.15 -3.21
CA VAL E 156 29.48 -4.95 -2.43
C VAL E 156 29.90 -4.98 -0.96
N TYR E 157 31.21 -5.04 -0.73
CA TYR E 157 31.81 -5.07 0.63
C TYR E 157 32.77 -3.91 0.88
N GLU E 158 33.04 -3.63 2.15
CA GLU E 158 34.11 -2.72 2.51
C GLU E 158 35.37 -3.54 2.50
N HIS F 7 -11.94 -29.84 -8.69
CA HIS F 7 -10.45 -29.98 -8.79
C HIS F 7 -9.81 -29.65 -7.39
N ASP F 8 -8.85 -28.71 -7.30
CA ASP F 8 -8.24 -28.34 -6.00
C ASP F 8 -9.00 -27.14 -5.36
N GLU F 9 -8.46 -26.61 -4.26
CA GLU F 9 -9.13 -25.57 -3.49
C GLU F 9 -9.28 -24.22 -4.24
N ARG F 10 -10.35 -23.47 -3.98
CA ARG F 10 -10.59 -22.24 -4.69
C ARG F 10 -10.80 -21.05 -3.77
N THR F 11 -10.24 -19.93 -4.20
CA THR F 11 -10.41 -18.69 -3.47
C THR F 11 -10.72 -17.56 -4.42
N PHE F 12 -11.42 -16.54 -3.89
CA PHE F 12 -11.90 -15.39 -4.63
C PHE F 12 -10.93 -14.31 -4.39
N VAL F 13 -10.38 -13.74 -5.47
CA VAL F 13 -9.43 -12.69 -5.35
C VAL F 13 -9.92 -11.61 -6.23
N MET F 14 -9.80 -10.38 -5.76
CA MET F 14 -10.10 -9.21 -6.56
C MET F 14 -9.06 -8.07 -6.47
N VAL F 15 -8.77 -7.44 -7.60
CA VAL F 15 -8.02 -6.18 -7.56
C VAL F 15 -9.02 -5.07 -7.32
N LYS F 16 -8.80 -4.34 -6.24
CA LYS F 16 -9.67 -3.24 -5.86
C LYS F 16 -9.57 -2.06 -6.84
N PRO F 17 -10.48 -1.12 -6.77
CA PRO F 17 -10.48 -0.06 -7.78
C PRO F 17 -9.24 0.84 -7.71
N ASP F 18 -8.49 0.81 -6.61
CA ASP F 18 -7.20 1.48 -6.62
C ASP F 18 -6.18 0.74 -7.45
N GLY F 19 -6.22 -0.60 -7.45
CA GLY F 19 -5.23 -1.40 -8.09
C GLY F 19 -5.38 -1.26 -9.60
N VAL F 20 -6.62 -1.23 -10.07
CA VAL F 20 -6.92 -1.12 -11.51
C VAL F 20 -6.58 0.26 -12.03
N GLN F 21 -6.88 1.24 -11.20
CA GLN F 21 -6.68 2.62 -11.51
C GLN F 21 -5.19 3.02 -11.55
N ARG F 22 -4.37 2.42 -10.71
CA ARG F 22 -2.94 2.53 -10.71
C ARG F 22 -2.23 1.55 -11.63
N GLY F 23 -2.98 0.90 -12.51
CA GLY F 23 -2.42 0.03 -13.52
C GLY F 23 -1.74 -1.22 -12.96
N LEU F 24 -2.26 -1.75 -11.86
CA LEU F 24 -1.60 -2.87 -11.21
C LEU F 24 -2.30 -4.19 -11.39
N ILE F 25 -3.03 -4.38 -12.46
CA ILE F 25 -3.76 -5.65 -12.60
C ILE F 25 -2.85 -6.75 -13.03
N GLY F 26 -2.00 -6.45 -14.00
CA GLY F 26 -1.10 -7.45 -14.50
C GLY F 26 0.01 -7.84 -13.54
N ASP F 27 0.55 -6.87 -12.78
CA ASP F 27 1.55 -7.16 -11.76
C ASP F 27 0.91 -8.04 -10.64
N ILE F 28 -0.35 -7.81 -10.28
CA ILE F 28 -1.09 -8.74 -9.39
C ILE F 28 -1.31 -10.17 -9.94
N VAL F 29 -1.69 -10.28 -11.19
CA VAL F 29 -2.03 -11.57 -11.81
C VAL F 29 -0.73 -12.34 -11.98
N THR F 30 0.34 -11.63 -12.27
CA THR F 30 1.64 -12.29 -12.45
C THR F 30 2.13 -12.97 -11.16
N ARG F 31 2.06 -12.28 -10.01
CA ARG F 31 2.54 -12.89 -8.72
C ARG F 31 1.88 -14.26 -8.43
N LEU F 32 0.57 -14.28 -8.58
CA LEU F 32 -0.28 -15.47 -8.42
C LEU F 32 -0.08 -16.57 -9.44
N GLU F 33 0.32 -16.22 -10.66
CA GLU F 33 0.47 -17.22 -11.71
C GLU F 33 1.83 -17.82 -11.53
N THR F 34 2.75 -16.93 -11.14
CA THR F 34 4.10 -17.27 -10.67
C THR F 34 4.15 -18.18 -9.44
N LYS F 35 3.19 -18.05 -8.53
CA LYS F 35 3.10 -18.98 -7.38
C LYS F 35 2.54 -20.40 -7.84
N GLY F 36 2.23 -20.53 -9.13
CA GLY F 36 1.67 -21.73 -9.66
C GLY F 36 0.18 -21.91 -9.52
N LEU F 37 -0.54 -20.89 -9.02
CA LEU F 37 -2.01 -20.97 -8.90
C LEU F 37 -2.59 -20.87 -10.32
N LYS F 38 -3.72 -21.54 -10.46
CA LYS F 38 -4.41 -21.63 -11.72
C LYS F 38 -5.47 -20.57 -11.74
N MET F 39 -5.58 -19.78 -12.82
CA MET F 39 -6.73 -18.91 -12.94
C MET F 39 -7.87 -19.77 -13.47
N VAL F 40 -9.04 -19.54 -12.87
CA VAL F 40 -10.28 -20.28 -13.05
C VAL F 40 -11.45 -19.35 -13.41
N GLY F 41 -11.40 -18.09 -13.00
CA GLY F 41 -12.36 -17.13 -13.43
C GLY F 41 -11.76 -15.74 -13.39
N GLY F 42 -12.14 -14.92 -14.34
CA GLY F 42 -11.68 -13.53 -14.34
C GLY F 42 -12.74 -12.64 -14.92
N LYS F 43 -13.07 -11.52 -14.25
CA LYS F 43 -14.15 -10.63 -14.65
C LYS F 43 -13.80 -9.21 -14.28
N PHE F 44 -13.71 -8.37 -15.32
CA PHE F 44 -13.51 -6.96 -15.18
C PHE F 44 -14.95 -6.47 -15.15
N MET F 45 -15.28 -5.65 -14.15
CA MET F 45 -16.68 -5.39 -13.81
C MET F 45 -16.68 -4.25 -12.85
N ARG F 46 -17.83 -3.67 -12.63
CA ARG F 46 -17.95 -2.74 -11.53
C ARG F 46 -18.94 -3.28 -10.51
N ILE F 47 -18.69 -2.99 -9.25
CA ILE F 47 -19.53 -3.44 -8.15
C ILE F 47 -20.51 -2.35 -7.82
N ASP F 48 -21.81 -2.62 -7.96
CA ASP F 48 -22.87 -1.69 -7.52
C ASP F 48 -23.16 -1.83 -6.01
N GLU F 49 -23.97 -0.93 -5.41
CA GLU F 49 -24.13 -0.92 -3.93
C GLU F 49 -24.75 -2.25 -3.39
N GLU F 50 -25.56 -2.91 -4.20
CA GLU F 50 -26.19 -4.15 -3.80
C GLU F 50 -25.15 -5.21 -3.42
N LEU F 51 -24.26 -5.51 -4.36
CA LEU F 51 -23.28 -6.60 -4.26
C LEU F 51 -22.21 -6.24 -3.26
N ALA F 52 -21.85 -4.96 -3.21
CA ALA F 52 -21.09 -4.39 -2.13
C ALA F 52 -21.65 -4.64 -0.72
N HIS F 53 -22.95 -4.40 -0.51
CA HIS F 53 -23.55 -4.57 0.83
C HIS F 53 -23.61 -6.06 1.20
N GLU F 54 -23.87 -6.93 0.20
CA GLU F 54 -23.79 -8.38 0.41
C GLU F 54 -22.38 -8.89 0.61
N HIS F 55 -21.40 -8.31 -0.07
CA HIS F 55 -20.01 -8.83 0.05
C HIS F 55 -19.38 -8.49 1.42
N TYR F 56 -19.76 -7.35 1.98
CA TYR F 56 -19.18 -6.85 3.22
C TYR F 56 -20.30 -6.75 4.31
N ALA F 57 -21.23 -7.71 4.30
CA ALA F 57 -22.31 -7.76 5.29
C ALA F 57 -21.72 -7.78 6.73
N GLU F 58 -20.61 -8.49 6.84
CA GLU F 58 -19.79 -8.65 8.01
C GLU F 58 -19.31 -7.36 8.70
N HIS F 59 -19.27 -6.25 7.96
CA HIS F 59 -18.85 -4.95 8.53
C HIS F 59 -20.02 -3.96 8.66
N GLU F 60 -21.23 -4.44 8.48
CA GLU F 60 -22.39 -3.56 8.69
C GLU F 60 -22.28 -2.86 10.03
N ASP F 61 -22.50 -1.55 10.02
CA ASP F 61 -22.53 -0.68 11.20
C ASP F 61 -21.18 -0.40 11.80
N LYS F 62 -20.11 -0.94 11.25
CA LYS F 62 -18.76 -0.49 11.60
C LYS F 62 -18.49 0.92 11.05
N PRO F 63 -17.61 1.69 11.70
CA PRO F 63 -17.45 3.08 11.31
C PRO F 63 -16.96 3.21 9.86
N PHE F 64 -16.14 2.27 9.43
CA PHE F 64 -15.55 2.31 8.08
C PHE F 64 -16.47 1.81 6.99
N PHE F 65 -17.73 1.50 7.32
CA PHE F 65 -18.65 0.87 6.37
C PHE F 65 -18.95 1.72 5.13
N ASP F 66 -19.71 2.81 5.27
CA ASP F 66 -20.03 3.70 4.13
C ASP F 66 -18.74 4.10 3.35
N GLY F 67 -17.69 4.48 4.07
CA GLY F 67 -16.43 4.71 3.39
C GLY F 67 -15.99 3.57 2.48
N LEU F 68 -16.17 2.34 2.93
CA LEU F 68 -15.72 1.16 2.21
C LEU F 68 -16.62 0.84 1.04
N VAL F 69 -17.91 1.00 1.23
CA VAL F 69 -18.90 0.66 0.22
C VAL F 69 -18.75 1.69 -0.88
N SER F 70 -18.48 2.94 -0.51
CA SER F 70 -18.21 3.98 -1.48
C SER F 70 -16.89 3.70 -2.28
N PHE F 71 -15.88 3.14 -1.61
CA PHE F 71 -14.65 2.83 -2.36
C PHE F 71 -14.89 1.72 -3.40
N ILE F 72 -15.63 0.68 -3.04
CA ILE F 72 -15.67 -0.53 -3.87
C ILE F 72 -16.60 -0.47 -5.04
N THR F 73 -17.40 0.58 -5.14
CA THR F 73 -18.23 0.84 -6.32
C THR F 73 -17.80 2.12 -7.02
N SER F 74 -16.59 2.60 -6.72
CA SER F 74 -16.08 3.90 -7.17
C SER F 74 -15.26 3.81 -8.45
N GLY F 75 -14.84 2.60 -8.78
CA GLY F 75 -14.34 2.30 -10.08
C GLY F 75 -14.48 0.81 -10.27
N PRO F 76 -14.10 0.33 -11.43
CA PRO F 76 -14.21 -1.08 -11.70
C PRO F 76 -13.14 -1.85 -10.97
N VAL F 77 -13.44 -3.11 -10.69
CA VAL F 77 -12.51 -4.04 -10.08
C VAL F 77 -12.16 -5.12 -11.08
N PHE F 78 -11.10 -5.85 -10.80
CA PHE F 78 -10.85 -7.11 -11.48
C PHE F 78 -11.01 -8.28 -10.52
N ALA F 79 -12.17 -8.89 -10.66
CA ALA F 79 -12.62 -10.01 -9.88
C ALA F 79 -12.02 -11.31 -10.39
N MET F 80 -11.56 -12.18 -9.51
CA MET F 80 -11.00 -13.45 -10.01
C MET F 80 -11.16 -14.63 -9.08
N VAL F 81 -10.97 -15.82 -9.65
CA VAL F 81 -10.96 -17.03 -8.87
C VAL F 81 -9.74 -17.91 -9.18
N TRP F 82 -9.06 -18.34 -8.12
CA TRP F 82 -7.74 -18.93 -8.23
C TRP F 82 -7.77 -20.26 -7.48
N GLU F 83 -7.19 -21.28 -8.09
CA GLU F 83 -7.29 -22.65 -7.66
C GLU F 83 -5.85 -23.15 -7.40
N GLY F 84 -5.66 -23.95 -6.37
CA GLY F 84 -4.34 -24.42 -6.01
C GLY F 84 -4.34 -24.98 -4.57
N ALA F 85 -3.29 -25.74 -4.29
CA ALA F 85 -3.12 -26.35 -2.99
C ALA F 85 -3.09 -25.23 -2.03
N ASP F 86 -4.01 -25.31 -1.09
CA ASP F 86 -4.12 -24.35 0.00
C ASP F 86 -4.25 -22.92 -0.53
N ALA F 87 -4.94 -22.77 -1.66
CA ALA F 87 -4.96 -21.51 -2.40
C ALA F 87 -5.38 -20.38 -1.53
N THR F 88 -6.35 -20.60 -0.66
CA THR F 88 -6.90 -19.49 0.07
C THR F 88 -5.81 -18.84 0.91
N ARG F 89 -5.16 -19.63 1.72
CA ARG F 89 -4.21 -19.07 2.67
C ARG F 89 -3.05 -18.52 1.89
N GLN F 90 -2.66 -19.22 0.84
CA GLN F 90 -1.49 -18.81 0.08
C GLN F 90 -1.72 -17.42 -0.50
N VAL F 91 -2.91 -17.18 -1.02
CA VAL F 91 -3.22 -15.87 -1.53
C VAL F 91 -3.18 -14.78 -0.43
N ARG F 92 -3.84 -15.05 0.69
CA ARG F 92 -3.68 -14.27 1.92
C ARG F 92 -2.26 -13.92 2.27
N GLN F 93 -1.38 -14.91 2.21
CA GLN F 93 0.02 -14.70 2.48
C GLN F 93 0.65 -13.77 1.43
N LEU F 94 0.29 -13.97 0.14
CA LEU F 94 0.84 -13.13 -0.94
C LEU F 94 0.43 -11.75 -0.78
N MET F 95 -0.73 -11.53 -0.18
CA MET F 95 -1.30 -10.22 0.00
C MET F 95 -0.64 -9.37 1.09
N GLY F 96 -0.42 -9.96 2.24
CA GLY F 96 0.07 -9.23 3.41
C GLY F 96 -1.07 -8.76 4.26
N ALA F 97 -0.73 -8.39 5.50
CA ALA F 97 -1.63 -7.67 6.43
C ALA F 97 -2.53 -6.68 5.75
N THR F 98 -3.78 -6.66 6.16
CA THR F 98 -4.84 -5.82 5.55
C THR F 98 -4.54 -4.33 5.52
N ASP F 99 -4.03 -3.79 6.62
CA ASP F 99 -3.37 -2.51 6.59
C ASP F 99 -2.02 -2.58 5.85
N ALA F 100 -1.94 -1.97 4.67
CA ALA F 100 -0.74 -2.07 3.79
C ALA F 100 0.48 -1.42 4.40
N GLN F 101 0.22 -0.43 5.26
CA GLN F 101 1.26 0.21 6.04
C GLN F 101 1.96 -0.81 6.98
N ASP F 102 1.26 -1.88 7.34
CA ASP F 102 1.84 -2.92 8.20
C ASP F 102 2.33 -4.15 7.43
N ALA F 103 1.94 -4.23 6.19
CA ALA F 103 2.26 -5.37 5.37
C ALA F 103 3.78 -5.37 5.10
N ALA F 104 4.32 -6.58 5.11
CA ALA F 104 5.72 -6.88 4.92
C ALA F 104 6.17 -6.67 3.47
N PRO F 105 7.41 -6.16 3.27
CA PRO F 105 7.99 -6.13 1.93
C PRO F 105 8.02 -7.53 1.32
N GLY F 106 7.91 -7.65 -0.01
CA GLY F 106 7.56 -8.90 -0.66
C GLY F 106 6.08 -9.21 -0.90
N THR F 107 5.17 -8.61 -0.13
CA THR F 107 3.73 -8.88 -0.35
C THR F 107 3.12 -7.83 -1.25
N ILE F 108 1.93 -8.09 -1.72
CA ILE F 108 1.33 -7.24 -2.64
C ILE F 108 1.18 -5.91 -1.90
N ARG F 109 0.70 -5.91 -0.66
CA ARG F 109 0.36 -4.63 -0.04
C ARG F 109 1.56 -3.96 0.56
N GLY F 110 2.55 -4.69 0.98
CA GLY F 110 3.81 -4.06 1.42
C GLY F 110 4.57 -3.38 0.29
N ASP F 111 4.52 -3.96 -0.90
CA ASP F 111 5.18 -3.37 -2.10
C ASP F 111 4.37 -2.17 -2.69
N TYR F 112 3.07 -2.29 -2.76
CA TYR F 112 2.28 -1.28 -3.48
C TYR F 112 1.45 -0.29 -2.64
N GLY F 113 1.14 -0.56 -1.37
CA GLY F 113 0.17 0.30 -0.68
C GLY F 113 0.75 1.06 0.47
N ASN F 114 0.22 2.24 0.84
CA ASN F 114 0.29 2.69 2.25
C ASN F 114 -0.96 3.38 2.62
N ASP F 115 -2.01 2.61 2.49
CA ASP F 115 -3.27 2.96 3.06
C ASP F 115 -3.97 1.70 3.55
N LEU F 116 -4.94 1.92 4.45
CA LEU F 116 -5.78 0.91 5.01
C LEU F 116 -6.94 0.65 4.06
N GLY F 117 -7.63 1.71 3.69
CA GLY F 117 -8.78 1.57 2.80
C GLY F 117 -8.34 1.14 1.39
N HIS F 118 -7.45 1.94 0.81
CA HIS F 118 -6.98 1.63 -0.52
C HIS F 118 -5.80 0.69 -0.36
N ASN F 119 -6.12 -0.61 -0.28
CA ASN F 119 -5.10 -1.63 -0.03
C ASN F 119 -5.05 -2.66 -1.14
N LEU F 120 -5.52 -2.25 -2.31
CA LEU F 120 -5.08 -2.84 -3.55
C LEU F 120 -5.84 -4.08 -3.95
N ILE F 121 -6.18 -4.95 -2.98
CA ILE F 121 -6.77 -6.24 -3.35
C ILE F 121 -7.55 -6.94 -2.25
N HIS F 122 -8.36 -7.89 -2.65
CA HIS F 122 -9.12 -8.70 -1.71
C HIS F 122 -8.85 -10.13 -2.04
N GLY F 123 -8.77 -10.93 -1.00
CA GLY F 123 -8.78 -12.35 -1.19
C GLY F 123 -9.59 -12.95 -0.07
N SER F 124 -10.27 -14.05 -0.40
CA SER F 124 -11.08 -14.75 0.56
C SER F 124 -10.28 -15.07 1.82
N ASP F 125 -10.90 -14.87 2.97
CA ASP F 125 -10.21 -15.08 4.23
C ASP F 125 -10.24 -16.57 4.56
N HIS F 126 -9.09 -17.20 4.76
CA HIS F 126 -9.00 -18.66 4.99
C HIS F 126 -9.40 -19.12 6.40
N GLU F 127 -9.47 -18.15 7.30
CA GLU F 127 -9.79 -18.37 8.71
C GLU F 127 -11.29 -18.15 8.96
N ASP F 128 -12.09 -17.90 7.91
CA ASP F 128 -13.53 -17.80 8.06
C ASP F 128 -14.12 -18.86 7.13
N GLU F 129 -14.52 -20.00 7.71
CA GLU F 129 -14.86 -21.17 6.87
C GLU F 129 -16.11 -21.01 6.01
N GLY F 130 -15.98 -21.46 4.77
CA GLY F 130 -17.03 -21.30 3.80
C GLY F 130 -16.82 -20.06 2.96
N ALA F 131 -15.99 -19.10 3.38
CA ALA F 131 -15.94 -17.74 2.76
C ALA F 131 -15.37 -17.66 1.35
N ASN F 132 -14.44 -18.54 1.02
CA ASN F 132 -13.97 -18.64 -0.33
C ASN F 132 -15.12 -18.98 -1.25
N GLU F 133 -15.81 -20.09 -0.96
CA GLU F 133 -16.99 -20.50 -1.70
C GLU F 133 -18.05 -19.38 -1.71
N ARG F 134 -18.34 -18.80 -0.56
CA ARG F 134 -19.41 -17.82 -0.43
C ARG F 134 -19.15 -16.63 -1.36
N GLU F 135 -17.92 -16.12 -1.32
CA GLU F 135 -17.51 -15.00 -2.15
C GLU F 135 -17.37 -15.37 -3.63
N ILE F 136 -16.95 -16.60 -3.93
CA ILE F 136 -16.88 -17.05 -5.32
C ILE F 136 -18.25 -17.12 -5.95
N ALA F 137 -19.26 -17.49 -5.19
CA ALA F 137 -20.61 -17.67 -5.72
C ALA F 137 -21.34 -16.34 -5.79
N LEU F 138 -21.13 -15.47 -4.82
CA LEU F 138 -21.55 -14.07 -4.97
C LEU F 138 -21.13 -13.42 -6.33
N PHE F 139 -19.83 -13.49 -6.65
CA PHE F 139 -19.28 -12.71 -7.77
C PHE F 139 -19.38 -13.39 -9.11
N PHE F 140 -19.47 -14.73 -9.09
CA PHE F 140 -19.43 -15.57 -10.28
C PHE F 140 -20.67 -16.49 -10.39
N ASP F 141 -21.05 -16.80 -11.64
CA ASP F 141 -22.06 -17.80 -11.89
C ASP F 141 -21.29 -19.01 -12.41
N ASP F 142 -21.90 -20.19 -12.36
CA ASP F 142 -21.21 -21.49 -12.59
C ASP F 142 -20.50 -21.51 -13.94
N ASP F 143 -21.14 -20.93 -14.96
CA ASP F 143 -20.63 -21.04 -16.33
C ASP F 143 -19.52 -20.03 -16.62
N GLU F 144 -19.22 -19.17 -15.67
CA GLU F 144 -18.15 -18.19 -15.82
C GLU F 144 -16.83 -18.72 -15.25
N LEU F 145 -16.85 -19.95 -14.74
CA LEU F 145 -15.69 -20.53 -14.06
C LEU F 145 -15.15 -21.61 -14.94
N VAL F 146 -13.85 -21.67 -15.13
CA VAL F 146 -13.28 -22.62 -16.10
C VAL F 146 -12.73 -23.83 -15.38
N ASP F 147 -13.04 -24.97 -15.92
CA ASP F 147 -12.42 -26.19 -15.50
C ASP F 147 -11.47 -26.57 -16.60
N TRP F 148 -10.20 -26.74 -16.25
CA TRP F 148 -9.14 -27.07 -17.19
C TRP F 148 -7.95 -27.59 -16.41
N ASP F 149 -7.07 -28.28 -17.12
CA ASP F 149 -5.78 -28.69 -16.58
C ASP F 149 -4.72 -27.81 -17.12
N ARG F 150 -4.11 -27.12 -16.18
CA ARG F 150 -2.88 -26.37 -16.38
C ARG F 150 -1.75 -27.39 -16.40
N ASP F 151 -1.08 -27.53 -17.54
CA ASP F 151 -0.14 -28.63 -17.70
C ASP F 151 1.05 -28.50 -16.81
N ALA F 152 1.43 -27.27 -16.49
CA ALA F 152 2.56 -27.09 -15.63
C ALA F 152 2.20 -27.44 -14.16
N SER F 153 0.93 -27.66 -13.83
CA SER F 153 0.60 -28.20 -12.50
C SER F 153 1.37 -29.49 -12.15
N ALA F 154 1.68 -30.32 -13.16
CA ALA F 154 2.55 -31.53 -13.01
C ALA F 154 3.99 -31.29 -12.53
N TRP F 155 4.42 -30.03 -12.45
CA TRP F 155 5.71 -29.71 -11.87
C TRP F 155 5.62 -28.86 -10.61
N VAL F 156 4.49 -28.18 -10.43
CA VAL F 156 4.31 -27.35 -9.24
C VAL F 156 3.97 -28.22 -8.02
N TYR F 157 3.34 -29.39 -8.27
CA TYR F 157 2.92 -30.36 -7.24
C TYR F 157 3.40 -31.81 -7.50
N GLU F 158 3.55 -32.58 -6.43
CA GLU F 158 4.10 -33.97 -6.49
C GLU F 158 3.19 -35.01 -7.14
N HIS G 7 -16.10 9.09 -26.25
CA HIS G 7 -14.94 8.23 -25.78
C HIS G 7 -14.25 7.44 -26.93
N ASP G 8 -13.08 6.91 -26.61
CA ASP G 8 -12.08 6.50 -27.60
C ASP G 8 -12.21 5.04 -28.16
N GLU G 9 -11.35 4.81 -29.15
CA GLU G 9 -11.19 3.57 -29.88
C GLU G 9 -10.99 2.32 -29.02
N ARG G 10 -11.69 1.25 -29.36
CA ARG G 10 -11.56 0.01 -28.65
C ARG G 10 -11.11 -1.10 -29.58
N THR G 11 -10.31 -2.03 -29.07
CA THR G 11 -9.86 -3.20 -29.82
C THR G 11 -9.95 -4.52 -29.02
N PHE G 12 -10.34 -5.62 -29.66
CA PHE G 12 -10.38 -6.94 -29.03
C PHE G 12 -8.97 -7.51 -28.90
N VAL G 13 -8.54 -7.82 -27.68
CA VAL G 13 -7.31 -8.57 -27.44
C VAL G 13 -7.60 -9.80 -26.60
N MET G 14 -6.87 -10.86 -26.96
CA MET G 14 -7.04 -12.14 -26.36
C MET G 14 -5.68 -12.72 -26.09
N VAL G 15 -5.42 -13.11 -24.86
CA VAL G 15 -4.28 -13.96 -24.60
C VAL G 15 -4.77 -15.36 -24.97
N LYS G 16 -4.11 -16.02 -25.91
CA LYS G 16 -4.56 -17.33 -26.40
C LYS G 16 -4.23 -18.47 -25.43
N PRO G 17 -4.67 -19.70 -25.76
CA PRO G 17 -4.52 -20.87 -24.88
C PRO G 17 -3.09 -21.14 -24.45
N ASP G 18 -2.19 -20.89 -25.38
CA ASP G 18 -0.78 -21.10 -25.09
C ASP G 18 -0.24 -20.08 -24.10
N GLY G 19 -0.81 -18.88 -24.08
CA GLY G 19 -0.38 -17.83 -23.15
C GLY G 19 -0.87 -18.00 -21.72
N VAL G 20 -2.14 -18.31 -21.59
CA VAL G 20 -2.77 -18.63 -20.32
C VAL G 20 -2.07 -19.79 -19.67
N GLN G 21 -1.69 -20.73 -20.51
CA GLN G 21 -1.17 -21.99 -20.07
C GLN G 21 0.35 -21.85 -19.72
N ARG G 22 1.06 -20.87 -20.29
CA ARG G 22 2.52 -20.62 -19.98
C ARG G 22 2.78 -19.54 -18.88
N GLY G 23 1.70 -18.93 -18.40
CA GLY G 23 1.69 -18.08 -17.23
C GLY G 23 1.90 -16.63 -17.60
N LEU G 24 1.39 -16.25 -18.78
CA LEU G 24 1.74 -14.97 -19.39
C LEU G 24 0.61 -14.00 -19.43
N ILE G 25 -0.52 -14.34 -18.85
CA ILE G 25 -1.64 -13.37 -18.92
C ILE G 25 -1.33 -12.12 -18.12
N GLY G 26 -0.54 -12.24 -17.07
CA GLY G 26 -0.22 -11.09 -16.24
C GLY G 26 0.76 -10.15 -16.94
N ASP G 27 1.74 -10.72 -17.65
CA ASP G 27 2.83 -9.95 -18.29
C ASP G 27 2.28 -9.21 -19.50
N ILE G 28 1.36 -9.86 -20.19
CA ILE G 28 0.66 -9.29 -21.31
C ILE G 28 -0.27 -8.22 -20.87
N VAL G 29 -0.96 -8.41 -19.74
CA VAL G 29 -1.81 -7.32 -19.22
C VAL G 29 -0.98 -6.13 -18.77
N THR G 30 0.20 -6.42 -18.26
CA THR G 30 1.06 -5.37 -17.74
C THR G 30 1.56 -4.57 -18.94
N ARG G 31 1.98 -5.21 -20.01
CA ARG G 31 2.46 -4.42 -21.15
C ARG G 31 1.42 -3.45 -21.67
N LEU G 32 0.17 -3.90 -21.70
CA LEU G 32 -0.92 -3.09 -22.21
C LEU G 32 -1.21 -1.94 -21.28
N GLU G 33 -1.34 -2.18 -19.97
CA GLU G 33 -1.77 -1.11 -19.04
C GLU G 33 -0.65 -0.11 -18.81
N THR G 34 0.58 -0.57 -18.97
CA THR G 34 1.74 0.34 -18.88
C THR G 34 1.91 1.23 -20.13
N LYS G 35 1.49 0.75 -21.30
CA LYS G 35 1.40 1.58 -22.53
C LYS G 35 0.45 2.76 -22.32
N GLY G 36 -0.38 2.65 -21.29
CA GLY G 36 -1.29 3.70 -20.95
C GLY G 36 -2.67 3.39 -21.40
N LEU G 37 -2.91 2.20 -21.91
CA LEU G 37 -4.24 1.80 -22.36
C LEU G 37 -5.14 1.38 -21.22
N LYS G 38 -6.43 1.56 -21.47
CA LYS G 38 -7.51 1.38 -20.51
C LYS G 38 -8.26 0.06 -20.79
N MET G 39 -8.08 -0.92 -19.89
CA MET G 39 -8.92 -2.11 -19.90
C MET G 39 -10.38 -1.74 -19.65
N VAL G 40 -11.28 -2.21 -20.53
CA VAL G 40 -12.76 -2.01 -20.40
C VAL G 40 -13.56 -3.31 -20.50
N GLY G 41 -12.89 -4.39 -20.82
CA GLY G 41 -13.51 -5.71 -20.85
C GLY G 41 -12.39 -6.69 -20.48
N GLY G 42 -12.73 -7.68 -19.70
CA GLY G 42 -11.80 -8.69 -19.28
C GLY G 42 -12.60 -9.89 -18.83
N LYS G 43 -12.27 -11.03 -19.42
CA LYS G 43 -13.00 -12.24 -19.11
C LYS G 43 -12.18 -13.49 -19.44
N PHE G 44 -12.14 -14.43 -18.48
CA PHE G 44 -11.48 -15.69 -18.62
C PHE G 44 -12.52 -16.69 -19.03
N MET G 45 -12.31 -17.35 -20.16
CA MET G 45 -13.35 -18.11 -20.74
C MET G 45 -12.79 -19.19 -21.62
N ARG G 46 -13.67 -20.07 -22.10
CA ARG G 46 -13.30 -21.06 -23.11
C ARG G 46 -13.94 -20.53 -24.40
N ILE G 47 -13.32 -20.78 -25.54
CA ILE G 47 -13.93 -20.46 -26.84
C ILE G 47 -14.49 -21.79 -27.34
N ASP G 48 -15.81 -21.85 -27.51
CA ASP G 48 -16.37 -23.08 -28.04
C ASP G 48 -16.30 -23.13 -29.58
N GLU G 49 -16.39 -24.35 -30.12
CA GLU G 49 -16.26 -24.60 -31.57
C GLU G 49 -16.95 -23.59 -32.48
N GLU G 50 -18.24 -23.33 -32.29
CA GLU G 50 -19.04 -22.45 -33.18
C GLU G 50 -18.57 -21.03 -33.16
N LEU G 51 -18.12 -20.61 -32.00
CA LEU G 51 -17.63 -19.27 -31.85
C LEU G 51 -16.33 -19.13 -32.63
N ALA G 52 -15.52 -20.17 -32.62
CA ALA G 52 -14.26 -20.15 -33.32
C ALA G 52 -14.53 -20.03 -34.81
N HIS G 53 -15.33 -20.96 -35.36
CA HIS G 53 -15.75 -20.91 -36.77
C HIS G 53 -16.15 -19.45 -37.14
N GLU G 54 -16.92 -18.77 -36.31
CA GLU G 54 -17.32 -17.39 -36.62
C GLU G 54 -16.14 -16.37 -36.56
N HIS G 55 -15.26 -16.54 -35.58
CA HIS G 55 -14.05 -15.73 -35.47
C HIS G 55 -13.05 -15.94 -36.63
N TYR G 56 -12.98 -17.18 -37.11
CA TYR G 56 -12.07 -17.59 -38.19
C TYR G 56 -12.87 -18.02 -39.46
N ALA G 57 -13.94 -17.30 -39.80
CA ALA G 57 -14.81 -17.75 -40.90
C ALA G 57 -14.12 -17.57 -42.27
N GLU G 58 -13.33 -16.50 -42.38
CA GLU G 58 -12.49 -16.28 -43.56
C GLU G 58 -11.67 -17.53 -43.94
N HIS G 59 -10.95 -18.14 -42.98
CA HIS G 59 -10.09 -19.29 -43.30
C HIS G 59 -10.85 -20.63 -43.35
N GLU G 60 -12.19 -20.60 -43.41
CA GLU G 60 -12.99 -21.82 -43.28
C GLU G 60 -12.65 -22.84 -44.37
N ASP G 61 -12.55 -22.36 -45.61
CA ASP G 61 -12.22 -23.22 -46.76
C ASP G 61 -10.71 -23.19 -47.11
N LYS G 62 -9.85 -23.11 -46.09
CA LYS G 62 -8.39 -23.08 -46.26
C LYS G 62 -7.70 -24.26 -45.49
N PRO G 63 -6.42 -24.56 -45.78
CA PRO G 63 -5.78 -25.80 -45.27
C PRO G 63 -5.33 -25.80 -43.79
N PHE G 64 -5.15 -24.60 -43.23
CA PHE G 64 -4.68 -24.45 -41.87
C PHE G 64 -5.87 -24.13 -40.94
N PHE G 65 -7.08 -24.34 -41.43
CA PHE G 65 -8.27 -23.93 -40.71
C PHE G 65 -8.53 -24.73 -39.46
N ASP G 66 -8.57 -26.04 -39.62
CA ASP G 66 -9.03 -26.94 -38.57
C ASP G 66 -8.09 -26.92 -37.38
N GLY G 67 -6.80 -26.79 -37.70
CA GLY G 67 -5.74 -26.65 -36.71
C GLY G 67 -5.91 -25.41 -35.84
N LEU G 68 -6.15 -24.28 -36.49
CA LEU G 68 -6.57 -23.09 -35.81
C LEU G 68 -7.77 -23.26 -34.93
N VAL G 69 -8.79 -23.94 -35.45
CA VAL G 69 -9.96 -24.15 -34.67
C VAL G 69 -9.53 -24.94 -33.42
N SER G 70 -8.88 -26.09 -33.60
CA SER G 70 -8.55 -27.01 -32.51
C SER G 70 -7.70 -26.29 -31.43
N PHE G 71 -6.64 -25.61 -31.87
CA PHE G 71 -5.85 -24.75 -30.98
C PHE G 71 -6.64 -23.68 -30.20
N ILE G 72 -7.47 -22.88 -30.86
CA ILE G 72 -8.18 -21.82 -30.13
C ILE G 72 -9.17 -22.37 -29.11
N THR G 73 -9.54 -23.65 -29.26
CA THR G 73 -10.35 -24.33 -28.27
C THR G 73 -9.62 -25.39 -27.40
N SER G 74 -8.31 -25.59 -27.60
CA SER G 74 -7.54 -26.46 -26.71
C SER G 74 -7.45 -26.00 -25.25
N GLY G 75 -7.72 -24.73 -24.95
CA GLY G 75 -7.82 -24.32 -23.57
C GLY G 75 -8.47 -22.99 -23.36
N PRO G 76 -8.57 -22.58 -22.12
CA PRO G 76 -9.16 -21.27 -21.85
C PRO G 76 -8.27 -20.21 -22.45
N VAL G 77 -8.91 -19.08 -22.78
CA VAL G 77 -8.24 -17.84 -23.21
C VAL G 77 -8.50 -16.80 -22.17
N PHE G 78 -7.79 -15.69 -22.22
CA PHE G 78 -8.21 -14.50 -21.51
C PHE G 78 -8.57 -13.38 -22.53
N ALA G 79 -9.88 -13.17 -22.73
CA ALA G 79 -10.34 -12.26 -23.76
C ALA G 79 -10.45 -10.90 -23.14
N MET G 80 -10.13 -9.88 -23.91
CA MET G 80 -10.12 -8.54 -23.39
C MET G 80 -10.56 -7.50 -24.41
N VAL G 81 -10.96 -6.35 -23.89
CA VAL G 81 -11.12 -5.18 -24.71
C VAL G 81 -10.31 -4.07 -24.09
N TRP G 82 -9.56 -3.39 -24.95
CA TRP G 82 -8.71 -2.31 -24.55
C TRP G 82 -9.11 -1.01 -25.27
N GLU G 83 -9.16 0.09 -24.50
CA GLU G 83 -9.52 1.41 -25.02
C GLU G 83 -8.30 2.38 -24.98
N GLY G 84 -8.29 3.39 -25.84
CA GLY G 84 -7.26 4.39 -25.93
C GLY G 84 -7.06 4.90 -27.37
N ALA G 85 -6.42 6.07 -27.48
CA ALA G 85 -6.00 6.62 -28.77
C ALA G 85 -5.32 5.57 -29.65
N ASP G 86 -5.91 5.38 -30.84
CA ASP G 86 -5.31 4.53 -31.89
C ASP G 86 -5.12 3.11 -31.39
N ALA G 87 -5.95 2.72 -30.45
CA ALA G 87 -5.72 1.55 -29.65
C ALA G 87 -5.39 0.38 -30.53
N THR G 88 -6.15 0.15 -31.59
CA THR G 88 -6.05 -1.10 -32.31
C THR G 88 -4.66 -1.27 -32.90
N ARG G 89 -4.11 -0.15 -33.36
CA ARG G 89 -2.87 -0.17 -34.09
C ARG G 89 -1.81 -0.32 -33.05
N GLN G 90 -1.89 0.48 -32.00
CA GLN G 90 -0.90 0.38 -30.89
C GLN G 90 -0.72 -1.06 -30.44
N VAL G 91 -1.82 -1.75 -30.26
CA VAL G 91 -1.74 -3.09 -29.71
C VAL G 91 -1.15 -4.03 -30.70
N ARG G 92 -1.39 -3.77 -31.96
CA ARG G 92 -0.81 -4.54 -33.01
C ARG G 92 0.72 -4.35 -33.14
N GLN G 93 1.22 -3.14 -32.89
CA GLN G 93 2.68 -2.94 -32.71
C GLN G 93 3.28 -3.54 -31.43
N LEU G 94 2.57 -3.63 -30.31
CA LEU G 94 3.19 -4.29 -29.13
C LEU G 94 3.31 -5.78 -29.38
N MET G 95 2.33 -6.33 -30.13
CA MET G 95 2.33 -7.77 -30.39
C MET G 95 3.49 -8.19 -31.25
N GLY G 96 3.81 -7.40 -32.26
CA GLY G 96 4.81 -7.81 -33.24
C GLY G 96 4.24 -8.74 -34.30
N ALA G 97 5.12 -9.31 -35.14
CA ALA G 97 4.71 -10.08 -36.33
C ALA G 97 3.96 -11.33 -35.95
N THR G 98 2.96 -11.65 -36.77
CA THR G 98 2.14 -12.82 -36.65
C THR G 98 3.02 -14.04 -36.54
N ASP G 99 3.92 -14.33 -37.50
CA ASP G 99 4.91 -15.39 -37.21
C ASP G 99 5.90 -14.83 -36.15
N ALA G 100 5.84 -15.34 -34.93
CA ALA G 100 6.69 -14.91 -33.82
C ALA G 100 8.13 -15.32 -34.03
N GLN G 101 8.39 -16.22 -34.97
CA GLN G 101 9.77 -16.41 -35.40
C GLN G 101 10.32 -15.09 -36.06
N ASP G 102 9.43 -14.20 -36.50
CA ASP G 102 9.84 -12.96 -37.16
C ASP G 102 9.53 -11.68 -36.34
N ALA G 103 8.61 -11.77 -35.40
CA ALA G 103 8.36 -10.64 -34.50
C ALA G 103 9.68 -10.14 -33.93
N ALA G 104 9.80 -8.83 -33.79
CA ALA G 104 11.03 -8.20 -33.33
C ALA G 104 11.14 -8.42 -31.84
N PRO G 105 12.36 -8.43 -31.31
CA PRO G 105 12.53 -8.41 -29.86
C PRO G 105 11.97 -7.12 -29.29
N GLY G 106 11.38 -7.24 -28.11
CA GLY G 106 10.66 -6.13 -27.52
C GLY G 106 9.19 -6.16 -27.79
N THR G 107 8.74 -6.95 -28.77
CA THR G 107 7.32 -7.25 -28.89
C THR G 107 6.93 -8.43 -28.02
N ILE G 108 5.64 -8.59 -27.76
CA ILE G 108 5.12 -9.80 -27.12
C ILE G 108 5.53 -11.14 -27.86
N ARG G 109 5.30 -11.23 -29.15
CA ARG G 109 5.56 -12.49 -29.85
C ARG G 109 7.07 -12.72 -30.01
N GLY G 110 7.82 -11.66 -30.16
CA GLY G 110 9.29 -11.75 -30.30
C GLY G 110 9.99 -12.10 -28.99
N ASP G 111 9.47 -11.65 -27.84
CA ASP G 111 10.04 -12.05 -26.55
C ASP G 111 9.61 -13.46 -26.07
N TYR G 112 8.33 -13.75 -26.27
CA TYR G 112 7.67 -14.97 -25.74
C TYR G 112 7.43 -16.14 -26.69
N GLY G 113 7.40 -15.93 -28.00
CA GLY G 113 7.00 -16.97 -28.93
C GLY G 113 8.10 -17.37 -29.87
N ASN G 114 8.14 -18.65 -30.29
CA ASN G 114 8.66 -18.98 -31.61
C ASN G 114 7.82 -20.06 -32.24
N ASP G 115 6.60 -19.66 -32.56
CA ASP G 115 5.74 -20.48 -33.34
C ASP G 115 4.83 -19.60 -34.12
N LEU G 116 4.31 -20.12 -35.21
CA LEU G 116 3.33 -19.38 -35.96
C LEU G 116 1.99 -19.69 -35.36
N GLY G 117 1.61 -20.95 -35.26
CA GLY G 117 0.31 -21.32 -34.72
C GLY G 117 0.08 -20.89 -33.27
N HIS G 118 1.06 -21.24 -32.41
CA HIS G 118 1.18 -20.93 -31.00
C HIS G 118 1.88 -19.58 -30.76
N ASN G 119 1.09 -18.52 -30.93
CA ASN G 119 1.59 -17.15 -31.05
C ASN G 119 1.00 -16.20 -30.00
N LEU G 120 0.61 -16.79 -28.87
CA LEU G 120 0.45 -16.07 -27.59
C LEU G 120 -0.77 -15.20 -27.48
N ILE G 121 -1.15 -14.56 -28.56
CA ILE G 121 -2.01 -13.42 -28.47
C ILE G 121 -2.72 -13.10 -29.79
N HIS G 122 -3.92 -12.56 -29.67
CA HIS G 122 -4.61 -11.96 -30.82
C HIS G 122 -4.99 -10.55 -30.47
N GLY G 123 -5.03 -9.73 -31.50
CA GLY G 123 -5.41 -8.35 -31.39
C GLY G 123 -6.07 -8.03 -32.69
N SER G 124 -7.12 -7.22 -32.64
CA SER G 124 -7.87 -6.95 -33.86
C SER G 124 -6.95 -6.29 -34.84
N ASP G 125 -7.20 -6.54 -36.13
CA ASP G 125 -6.48 -5.85 -37.23
C ASP G 125 -7.01 -4.44 -37.50
N HIS G 126 -6.10 -3.47 -37.49
CA HIS G 126 -6.42 -2.09 -37.82
C HIS G 126 -6.44 -1.80 -39.33
N GLU G 127 -5.97 -2.75 -40.13
CA GLU G 127 -5.94 -2.70 -41.62
C GLU G 127 -7.19 -3.37 -42.21
N ASP G 128 -7.98 -4.02 -41.35
CA ASP G 128 -9.19 -4.71 -41.72
C ASP G 128 -10.37 -3.93 -41.14
N GLU G 129 -10.92 -3.03 -41.94
CA GLU G 129 -11.96 -2.09 -41.52
C GLU G 129 -12.98 -2.74 -40.59
N GLY G 130 -13.27 -2.07 -39.47
CA GLY G 130 -14.20 -2.53 -38.45
C GLY G 130 -13.99 -3.93 -37.85
N ALA G 131 -12.82 -4.54 -38.05
CA ALA G 131 -12.52 -5.80 -37.39
C ALA G 131 -12.47 -5.61 -35.89
N ASN G 132 -12.09 -4.42 -35.43
CA ASN G 132 -12.15 -4.09 -34.01
C ASN G 132 -13.56 -4.04 -33.37
N GLU G 133 -14.48 -3.24 -33.92
CA GLU G 133 -15.80 -3.11 -33.28
C GLU G 133 -16.60 -4.43 -33.39
N ARG G 134 -16.36 -5.19 -34.47
CA ARG G 134 -17.07 -6.47 -34.78
C ARG G 134 -16.63 -7.65 -33.92
N GLU G 135 -15.31 -7.82 -33.74
CA GLU G 135 -14.75 -8.86 -32.86
C GLU G 135 -15.13 -8.65 -31.38
N ILE G 136 -15.15 -7.39 -30.95
CA ILE G 136 -15.68 -7.04 -29.64
C ILE G 136 -17.19 -7.47 -29.52
N ALA G 137 -17.97 -7.30 -30.60
CA ALA G 137 -19.39 -7.76 -30.64
C ALA G 137 -19.50 -9.25 -30.46
N LEU G 138 -18.61 -9.97 -31.13
CA LEU G 138 -18.58 -11.41 -31.11
C LEU G 138 -18.18 -11.94 -29.73
N PHE G 139 -17.07 -11.47 -29.18
CA PHE G 139 -16.54 -12.00 -27.89
C PHE G 139 -17.13 -11.43 -26.60
N PHE G 140 -17.93 -10.39 -26.72
CA PHE G 140 -18.46 -9.69 -25.55
C PHE G 140 -19.91 -9.20 -25.81
N ASP G 141 -20.70 -9.11 -24.73
CA ASP G 141 -21.88 -8.20 -24.70
C ASP G 141 -21.44 -6.93 -23.95
N ASP G 142 -22.27 -5.90 -23.93
CA ASP G 142 -21.84 -4.65 -23.28
C ASP G 142 -22.08 -4.68 -21.77
N ASP G 143 -22.67 -5.76 -21.29
CA ASP G 143 -22.79 -5.99 -19.85
C ASP G 143 -21.38 -6.23 -19.31
N GLU G 144 -20.59 -6.92 -20.13
CA GLU G 144 -19.23 -7.37 -19.78
C GLU G 144 -18.17 -6.33 -20.14
N LEU G 145 -18.62 -5.24 -20.74
CA LEU G 145 -17.79 -4.06 -20.95
C LEU G 145 -18.08 -3.09 -19.82
N VAL G 146 -17.18 -2.15 -19.54
CA VAL G 146 -17.37 -1.16 -18.50
C VAL G 146 -16.94 0.22 -18.99
N ASP G 147 -17.75 1.23 -18.71
CA ASP G 147 -17.37 2.59 -19.00
C ASP G 147 -16.85 3.15 -17.73
N TRP G 148 -15.60 3.57 -17.70
CA TRP G 148 -15.07 4.27 -16.55
C TRP G 148 -14.08 5.29 -17.00
N ASP G 149 -13.66 6.19 -16.09
CA ASP G 149 -12.54 7.07 -16.41
C ASP G 149 -11.25 6.68 -15.61
N ARG G 150 -10.19 6.34 -16.32
N ARG G 150 -10.21 6.41 -16.37
CA ARG G 150 -8.91 6.08 -15.67
CA ARG G 150 -8.88 6.21 -15.85
C ARG G 150 -8.28 7.44 -15.49
C ARG G 150 -8.35 7.58 -15.53
N ASP G 151 -8.37 7.98 -14.26
CA ASP G 151 -7.74 9.25 -13.89
C ASP G 151 -6.38 9.46 -14.55
N ALA G 152 -5.55 8.41 -14.63
CA ALA G 152 -4.19 8.58 -15.17
C ALA G 152 -4.10 8.97 -16.64
N SER G 153 -5.18 8.79 -17.41
CA SER G 153 -5.33 9.27 -18.79
C SER G 153 -5.08 10.77 -18.97
N ALA G 154 -5.15 11.56 -17.90
CA ALA G 154 -4.86 13.01 -17.99
C ALA G 154 -3.34 13.26 -17.96
N TRP G 155 -2.59 12.18 -17.83
CA TRP G 155 -1.15 12.21 -18.07
C TRP G 155 -0.73 11.37 -19.26
N VAL G 156 -1.47 10.33 -19.63
CA VAL G 156 -1.13 9.55 -20.84
C VAL G 156 -1.36 10.35 -22.12
N TYR G 157 -2.39 11.20 -22.14
CA TYR G 157 -2.67 12.12 -23.25
C TYR G 157 -2.92 13.59 -22.77
N GLU G 158 -2.75 14.52 -23.71
CA GLU G 158 -2.86 15.97 -23.40
C GLU G 158 -4.27 16.49 -23.66
N HIS H 7 14.38 -34.55 -32.30
CA HIS H 7 15.47 -33.74 -31.69
C HIS H 7 15.67 -32.47 -32.53
N ASP H 8 15.21 -31.34 -31.99
CA ASP H 8 15.17 -30.10 -32.77
C ASP H 8 16.56 -29.39 -32.67
N GLU H 9 16.60 -28.14 -33.13
CA GLU H 9 17.87 -27.42 -33.36
C GLU H 9 18.57 -26.99 -32.13
N ARG H 10 19.90 -26.94 -32.22
CA ARG H 10 20.76 -26.56 -31.12
C ARG H 10 21.70 -25.45 -31.52
N THR H 11 21.90 -24.48 -30.63
CA THR H 11 22.84 -23.40 -30.84
C THR H 11 23.80 -23.19 -29.62
N PHE H 12 25.02 -22.82 -29.90
CA PHE H 12 25.94 -22.44 -28.84
C PHE H 12 25.82 -20.95 -28.55
N VAL H 13 25.76 -20.61 -27.27
CA VAL H 13 25.43 -19.27 -26.81
C VAL H 13 26.24 -19.18 -25.57
N MET H 14 27.05 -18.12 -25.46
CA MET H 14 27.65 -17.78 -24.16
C MET H 14 27.51 -16.34 -23.68
N VAL H 15 27.51 -16.19 -22.36
CA VAL H 15 27.66 -14.90 -21.74
C VAL H 15 29.13 -14.61 -21.61
N LYS H 16 29.59 -13.61 -22.36
CA LYS H 16 31.02 -13.22 -22.36
C LYS H 16 31.43 -12.67 -21.00
N PRO H 17 32.73 -12.51 -20.78
CA PRO H 17 33.19 -12.05 -19.46
C PRO H 17 32.58 -10.78 -18.96
N ASP H 18 32.29 -9.84 -19.86
CA ASP H 18 31.68 -8.60 -19.41
C ASP H 18 30.27 -8.76 -18.92
N GLY H 19 29.55 -9.79 -19.34
CA GLY H 19 28.17 -9.98 -18.86
C GLY H 19 28.14 -10.64 -17.51
N VAL H 20 29.10 -11.52 -17.35
CA VAL H 20 29.31 -12.16 -16.07
C VAL H 20 29.73 -11.16 -15.05
N GLN H 21 30.56 -10.19 -15.44
CA GLN H 21 31.11 -9.27 -14.46
C GLN H 21 30.13 -8.19 -14.06
N ARG H 22 29.16 -7.91 -14.92
CA ARG H 22 28.14 -6.89 -14.63
C ARG H 22 26.89 -7.54 -14.11
N GLY H 23 27.00 -8.86 -13.92
CA GLY H 23 26.03 -9.71 -13.28
C GLY H 23 24.75 -9.92 -14.05
N LEU H 24 24.89 -10.39 -15.28
CA LEU H 24 23.78 -10.45 -16.22
C LEU H 24 23.51 -11.83 -16.75
N ILE H 25 23.95 -12.85 -16.04
CA ILE H 25 23.78 -14.22 -16.53
C ILE H 25 22.34 -14.62 -16.43
N GLY H 26 21.72 -14.11 -15.38
CA GLY H 26 20.37 -14.47 -15.04
C GLY H 26 19.39 -13.83 -16.02
N ASP H 27 19.62 -12.56 -16.34
CA ASP H 27 18.79 -11.86 -17.29
C ASP H 27 18.82 -12.48 -18.66
N ILE H 28 19.99 -12.85 -19.13
CA ILE H 28 20.15 -13.45 -20.44
C ILE H 28 19.60 -14.82 -20.35
N VAL H 29 19.85 -15.53 -19.28
CA VAL H 29 19.29 -16.87 -19.22
C VAL H 29 17.77 -16.81 -19.28
N THR H 30 17.19 -15.79 -18.66
CA THR H 30 15.75 -15.62 -18.52
C THR H 30 15.15 -15.19 -19.86
N ARG H 31 15.83 -14.34 -20.61
CA ARG H 31 15.20 -13.93 -21.88
C ARG H 31 15.17 -15.10 -22.83
N LEU H 32 16.20 -15.91 -22.78
CA LEU H 32 16.27 -17.17 -23.51
C LEU H 32 15.23 -18.21 -23.10
N GLU H 33 14.96 -18.39 -21.80
CA GLU H 33 13.96 -19.36 -21.30
C GLU H 33 12.58 -18.93 -21.69
N THR H 34 12.37 -17.65 -21.56
CA THR H 34 11.08 -17.08 -21.78
C THR H 34 10.68 -17.09 -23.26
N LYS H 35 11.65 -17.04 -24.16
CA LYS H 35 11.42 -17.20 -25.59
C LYS H 35 10.87 -18.61 -25.94
N GLY H 36 11.11 -19.60 -25.08
CA GLY H 36 10.58 -20.96 -25.26
C GLY H 36 11.67 -22.00 -25.49
N LEU H 37 12.92 -21.52 -25.44
CA LEU H 37 14.04 -22.36 -25.75
C LEU H 37 14.36 -23.20 -24.54
N LYS H 38 14.89 -24.37 -24.83
CA LYS H 38 15.20 -25.42 -23.92
C LYS H 38 16.70 -25.44 -23.75
N MET H 39 17.14 -25.10 -22.53
CA MET H 39 18.56 -25.17 -22.20
C MET H 39 18.90 -26.63 -22.23
N VAL H 40 19.98 -27.03 -22.89
CA VAL H 40 20.46 -28.41 -22.81
C VAL H 40 21.90 -28.49 -22.34
N GLY H 41 22.60 -27.39 -22.30
CA GLY H 41 23.93 -27.38 -21.72
C GLY H 41 24.23 -26.06 -21.06
N GLY H 42 25.14 -26.11 -20.13
CA GLY H 42 25.43 -24.94 -19.35
C GLY H 42 26.62 -25.27 -18.48
N LYS H 43 27.69 -24.53 -18.66
CA LYS H 43 28.86 -24.64 -17.84
C LYS H 43 29.37 -23.23 -17.51
N PHE H 44 29.65 -22.97 -16.22
CA PHE H 44 30.41 -21.77 -15.81
C PHE H 44 31.90 -22.11 -15.92
N MET H 45 32.67 -21.29 -16.63
CA MET H 45 34.01 -21.69 -16.93
C MET H 45 34.85 -20.57 -17.45
N ARG H 46 36.15 -20.86 -17.57
CA ARG H 46 37.07 -19.99 -18.27
C ARG H 46 37.52 -20.61 -19.59
N ILE H 47 37.70 -19.74 -20.59
CA ILE H 47 38.16 -20.10 -21.91
C ILE H 47 39.64 -19.83 -21.84
N ASP H 48 40.48 -20.86 -21.98
CA ASP H 48 41.92 -20.61 -22.11
C ASP H 48 42.34 -20.28 -23.57
N GLU H 49 43.56 -19.76 -23.75
CA GLU H 49 44.03 -19.21 -25.02
C GLU H 49 43.86 -20.17 -26.21
N GLU H 50 44.08 -21.45 -25.97
CA GLU H 50 43.98 -22.49 -27.01
C GLU H 50 42.54 -22.56 -27.41
N LEU H 51 41.64 -22.45 -26.43
CA LEU H 51 40.24 -22.48 -26.74
C LEU H 51 39.86 -21.24 -27.54
N ALA H 52 40.30 -20.06 -27.11
CA ALA H 52 39.94 -18.83 -27.80
C ALA H 52 40.56 -18.72 -29.19
N HIS H 53 41.70 -19.37 -29.43
CA HIS H 53 42.30 -19.44 -30.78
C HIS H 53 41.51 -20.42 -31.68
N GLU H 54 41.12 -21.58 -31.16
CA GLU H 54 40.33 -22.52 -31.96
C GLU H 54 39.01 -21.85 -32.40
N HIS H 55 38.43 -21.02 -31.54
CA HIS H 55 37.12 -20.43 -31.78
C HIS H 55 37.18 -19.13 -32.62
N TYR H 56 38.31 -18.44 -32.56
CA TYR H 56 38.51 -17.17 -33.26
C TYR H 56 39.58 -17.28 -34.41
N ALA H 57 39.62 -18.46 -35.06
CA ALA H 57 40.56 -18.80 -36.15
C ALA H 57 40.34 -18.01 -37.42
N GLU H 58 39.16 -18.12 -38.00
CA GLU H 58 38.67 -17.09 -38.92
C GLU H 58 39.50 -15.80 -38.77
N HIS H 59 39.70 -15.36 -37.54
CA HIS H 59 40.26 -14.06 -37.27
C HIS H 59 41.77 -13.95 -36.96
N GLU H 60 42.56 -15.03 -36.97
CA GLU H 60 44.01 -14.95 -36.62
C GLU H 60 44.78 -13.85 -37.37
N ASP H 61 44.71 -13.90 -38.70
CA ASP H 61 45.20 -12.83 -39.61
C ASP H 61 44.64 -11.41 -39.24
N LYS H 62 43.35 -11.30 -38.91
CA LYS H 62 42.76 -9.98 -38.59
C LYS H 62 43.50 -9.23 -37.44
N PRO H 63 43.23 -7.91 -37.29
CA PRO H 63 43.97 -7.03 -36.35
C PRO H 63 43.37 -6.72 -34.95
N PHE H 64 42.05 -6.68 -34.79
CA PHE H 64 41.41 -6.59 -33.46
C PHE H 64 41.56 -7.92 -32.72
N PHE H 65 42.05 -8.95 -33.43
CA PHE H 65 42.16 -10.35 -32.97
C PHE H 65 42.79 -10.61 -31.61
N ASP H 66 43.80 -9.79 -31.30
CA ASP H 66 44.60 -9.99 -30.12
C ASP H 66 43.81 -9.45 -28.90
N GLY H 67 43.12 -8.32 -29.09
CA GLY H 67 42.20 -7.78 -28.10
C GLY H 67 41.04 -8.73 -27.84
N LEU H 68 40.51 -9.30 -28.90
CA LEU H 68 39.49 -10.34 -28.85
C LEU H 68 39.82 -11.52 -27.96
N VAL H 69 41.04 -12.02 -28.10
CA VAL H 69 41.43 -13.23 -27.41
C VAL H 69 41.74 -12.93 -25.98
N SER H 70 42.34 -11.76 -25.75
CA SER H 70 42.61 -11.28 -24.41
C SER H 70 41.32 -11.00 -23.65
N PHE H 71 40.36 -10.41 -24.37
CA PHE H 71 39.09 -10.08 -23.77
C PHE H 71 38.38 -11.35 -23.39
N ILE H 72 38.30 -12.32 -24.31
CA ILE H 72 37.46 -13.52 -24.09
C ILE H 72 38.08 -14.46 -23.12
N THR H 73 39.28 -14.10 -22.72
CA THR H 73 40.07 -14.83 -21.80
C THR H 73 40.24 -14.06 -20.46
N SER H 74 39.63 -12.88 -20.33
CA SER H 74 39.84 -12.04 -19.14
C SER H 74 39.01 -12.39 -17.89
N GLY H 75 38.17 -13.42 -17.99
CA GLY H 75 37.29 -13.82 -16.90
C GLY H 75 36.42 -14.97 -17.34
N PRO H 76 35.67 -15.57 -16.42
CA PRO H 76 34.80 -16.66 -16.82
C PRO H 76 33.73 -16.19 -17.75
N VAL H 77 33.27 -17.13 -18.56
CA VAL H 77 32.06 -17.04 -19.38
C VAL H 77 31.03 -17.98 -18.80
N PHE H 78 29.74 -17.79 -19.09
CA PHE H 78 28.77 -18.87 -18.94
C PHE H 78 28.35 -19.35 -20.33
N ALA H 79 28.92 -20.47 -20.69
CA ALA H 79 28.73 -21.09 -21.96
C ALA H 79 27.56 -22.00 -21.87
N MET H 80 26.72 -21.98 -22.89
CA MET H 80 25.49 -22.72 -22.88
C MET H 80 25.18 -23.36 -24.23
N VAL H 81 24.21 -24.26 -24.22
CA VAL H 81 23.61 -24.75 -25.45
C VAL H 81 22.08 -24.76 -25.29
N TRP H 82 21.41 -24.26 -26.28
CA TRP H 82 19.98 -24.11 -26.26
C TRP H 82 19.39 -24.80 -27.49
N GLU H 83 18.23 -25.41 -27.36
CA GLU H 83 17.56 -26.14 -28.41
C GLU H 83 16.14 -25.52 -28.57
N GLY H 84 15.61 -25.58 -29.79
CA GLY H 84 14.28 -25.17 -30.08
C GLY H 84 14.15 -25.00 -31.59
N ALA H 85 12.93 -24.76 -32.06
CA ALA H 85 12.67 -24.56 -33.51
C ALA H 85 13.37 -23.31 -33.98
N ASP H 86 14.30 -23.46 -34.93
CA ASP H 86 15.10 -22.36 -35.48
C ASP H 86 15.91 -21.62 -34.41
N ALA H 87 16.28 -22.32 -33.36
CA ALA H 87 17.02 -21.76 -32.23
C ALA H 87 18.12 -20.81 -32.65
N THR H 88 18.89 -21.22 -33.66
CA THR H 88 20.13 -20.53 -33.99
C THR H 88 19.83 -19.13 -34.47
N ARG H 89 18.81 -19.00 -35.31
N ARG H 89 18.81 -19.00 -35.31
CA ARG H 89 18.39 -17.69 -35.82
CA ARG H 89 18.40 -17.69 -35.80
C ARG H 89 17.71 -16.92 -34.70
C ARG H 89 17.71 -16.91 -34.69
N GLN H 90 16.75 -17.55 -34.04
CA GLN H 90 16.03 -16.96 -32.92
C GLN H 90 17.00 -16.36 -31.92
N VAL H 91 18.08 -17.08 -31.59
CA VAL H 91 18.99 -16.53 -30.59
C VAL H 91 19.64 -15.32 -31.19
N ARG H 92 20.09 -15.41 -32.43
CA ARG H 92 20.64 -14.24 -33.14
C ARG H 92 19.79 -12.97 -33.13
N GLN H 93 18.53 -13.10 -33.52
CA GLN H 93 17.57 -12.03 -33.42
C GLN H 93 17.51 -11.45 -31.99
N LEU H 94 17.51 -12.31 -30.96
CA LEU H 94 17.35 -11.83 -29.57
C LEU H 94 18.53 -10.95 -29.15
N MET H 95 19.76 -11.38 -29.53
CA MET H 95 21.01 -10.67 -29.25
C MET H 95 21.19 -9.26 -29.87
N GLY H 96 20.63 -9.05 -31.07
CA GLY H 96 20.90 -7.86 -31.87
C GLY H 96 22.23 -7.77 -32.63
N ALA H 97 22.40 -6.70 -33.41
CA ALA H 97 23.70 -6.39 -34.06
C ALA H 97 24.92 -6.48 -33.12
N THR H 98 26.03 -6.80 -33.78
CA THR H 98 27.24 -7.26 -33.17
C THR H 98 27.74 -6.17 -32.37
N ASP H 99 27.70 -5.00 -33.01
CA ASP H 99 28.07 -3.71 -32.44
C ASP H 99 26.81 -3.31 -31.71
N ALA H 100 26.86 -3.23 -30.39
CA ALA H 100 25.67 -3.00 -29.56
C ALA H 100 25.17 -1.55 -29.60
N GLN H 101 26.07 -0.67 -29.98
CA GLN H 101 25.75 0.72 -30.29
C GLN H 101 24.70 0.80 -31.39
N ASP H 102 24.65 -0.24 -32.21
CA ASP H 102 23.69 -0.29 -33.32
C ASP H 102 22.54 -1.27 -33.05
N ALA H 103 22.64 -2.04 -31.99
CA ALA H 103 21.66 -3.07 -31.71
C ALA H 103 20.42 -2.34 -31.33
N ALA H 104 19.30 -2.89 -31.74
CA ALA H 104 18.02 -2.26 -31.52
C ALA H 104 17.65 -2.52 -30.06
N PRO H 105 17.04 -1.55 -29.40
CA PRO H 105 16.54 -1.72 -28.05
C PRO H 105 15.48 -2.81 -28.05
N GLY H 106 15.31 -3.52 -26.94
CA GLY H 106 14.54 -4.76 -26.90
C GLY H 106 15.37 -6.01 -27.16
N THR H 107 16.56 -5.81 -27.76
CA THR H 107 17.56 -6.86 -27.88
C THR H 107 18.51 -6.85 -26.70
N ILE H 108 19.20 -7.96 -26.50
CA ILE H 108 20.21 -8.12 -25.44
C ILE H 108 21.33 -7.06 -25.53
N ARG H 109 22.03 -7.06 -26.65
CA ARG H 109 23.06 -6.05 -26.86
C ARG H 109 22.49 -4.65 -26.83
N GLY H 110 21.31 -4.44 -27.37
CA GLY H 110 20.75 -3.10 -27.47
C GLY H 110 20.28 -2.48 -26.16
N ASP H 111 19.83 -3.35 -25.26
CA ASP H 111 19.36 -3.00 -23.92
C ASP H 111 20.55 -2.85 -22.91
N TYR H 112 21.60 -3.63 -23.07
CA TYR H 112 22.64 -3.68 -22.06
C TYR H 112 23.99 -3.09 -22.51
N GLY H 113 24.18 -3.01 -23.82
CA GLY H 113 25.48 -2.95 -24.42
C GLY H 113 25.70 -1.55 -24.89
N ASN H 114 26.90 -1.08 -24.68
CA ASN H 114 27.32 0.12 -25.35
C ASN H 114 28.73 0.08 -25.91
N ASP H 115 29.09 -1.03 -26.58
CA ASP H 115 30.48 -1.24 -27.06
C ASP H 115 30.48 -2.40 -28.04
N LEU H 116 31.42 -2.41 -28.98
CA LEU H 116 31.44 -3.49 -29.98
C LEU H 116 32.26 -4.66 -29.50
N GLY H 117 33.34 -4.37 -28.77
CA GLY H 117 34.19 -5.41 -28.23
C GLY H 117 33.55 -6.07 -27.00
N HIS H 118 32.94 -5.24 -26.15
CA HIS H 118 32.29 -5.71 -24.89
C HIS H 118 30.83 -5.72 -25.12
N ASN H 119 30.40 -6.80 -25.76
CA ASN H 119 29.06 -6.88 -26.34
C ASN H 119 28.39 -8.12 -25.86
N LEU H 120 28.80 -8.60 -24.69
CA LEU H 120 27.96 -9.35 -23.73
C LEU H 120 27.73 -10.84 -23.96
N ILE H 121 27.54 -11.22 -25.20
CA ILE H 121 26.96 -12.51 -25.47
C ILE H 121 27.46 -12.92 -26.87
N HIS H 122 27.68 -14.20 -27.06
CA HIS H 122 27.94 -14.74 -28.37
C HIS H 122 26.93 -15.80 -28.53
N GLY H 123 26.44 -15.90 -29.74
CA GLY H 123 25.59 -16.98 -30.16
C GLY H 123 25.95 -17.39 -31.55
N SER H 124 25.71 -18.67 -31.86
CA SER H 124 26.17 -19.25 -33.13
C SER H 124 25.48 -18.54 -34.27
N ASP H 125 26.25 -18.20 -35.28
CA ASP H 125 25.72 -17.53 -36.48
C ASP H 125 25.09 -18.55 -37.42
N HIS H 126 23.83 -18.40 -37.71
CA HIS H 126 23.11 -19.29 -38.61
C HIS H 126 23.32 -19.08 -40.11
N GLU H 127 24.28 -18.23 -40.50
CA GLU H 127 24.58 -17.97 -41.92
C GLU H 127 25.95 -18.52 -42.21
N ASP H 128 26.41 -19.35 -41.29
CA ASP H 128 27.64 -20.09 -41.39
C ASP H 128 27.20 -21.54 -41.11
N GLU H 129 27.09 -22.35 -42.17
CA GLU H 129 26.49 -23.70 -42.08
C GLU H 129 27.33 -24.58 -41.15
N GLY H 130 26.72 -25.06 -40.07
CA GLY H 130 27.39 -25.90 -39.09
C GLY H 130 28.38 -25.24 -38.11
N ALA H 131 28.31 -23.93 -37.94
CA ALA H 131 29.07 -23.24 -36.90
C ALA H 131 28.39 -23.53 -35.57
N ASN H 132 27.09 -23.83 -35.60
CA ASN H 132 26.34 -24.25 -34.42
C ASN H 132 26.77 -25.62 -33.92
N GLU H 133 26.91 -26.59 -34.83
CA GLU H 133 27.39 -27.92 -34.42
C GLU H 133 28.92 -27.92 -34.18
N ARG H 134 29.65 -27.03 -34.85
CA ARG H 134 31.08 -26.86 -34.62
C ARG H 134 31.31 -26.37 -33.21
N GLU H 135 30.73 -25.21 -32.90
CA GLU H 135 30.98 -24.50 -31.63
C GLU H 135 30.57 -25.33 -30.39
N ILE H 136 29.42 -25.99 -30.51
CA ILE H 136 28.92 -26.85 -29.44
C ILE H 136 29.90 -28.00 -29.19
N ALA H 137 30.49 -28.53 -30.27
CA ALA H 137 31.47 -29.62 -30.19
C ALA H 137 32.80 -29.17 -29.59
N LEU H 138 33.09 -27.89 -29.74
CA LEU H 138 34.27 -27.29 -29.12
C LEU H 138 34.13 -27.13 -27.58
N PHE H 139 33.05 -26.49 -27.15
CA PHE H 139 32.98 -25.96 -25.82
C PHE H 139 32.43 -26.97 -24.89
N PHE H 140 31.80 -27.99 -25.47
CA PHE H 140 31.13 -28.98 -24.71
C PHE H 140 31.55 -30.39 -25.13
N ASP H 141 31.33 -31.32 -24.22
CA ASP H 141 31.18 -32.74 -24.52
C ASP H 141 29.73 -33.15 -24.28
N ASP H 142 29.32 -34.30 -24.80
CA ASP H 142 27.97 -34.85 -24.58
C ASP H 142 27.67 -35.16 -23.11
N ASP H 143 28.73 -35.50 -22.39
CA ASP H 143 28.70 -35.65 -20.95
C ASP H 143 27.92 -34.51 -20.28
N GLU H 144 28.10 -33.28 -20.83
CA GLU H 144 27.61 -32.02 -20.28
C GLU H 144 26.36 -31.47 -21.01
N LEU H 145 25.90 -32.20 -22.03
CA LEU H 145 24.60 -32.01 -22.66
C LEU H 145 23.58 -33.00 -22.11
N VAL H 146 22.33 -32.58 -22.12
CA VAL H 146 21.28 -33.33 -21.54
C VAL H 146 20.17 -33.45 -22.57
N ASP H 147 19.77 -34.67 -22.88
CA ASP H 147 18.56 -34.84 -23.65
C ASP H 147 17.49 -34.96 -22.58
N TRP H 148 16.48 -34.11 -22.63
CA TRP H 148 15.31 -34.21 -21.78
C TRP H 148 14.14 -33.67 -22.51
N ASP H 149 12.97 -33.90 -21.91
CA ASP H 149 11.70 -33.47 -22.45
C ASP H 149 11.21 -32.33 -21.58
N ARG H 150 10.95 -31.21 -22.23
CA ARG H 150 10.40 -30.03 -21.58
C ARG H 150 8.92 -30.02 -21.84
N ASP H 151 8.13 -30.20 -20.78
CA ASP H 151 6.69 -30.37 -20.94
C ASP H 151 5.99 -29.09 -21.40
N ALA H 152 6.59 -27.94 -21.14
CA ALA H 152 6.01 -26.71 -21.66
C ALA H 152 6.23 -26.51 -23.16
N SER H 153 7.03 -27.35 -23.81
CA SER H 153 7.17 -27.26 -25.26
C SER H 153 5.89 -27.69 -25.98
N ALA H 154 5.06 -28.48 -25.33
CA ALA H 154 3.71 -28.72 -25.84
C ALA H 154 2.80 -27.45 -25.88
N TRP H 155 3.24 -26.31 -25.35
CA TRP H 155 2.50 -25.07 -25.59
C TRP H 155 3.29 -24.08 -26.41
N VAL H 156 4.60 -24.19 -26.42
CA VAL H 156 5.37 -23.31 -27.29
C VAL H 156 5.16 -23.65 -28.76
N TYR H 157 5.11 -24.94 -29.06
CA TYR H 157 5.03 -25.47 -30.40
C TYR H 157 3.72 -26.23 -30.61
N GLU H 158 3.02 -25.93 -31.70
CA GLU H 158 1.95 -26.80 -32.12
C GLU H 158 2.59 -28.15 -32.50
N ASP I 8 33.30 9.91 -22.38
CA ASP I 8 33.34 11.40 -22.05
C ASP I 8 32.09 12.18 -22.51
N GLU I 9 31.57 11.84 -23.69
CA GLU I 9 30.40 12.54 -24.23
C GLU I 9 29.27 12.63 -23.21
N ARG I 10 28.46 13.68 -23.29
CA ARG I 10 27.41 13.92 -22.30
C ARG I 10 26.13 14.27 -23.00
N THR I 11 25.03 13.90 -22.38
CA THR I 11 23.72 14.15 -22.94
C THR I 11 22.73 14.50 -21.90
N PHE I 12 21.92 15.47 -22.24
CA PHE I 12 20.85 15.91 -21.36
C PHE I 12 19.63 15.07 -21.62
N VAL I 13 19.11 14.44 -20.56
CA VAL I 13 17.89 13.65 -20.65
C VAL I 13 17.05 14.06 -19.50
N MET I 14 15.76 14.25 -19.71
CA MET I 14 14.87 14.62 -18.65
C MET I 14 13.59 13.82 -18.84
N VAL I 15 13.00 13.41 -17.72
CA VAL I 15 11.70 12.80 -17.65
C VAL I 15 10.69 13.94 -17.53
N LYS I 16 9.69 13.90 -18.38
CA LYS I 16 8.74 15.02 -18.41
C LYS I 16 7.69 14.88 -17.33
N PRO I 17 6.93 15.95 -17.09
CA PRO I 17 5.86 15.90 -16.09
C PRO I 17 5.00 14.63 -16.19
N ASP I 18 4.70 14.17 -17.41
CA ASP I 18 3.93 12.95 -17.50
C ASP I 18 4.68 11.69 -17.00
N GLY I 19 5.98 11.53 -17.29
CA GLY I 19 6.75 10.42 -16.72
C GLY I 19 6.75 10.46 -15.18
N VAL I 20 6.91 11.65 -14.63
CA VAL I 20 7.02 11.85 -13.20
C VAL I 20 5.70 11.48 -12.58
N GLN I 21 4.63 11.96 -13.19
CA GLN I 21 3.29 11.77 -12.66
C GLN I 21 2.89 10.27 -12.70
N ARG I 22 3.28 9.57 -13.74
CA ARG I 22 2.90 8.17 -13.91
C ARG I 22 3.85 7.16 -13.21
N GLY I 23 4.88 7.63 -12.48
CA GLY I 23 5.77 6.75 -11.73
C GLY I 23 6.88 6.02 -12.47
N LEU I 24 7.33 6.66 -13.55
CA LEU I 24 8.36 6.11 -14.45
C LEU I 24 9.74 6.61 -14.24
N ILE I 25 10.00 7.44 -13.21
CA ILE I 25 11.36 8.00 -13.05
C ILE I 25 12.40 6.91 -12.97
N GLY I 26 12.06 5.91 -12.18
CA GLY I 26 12.96 4.82 -11.88
C GLY I 26 13.03 3.82 -13.01
N ASP I 27 11.91 3.52 -13.64
CA ASP I 27 11.98 2.65 -14.83
C ASP I 27 13.01 3.25 -15.84
N ILE I 28 13.03 4.57 -15.98
CA ILE I 28 13.74 5.20 -17.08
C ILE I 28 15.18 5.32 -16.67
N VAL I 29 15.44 5.71 -15.44
CA VAL I 29 16.83 5.75 -14.96
C VAL I 29 17.46 4.39 -15.07
N THR I 30 16.69 3.35 -14.74
CA THR I 30 17.16 1.97 -14.82
C THR I 30 17.49 1.54 -16.24
N ARG I 31 16.75 1.94 -17.26
CA ARG I 31 17.21 1.58 -18.62
C ARG I 31 18.47 2.32 -19.03
N LEU I 32 18.75 3.48 -18.46
CA LEU I 32 19.98 4.22 -18.75
C LEU I 32 21.22 3.62 -18.05
N GLU I 33 21.08 3.23 -16.77
CA GLU I 33 22.12 2.55 -16.00
C GLU I 33 22.35 1.16 -16.54
N THR I 34 21.31 0.49 -17.01
CA THR I 34 21.49 -0.86 -17.53
C THR I 34 22.26 -0.87 -18.83
N LYS I 35 22.05 0.16 -19.62
CA LYS I 35 22.75 0.30 -20.89
C LYS I 35 24.24 0.49 -20.73
N GLY I 36 24.73 0.80 -19.53
CA GLY I 36 26.14 1.08 -19.29
C GLY I 36 26.49 2.58 -19.21
N LEU I 37 25.48 3.42 -19.43
CA LEU I 37 25.66 4.88 -19.25
C LEU I 37 25.90 5.34 -17.80
N LYS I 38 26.45 6.54 -17.63
CA LYS I 38 26.85 7.03 -16.33
C LYS I 38 26.09 8.27 -16.01
N MET I 39 25.30 8.23 -14.94
CA MET I 39 24.67 9.46 -14.50
C MET I 39 25.76 10.36 -14.01
N VAL I 40 25.73 11.63 -14.42
CA VAL I 40 26.65 12.63 -13.86
C VAL I 40 25.92 13.84 -13.31
N GLY I 41 24.62 13.83 -13.45
CA GLY I 41 23.85 14.95 -13.00
C GLY I 41 22.42 14.52 -12.90
N GLY I 42 21.76 14.98 -11.87
CA GLY I 42 20.39 14.60 -11.72
C GLY I 42 19.81 15.41 -10.63
N LYS I 43 18.70 16.03 -10.96
CA LYS I 43 18.00 16.83 -10.02
C LYS I 43 16.54 16.93 -10.40
N PHE I 44 15.71 17.12 -9.37
CA PHE I 44 14.26 17.10 -9.46
C PHE I 44 13.82 18.50 -9.31
N MET I 45 13.18 19.02 -10.33
CA MET I 45 12.88 20.42 -10.36
C MET I 45 11.55 20.72 -11.06
N ARG I 46 11.02 21.90 -10.78
CA ARG I 46 9.93 22.45 -11.57
C ARG I 46 10.53 23.35 -12.62
N ILE I 47 10.20 23.14 -13.90
CA ILE I 47 10.68 24.06 -14.94
C ILE I 47 9.86 25.32 -14.83
N ASP I 48 10.55 26.47 -14.82
CA ASP I 48 9.86 27.77 -14.78
C ASP I 48 9.51 28.31 -16.23
N GLU I 49 8.40 29.07 -16.40
CA GLU I 49 8.06 29.64 -17.73
C GLU I 49 9.23 30.20 -18.57
N GLU I 50 10.21 30.87 -17.96
CA GLU I 50 11.21 31.58 -18.75
C GLU I 50 12.28 30.55 -19.27
N LEU I 51 12.54 29.52 -18.49
CA LEU I 51 13.44 28.44 -18.89
C LEU I 51 12.81 27.56 -19.99
N ALA I 52 11.50 27.37 -19.89
CA ALA I 52 10.72 26.75 -20.95
C ALA I 52 10.85 27.55 -22.25
N HIS I 53 10.67 28.89 -22.18
CA HIS I 53 10.80 29.76 -23.35
C HIS I 53 12.24 29.68 -23.86
N GLU I 54 13.22 29.76 -22.96
CA GLU I 54 14.61 29.55 -23.34
C GLU I 54 14.78 28.23 -24.08
N HIS I 55 14.23 27.16 -23.51
CA HIS I 55 14.48 25.81 -24.00
C HIS I 55 13.67 25.47 -25.25
N TYR I 56 12.57 26.18 -25.46
CA TYR I 56 11.65 25.87 -26.54
C TYR I 56 11.53 27.07 -27.45
N ALA I 57 12.67 27.69 -27.70
CA ALA I 57 12.70 28.98 -28.37
C ALA I 57 12.32 28.77 -29.83
N GLU I 58 12.98 27.83 -30.47
CA GLU I 58 12.64 27.42 -31.82
C GLU I 58 11.12 27.48 -32.09
N HIS I 59 10.29 27.00 -31.17
CA HIS I 59 8.86 26.94 -31.44
C HIS I 59 8.08 28.11 -30.88
N GLU I 60 8.75 29.15 -30.38
CA GLU I 60 8.05 30.34 -29.86
C GLU I 60 7.00 30.80 -30.85
N ASP I 61 5.74 30.60 -30.52
CA ASP I 61 4.63 31.20 -31.25
C ASP I 61 3.99 30.31 -32.32
N LYS I 62 4.47 29.08 -32.40
CA LYS I 62 3.86 28.02 -33.20
C LYS I 62 2.53 27.66 -32.54
N PRO I 63 1.63 26.94 -33.21
CA PRO I 63 0.31 26.73 -32.65
C PRO I 63 0.42 25.93 -31.35
N PHE I 64 1.27 24.90 -31.35
CA PHE I 64 1.31 23.99 -30.20
C PHE I 64 2.02 24.58 -28.98
N PHE I 65 2.69 25.72 -29.19
CA PHE I 65 3.61 26.30 -28.20
C PHE I 65 2.92 26.79 -26.93
N ASP I 66 1.63 27.06 -27.03
CA ASP I 66 0.90 27.51 -25.87
C ASP I 66 0.49 26.32 -24.97
N GLY I 67 0.11 25.21 -25.59
CA GLY I 67 -0.10 23.97 -24.85
C GLY I 67 1.17 23.31 -24.33
N LEU I 68 2.30 23.49 -25.04
CA LEU I 68 3.54 22.76 -24.75
C LEU I 68 4.27 23.36 -23.56
N VAL I 69 4.28 24.67 -23.49
CA VAL I 69 4.81 25.38 -22.34
C VAL I 69 4.04 25.01 -21.06
N SER I 70 2.72 25.09 -21.16
CA SER I 70 1.81 24.73 -20.09
C SER I 70 2.14 23.31 -19.53
N PHE I 71 2.42 22.38 -20.45
CA PHE I 71 2.69 20.95 -20.15
C PHE I 71 3.99 20.75 -19.41
N ILE I 72 5.11 21.20 -19.96
CA ILE I 72 6.41 21.02 -19.31
C ILE I 72 6.51 21.82 -18.03
N THR I 73 5.49 22.64 -17.81
CA THR I 73 5.34 23.52 -16.67
C THR I 73 4.27 23.02 -15.68
N SER I 74 3.50 22.02 -16.10
CA SER I 74 2.36 21.51 -15.34
C SER I 74 2.79 20.72 -14.09
N GLY I 75 3.99 20.19 -14.10
CA GLY I 75 4.51 19.46 -12.96
C GLY I 75 6.02 19.40 -12.93
N PRO I 76 6.61 18.89 -11.84
CA PRO I 76 8.06 18.71 -11.80
C PRO I 76 8.48 17.73 -12.83
N VAL I 77 9.77 17.81 -13.06
CA VAL I 77 10.50 17.13 -14.09
C VAL I 77 11.62 16.44 -13.35
N PHE I 78 12.19 15.36 -13.88
CA PHE I 78 13.46 14.89 -13.35
C PHE I 78 14.59 15.02 -14.38
N ALA I 79 15.37 16.08 -14.21
CA ALA I 79 16.35 16.45 -15.19
C ALA I 79 17.60 15.70 -14.94
N MET I 80 18.23 15.27 -16.01
CA MET I 80 19.42 14.51 -15.88
C MET I 80 20.44 14.87 -16.94
N VAL I 81 21.70 14.59 -16.58
CA VAL I 81 22.79 14.53 -17.51
C VAL I 81 23.37 13.13 -17.41
N TRP I 82 23.52 12.46 -18.57
CA TRP I 82 24.17 11.17 -18.66
C TRP I 82 25.44 11.26 -19.50
N GLU I 83 26.40 10.41 -19.22
CA GLU I 83 27.71 10.44 -19.88
C GLU I 83 28.01 9.01 -20.29
N GLY I 84 28.73 8.83 -21.41
CA GLY I 84 29.11 7.52 -21.91
C GLY I 84 29.33 7.59 -23.40
N ALA I 85 30.01 6.58 -23.93
CA ALA I 85 30.32 6.53 -25.34
C ALA I 85 29.00 6.75 -26.13
N ASP I 86 29.07 7.66 -27.10
CA ASP I 86 27.97 7.94 -27.99
C ASP I 86 26.70 8.26 -27.22
N ALA I 87 26.85 8.72 -26.00
CA ALA I 87 25.68 8.88 -25.12
C ALA I 87 24.52 9.49 -25.88
N THR I 88 24.80 10.53 -26.64
CA THR I 88 23.73 11.33 -27.18
C THR I 88 22.88 10.50 -28.10
N ARG I 89 23.54 9.84 -29.04
CA ARG I 89 22.85 8.99 -29.98
C ARG I 89 22.22 7.79 -29.24
N GLN I 90 22.87 7.28 -28.19
CA GLN I 90 22.34 6.03 -27.58
C GLN I 90 21.08 6.32 -26.87
N VAL I 91 21.05 7.41 -26.11
CA VAL I 91 19.87 7.76 -25.34
C VAL I 91 18.72 7.98 -26.30
N ARG I 92 19.04 8.53 -27.46
CA ARG I 92 18.02 8.77 -28.50
C ARG I 92 17.32 7.51 -29.00
N GLN I 93 18.12 6.52 -29.33
CA GLN I 93 17.61 5.25 -29.82
C GLN I 93 16.63 4.65 -28.81
N LEU I 94 17.11 4.52 -27.55
CA LEU I 94 16.36 4.03 -26.38
C LEU I 94 15.03 4.67 -26.22
N MET I 95 14.98 5.97 -26.48
CA MET I 95 13.76 6.72 -26.29
C MET I 95 12.82 6.24 -27.37
N GLY I 96 13.28 6.23 -28.62
CA GLY I 96 12.47 5.83 -29.77
C GLY I 96 11.85 7.03 -30.47
N ALA I 97 11.11 6.80 -31.55
CA ALA I 97 10.40 7.89 -32.28
C ALA I 97 9.85 8.98 -31.35
N THR I 98 9.99 10.26 -31.67
CA THR I 98 9.45 11.31 -30.76
C THR I 98 7.93 11.31 -30.61
N ASP I 99 7.21 10.80 -31.61
CA ASP I 99 5.81 10.45 -31.39
C ASP I 99 5.76 9.05 -30.85
N ALA I 100 5.34 8.89 -29.60
CA ALA I 100 5.35 7.58 -28.95
C ALA I 100 4.59 6.50 -29.72
N GLN I 101 3.48 6.92 -30.35
CA GLN I 101 2.65 6.03 -31.14
C GLN I 101 3.37 5.32 -32.31
N ASP I 102 4.48 5.93 -32.80
CA ASP I 102 5.42 5.35 -33.80
C ASP I 102 6.63 4.62 -33.24
N ALA I 103 7.01 5.00 -32.02
CA ALA I 103 8.16 4.43 -31.36
C ALA I 103 8.00 2.96 -31.27
N ALA I 104 9.10 2.25 -31.50
CA ALA I 104 9.07 0.82 -31.54
C ALA I 104 9.07 0.25 -30.09
N PRO I 105 8.48 -0.94 -29.96
CA PRO I 105 8.46 -1.65 -28.69
C PRO I 105 9.86 -2.00 -28.33
N GLY I 106 10.17 -1.97 -27.05
CA GLY I 106 11.55 -2.02 -26.60
C GLY I 106 12.17 -0.69 -26.31
N THR I 107 11.62 0.38 -26.88
CA THR I 107 12.06 1.72 -26.50
C THR I 107 11.18 2.27 -25.40
N ILE I 108 11.69 3.24 -24.65
CA ILE I 108 10.95 3.91 -23.63
C ILE I 108 9.62 4.33 -24.16
N ARG I 109 9.61 5.04 -25.28
CA ARG I 109 8.39 5.66 -25.78
C ARG I 109 7.45 4.63 -26.33
N GLY I 110 7.98 3.63 -27.02
CA GLY I 110 7.17 2.54 -27.49
C GLY I 110 6.56 1.74 -26.37
N ASP I 111 7.24 1.61 -25.24
CA ASP I 111 6.76 0.75 -24.17
C ASP I 111 5.77 1.50 -23.26
N TYR I 112 5.90 2.83 -23.20
CA TYR I 112 5.22 3.59 -22.16
C TYR I 112 4.21 4.64 -22.63
N GLY I 113 4.37 5.11 -23.85
CA GLY I 113 3.73 6.33 -24.27
C GLY I 113 2.72 6.03 -25.34
N ASN I 114 1.69 6.86 -25.41
CA ASN I 114 0.70 6.78 -26.45
C ASN I 114 0.29 8.15 -26.95
N ASP I 115 1.22 9.08 -27.05
CA ASP I 115 0.88 10.50 -27.30
C ASP I 115 2.10 11.20 -27.87
N LEU I 116 1.87 12.25 -28.68
CA LEU I 116 2.97 13.09 -29.19
C LEU I 116 3.34 14.11 -28.16
N GLY I 117 2.36 14.75 -27.55
CA GLY I 117 2.68 15.76 -26.55
C GLY I 117 3.31 15.09 -25.32
N HIS I 118 2.53 14.21 -24.71
CA HIS I 118 2.89 13.47 -23.46
C HIS I 118 3.66 12.24 -23.82
N ASN I 119 4.92 12.45 -24.12
CA ASN I 119 5.83 11.40 -24.66
C ASN I 119 7.01 11.16 -23.73
N LEU I 120 6.80 11.46 -22.45
CA LEU I 120 7.54 10.85 -21.36
C LEU I 120 8.89 11.45 -21.04
N ILE I 121 9.69 11.67 -22.06
CA ILE I 121 11.11 11.91 -21.86
C ILE I 121 11.60 12.83 -23.00
N HIS I 122 12.64 13.59 -22.74
CA HIS I 122 13.35 14.32 -23.75
C HIS I 122 14.79 13.90 -23.61
N GLY I 123 15.49 13.81 -24.74
CA GLY I 123 16.93 13.70 -24.72
C GLY I 123 17.47 14.54 -25.86
N SER I 124 18.73 14.91 -25.76
CA SER I 124 19.32 15.80 -26.73
C SER I 124 19.37 15.14 -28.07
N ASP I 125 19.18 15.96 -29.10
CA ASP I 125 19.13 15.50 -30.47
C ASP I 125 20.54 15.46 -30.95
N HIS I 126 21.07 14.29 -31.25
CA HIS I 126 22.49 14.20 -31.64
C HIS I 126 22.81 14.72 -33.04
N GLU I 127 21.81 15.20 -33.77
CA GLU I 127 22.05 15.75 -35.11
C GLU I 127 22.08 17.29 -35.12
N ASP I 128 21.51 17.92 -34.10
CA ASP I 128 21.56 19.34 -33.92
C ASP I 128 22.85 19.64 -33.19
N GLU I 129 23.91 19.78 -33.97
CA GLU I 129 25.26 19.75 -33.42
C GLU I 129 25.34 20.78 -32.31
N GLY I 130 25.87 20.37 -31.16
CA GLY I 130 26.01 21.27 -30.04
C GLY I 130 24.78 21.33 -29.15
N ALA I 131 23.70 20.63 -29.54
CA ALA I 131 22.45 20.64 -28.76
C ALA I 131 22.63 20.03 -27.38
N ASN I 132 23.45 19.00 -27.29
CA ASN I 132 23.68 18.35 -26.04
C ASN I 132 24.32 19.28 -25.02
N GLU I 133 25.50 19.85 -25.30
CA GLU I 133 26.15 20.73 -24.33
C GLU I 133 25.33 22.02 -24.04
N ARG I 134 24.54 22.50 -24.99
CA ARG I 134 23.66 23.65 -24.69
C ARG I 134 22.61 23.30 -23.65
N GLU I 135 21.93 22.18 -23.87
CA GLU I 135 20.85 21.78 -23.02
C GLU I 135 21.39 21.57 -21.58
N ILE I 136 22.47 20.82 -21.47
CA ILE I 136 23.19 20.67 -20.20
C ILE I 136 23.59 22.03 -19.55
N ALA I 137 24.15 22.98 -20.33
CA ALA I 137 24.56 24.25 -19.76
C ALA I 137 23.36 25.10 -19.30
N LEU I 138 22.25 24.97 -19.99
CA LEU I 138 21.03 25.71 -19.67
C LEU I 138 20.25 25.24 -18.44
N PHE I 139 20.29 23.94 -18.15
CA PHE I 139 19.43 23.30 -17.12
C PHE I 139 20.18 22.93 -15.88
N PHE I 140 21.49 23.21 -15.92
CA PHE I 140 22.46 22.69 -14.98
C PHE I 140 23.61 23.68 -14.82
N ASP I 141 24.20 23.76 -13.62
CA ASP I 141 25.54 24.38 -13.44
C ASP I 141 26.57 23.28 -13.16
N ASP I 142 27.86 23.59 -13.28
CA ASP I 142 28.91 22.58 -13.09
C ASP I 142 29.01 22.07 -11.68
N ASP I 143 28.42 22.92 -10.83
CA ASP I 143 28.26 22.74 -9.40
C ASP I 143 27.45 21.46 -9.16
N GLU I 144 26.44 21.25 -10.03
CA GLU I 144 25.52 20.12 -9.92
C GLU I 144 25.91 18.96 -10.81
N LEU I 145 27.16 18.96 -11.28
CA LEU I 145 27.67 17.91 -12.15
C LEU I 145 28.84 17.22 -11.51
N VAL I 146 28.73 15.91 -11.43
CA VAL I 146 29.75 15.14 -10.78
C VAL I 146 30.69 14.48 -11.75
N ASP I 147 31.95 14.51 -11.37
CA ASP I 147 32.99 13.87 -12.10
C ASP I 147 33.35 12.66 -11.30
N TRP I 148 33.13 11.47 -11.86
CA TRP I 148 33.51 10.24 -11.16
C TRP I 148 33.93 9.08 -12.05
N ASP I 149 34.47 8.04 -11.44
CA ASP I 149 34.74 6.77 -12.12
C ASP I 149 33.75 5.67 -11.68
N ARG I 150 32.81 5.34 -12.56
CA ARG I 150 31.87 4.25 -12.37
C ARG I 150 32.72 3.09 -12.76
N ASP I 151 33.17 2.32 -11.76
CA ASP I 151 34.12 1.18 -11.90
C ASP I 151 33.73 0.08 -12.91
N ALA I 152 32.45 -0.18 -12.99
CA ALA I 152 31.91 -1.09 -13.98
C ALA I 152 32.16 -0.63 -15.44
N SER I 153 32.57 0.61 -15.66
CA SER I 153 32.92 1.11 -17.01
C SER I 153 33.98 0.31 -17.66
N ALA I 154 34.92 -0.19 -16.85
CA ALA I 154 35.96 -1.05 -17.35
C ALA I 154 35.39 -2.40 -17.82
N TRP I 155 34.10 -2.66 -17.65
CA TRP I 155 33.46 -3.83 -18.32
C TRP I 155 32.48 -3.46 -19.41
N VAL I 156 31.95 -2.24 -19.36
CA VAL I 156 31.11 -1.77 -20.43
C VAL I 156 31.91 -1.43 -21.71
N TYR I 157 33.21 -1.20 -21.59
CA TYR I 157 34.05 -0.61 -22.67
C TYR I 157 35.51 -1.11 -22.68
N GLU I 158 36.04 -1.44 -23.85
CA GLU I 158 37.49 -1.59 -23.97
C GLU I 158 38.00 -0.30 -24.59
#